data_7Z0B
#
_entry.id   7Z0B
#
_entity_poly.entity_id   1
_entity_poly.type   'polypeptide(L)'
_entity_poly.pdbx_seq_one_letter_code
;KKKLGFFLVTFLFIWLMMLLHFTIQQRKK
;
_entity_poly.pdbx_strand_id   A
#
# COMPACT_ATOMS: atom_id res chain seq x y z
N LYS A 1 -4.92 -7.46 -20.36
CA LYS A 1 -3.76 -7.71 -19.47
C LYS A 1 -3.04 -6.40 -19.16
N LYS A 2 -3.06 -5.47 -20.11
CA LYS A 2 -2.41 -4.17 -19.92
C LYS A 2 -3.15 -3.33 -18.88
N LYS A 3 -4.47 -3.23 -19.04
CA LYS A 3 -5.29 -2.46 -18.11
C LYS A 3 -5.23 -3.06 -16.70
N LEU A 4 -5.24 -4.40 -16.64
CA LEU A 4 -5.18 -5.09 -15.36
C LEU A 4 -3.83 -4.86 -14.68
N GLY A 5 -2.78 -4.76 -15.50
CA GLY A 5 -1.45 -4.53 -14.95
C GLY A 5 -1.35 -3.24 -14.17
N PHE A 6 -2.29 -2.33 -14.43
CA PHE A 6 -2.31 -1.05 -13.73
C PHE A 6 -3.01 -1.18 -12.39
N PHE A 7 -4.16 -1.87 -12.39
CA PHE A 7 -4.92 -2.06 -11.16
C PHE A 7 -4.15 -2.93 -10.18
N LEU A 8 -3.20 -3.70 -10.69
CA LEU A 8 -2.38 -4.58 -9.86
C LEU A 8 -1.27 -3.79 -9.17
N VAL A 9 -0.53 -3.02 -9.95
CA VAL A 9 0.57 -2.22 -9.40
C VAL A 9 0.03 -1.19 -8.40
N THR A 10 -1.12 -0.61 -8.72
CA THR A 10 -1.74 0.38 -7.84
C THR A 10 -2.11 -0.25 -6.51
N PHE A 11 -2.47 -1.53 -6.56
CA PHE A 11 -2.85 -2.26 -5.36
C PHE A 11 -1.63 -2.48 -4.46
N LEU A 12 -0.46 -2.57 -5.07
CA LEU A 12 0.78 -2.76 -4.34
C LEU A 12 1.23 -1.45 -3.72
N PHE A 13 0.70 -0.35 -4.24
CA PHE A 13 1.03 0.98 -3.75
C PHE A 13 0.18 1.33 -2.53
N ILE A 14 -1.12 1.06 -2.64
CA ILE A 14 -2.05 1.34 -1.56
C ILE A 14 -1.82 0.39 -0.39
N TRP A 15 -1.42 -0.84 -0.70
CA TRP A 15 -1.16 -1.84 0.33
C TRP A 15 0.04 -1.44 1.19
N LEU A 16 1.12 -1.02 0.54
CA LEU A 16 2.32 -0.60 1.24
C LEU A 16 2.06 0.62 2.11
N MET A 17 1.05 1.40 1.74
CA MET A 17 0.69 2.59 2.49
C MET A 17 0.19 2.21 3.88
N MET A 18 -0.41 1.03 3.97
CA MET A 18 -0.93 0.52 5.23
C MET A 18 0.20 -0.13 6.03
N LEU A 19 1.25 -0.54 5.32
CA LEU A 19 2.41 -1.17 5.95
C LEU A 19 3.06 -0.19 6.91
N LEU A 20 3.25 1.06 6.44
CA LEU A 20 3.84 2.09 7.27
C LEU A 20 2.97 2.37 8.48
N HIS A 21 1.66 2.22 8.29
CA HIS A 21 0.70 2.45 9.37
C HIS A 21 0.79 1.31 10.38
N PHE A 22 1.19 0.13 9.89
CA PHE A 22 1.33 -1.04 10.75
C PHE A 22 2.45 -0.84 11.76
N THR A 23 3.57 -0.31 11.29
CA THR A 23 4.72 -0.06 12.16
C THR A 23 4.39 1.01 13.20
N ILE A 24 3.59 1.99 12.80
CA ILE A 24 3.19 3.06 13.69
C ILE A 24 2.21 2.54 14.74
N GLN A 25 1.43 1.53 14.36
CA GLN A 25 0.45 0.92 15.26
C GLN A 25 1.13 0.12 16.36
N GLN A 26 2.06 -0.75 15.97
CA GLN A 26 2.77 -1.59 16.93
C GLN A 26 3.55 -0.74 17.92
N ARG A 27 4.06 0.40 17.45
CA ARG A 27 4.83 1.30 18.29
C ARG A 27 3.97 1.90 19.40
N LYS A 28 2.66 1.98 19.16
CA LYS A 28 1.73 2.53 20.13
C LYS A 28 1.38 1.49 21.19
N LYS A 29 1.32 0.23 20.76
CA LYS A 29 0.99 -0.86 21.67
C LYS A 29 1.21 -2.22 20.99
N LYS A 1 -0.19 -10.24 -18.91
CA LYS A 1 0.37 -10.15 -17.54
C LYS A 1 1.49 -9.11 -17.48
N LYS A 2 2.03 -8.76 -18.65
CA LYS A 2 3.11 -7.79 -18.73
C LYS A 2 2.58 -6.36 -18.74
N LYS A 3 1.50 -6.14 -19.48
CA LYS A 3 0.88 -4.82 -19.58
C LYS A 3 0.18 -4.46 -18.28
N LEU A 4 -0.56 -5.41 -17.73
CA LEU A 4 -1.28 -5.19 -16.48
C LEU A 4 -0.31 -4.97 -15.32
N GLY A 5 0.95 -5.31 -15.54
CA GLY A 5 1.96 -5.13 -14.50
C GLY A 5 2.10 -3.69 -14.06
N PHE A 6 1.55 -2.78 -14.84
CA PHE A 6 1.62 -1.36 -14.53
C PHE A 6 0.50 -0.98 -13.55
N PHE A 7 -0.69 -1.51 -13.80
CA PHE A 7 -1.85 -1.22 -12.94
C PHE A 7 -1.71 -1.92 -11.59
N LEU A 8 -0.92 -2.99 -11.56
CA LEU A 8 -0.69 -3.74 -10.33
C LEU A 8 0.15 -2.93 -9.35
N VAL A 9 1.07 -2.15 -9.88
CA VAL A 9 1.94 -1.31 -9.06
C VAL A 9 1.12 -0.35 -8.20
N THR A 10 0.03 0.16 -8.78
CA THR A 10 -0.84 1.08 -8.06
C THR A 10 -1.55 0.38 -6.91
N PHE A 11 -1.77 -0.92 -7.06
CA PHE A 11 -2.44 -1.69 -6.03
C PHE A 11 -1.48 -2.03 -4.89
N LEU A 12 -0.25 -2.38 -5.23
CA LEU A 12 0.75 -2.71 -4.24
C LEU A 12 1.13 -1.46 -3.44
N PHE A 13 0.89 -0.30 -4.03
CA PHE A 13 1.21 0.98 -3.39
C PHE A 13 0.23 1.23 -2.24
N ILE A 14 -1.05 1.05 -2.50
CA ILE A 14 -2.07 1.27 -1.49
C ILE A 14 -1.88 0.31 -0.32
N TRP A 15 -1.52 -0.93 -0.63
CA TRP A 15 -1.28 -1.95 0.40
C TRP A 15 -0.04 -1.60 1.22
N LEU A 16 0.99 -1.12 0.53
CA LEU A 16 2.23 -0.75 1.19
C LEU A 16 2.02 0.46 2.09
N MET A 17 1.04 1.30 1.72
CA MET A 17 0.73 2.49 2.50
C MET A 17 0.30 2.11 3.92
N MET A 18 -0.50 1.05 4.03
CA MET A 18 -0.96 0.57 5.32
C MET A 18 0.20 -0.03 6.10
N LEU A 19 1.18 -0.53 5.35
CA LEU A 19 2.36 -1.13 5.97
C LEU A 19 3.19 -0.04 6.64
N LEU A 20 3.15 1.16 6.06
CA LEU A 20 3.88 2.31 6.60
C LEU A 20 3.34 2.67 7.98
N HIS A 21 2.01 2.70 8.10
CA HIS A 21 1.38 3.02 9.37
C HIS A 21 1.83 2.05 10.45
N PHE A 22 1.85 0.77 10.11
CA PHE A 22 2.27 -0.27 11.04
C PHE A 22 3.75 -0.11 11.36
N THR A 23 4.50 0.42 10.40
CA THR A 23 5.94 0.64 10.58
C THR A 23 6.19 1.74 11.60
N ILE A 24 5.25 2.68 11.68
CA ILE A 24 5.35 3.79 12.62
C ILE A 24 5.26 3.28 14.06
N GLN A 25 4.33 2.36 14.29
CA GLN A 25 4.14 1.78 15.62
C GLN A 25 5.34 0.95 16.03
N GLN A 26 5.79 0.08 15.14
CA GLN A 26 6.93 -0.78 15.41
C GLN A 26 8.22 0.03 15.50
N ARG A 27 8.21 1.22 14.88
CA ARG A 27 9.37 2.10 14.89
C ARG A 27 9.72 2.52 16.32
N LYS A 28 8.69 2.66 17.15
CA LYS A 28 8.88 3.05 18.55
C LYS A 28 9.44 1.89 19.36
N LYS A 29 9.65 0.75 18.72
CA LYS A 29 10.18 -0.44 19.39
C LYS A 29 9.28 -0.85 20.54
N LYS A 1 -1.02 2.48 -23.76
CA LYS A 1 -1.90 1.54 -23.00
C LYS A 1 -1.20 1.06 -21.73
N LYS A 2 -0.14 1.76 -21.34
CA LYS A 2 0.62 1.41 -20.15
C LYS A 2 -0.09 1.90 -18.90
N LYS A 3 -1.17 2.66 -19.09
CA LYS A 3 -1.93 3.20 -17.97
C LYS A 3 -2.86 2.13 -17.38
N LEU A 4 -3.21 1.14 -18.20
CA LEU A 4 -4.09 0.06 -17.76
C LEU A 4 -3.37 -0.83 -16.75
N GLY A 5 -2.19 -1.29 -17.11
CA GLY A 5 -1.41 -2.15 -16.23
C GLY A 5 -1.06 -1.46 -14.92
N PHE A 6 -1.24 -0.15 -14.88
CA PHE A 6 -0.95 0.62 -13.68
C PHE A 6 -1.87 0.22 -12.53
N PHE A 7 -3.05 -0.27 -12.88
CA PHE A 7 -4.02 -0.70 -11.87
C PHE A 7 -3.47 -1.83 -11.01
N LEU A 8 -2.46 -2.52 -11.53
CA LEU A 8 -1.84 -3.62 -10.81
C LEU A 8 -0.78 -3.11 -9.83
N VAL A 9 0.04 -2.18 -10.28
CA VAL A 9 1.10 -1.61 -9.45
C VAL A 9 0.49 -0.76 -8.33
N THR A 10 -0.55 -0.01 -8.66
CA THR A 10 -1.21 0.85 -7.67
C THR A 10 -1.75 0.02 -6.52
N PHE A 11 -1.97 -1.28 -6.76
CA PHE A 11 -2.48 -2.17 -5.73
C PHE A 11 -1.40 -2.45 -4.69
N LEU A 12 -0.14 -2.43 -5.13
CA LEU A 12 0.98 -2.66 -4.24
C LEU A 12 1.32 -1.37 -3.49
N PHE A 13 0.89 -0.24 -4.04
CA PHE A 13 1.14 1.06 -3.43
C PHE A 13 0.17 1.32 -2.30
N ILE A 14 -1.10 0.99 -2.53
CA ILE A 14 -2.14 1.19 -1.53
C ILE A 14 -1.92 0.29 -0.32
N TRP A 15 -1.55 -0.96 -0.58
CA TRP A 15 -1.30 -1.92 0.49
C TRP A 15 -0.04 -1.55 1.26
N LEU A 16 0.94 -1.00 0.55
CA LEU A 16 2.20 -0.60 1.16
C LEU A 16 1.99 0.62 2.07
N MET A 17 0.98 1.41 1.76
CA MET A 17 0.68 2.60 2.54
C MET A 17 0.25 2.22 3.95
N MET A 18 -0.54 1.16 4.06
CA MET A 18 -1.02 0.70 5.35
C MET A 18 0.10 0.00 6.11
N LEU A 19 1.06 -0.54 5.36
CA LEU A 19 2.20 -1.23 5.95
C LEU A 19 3.15 -0.22 6.59
N LEU A 20 3.33 0.92 5.91
CA LEU A 20 4.21 1.97 6.41
C LEU A 20 3.59 2.67 7.61
N HIS A 21 2.31 3.01 7.50
CA HIS A 21 1.59 3.68 8.58
C HIS A 21 1.48 2.76 9.80
N PHE A 22 1.63 1.46 9.58
CA PHE A 22 1.54 0.48 10.65
C PHE A 22 2.62 0.71 11.71
N THR A 23 3.86 0.93 11.25
CA THR A 23 4.98 1.15 12.17
C THR A 23 5.04 2.60 12.66
N ILE A 24 4.50 3.52 11.88
CA ILE A 24 4.50 4.92 12.24
C ILE A 24 3.45 5.23 13.30
N GLN A 25 2.26 4.64 13.13
CA GLN A 25 1.17 4.84 14.08
C GLN A 25 1.45 4.14 15.40
N GLN A 26 1.87 2.88 15.32
CA GLN A 26 2.17 2.10 16.52
C GLN A 26 3.27 2.77 17.33
N ARG A 27 4.12 3.52 16.64
CA ARG A 27 5.23 4.21 17.29
C ARG A 27 4.75 5.45 18.05
N LYS A 28 3.65 6.03 17.58
CA LYS A 28 3.08 7.21 18.23
C LYS A 28 2.35 6.85 19.51
N LYS A 29 1.78 5.64 19.54
CA LYS A 29 1.04 5.16 20.71
C LYS A 29 -0.13 6.09 21.03
N LYS A 1 -4.18 -5.48 -19.47
CA LYS A 1 -4.12 -4.49 -20.58
C LYS A 1 -3.02 -3.46 -20.33
N LYS A 2 -2.98 -2.43 -21.17
CA LYS A 2 -1.98 -1.38 -21.06
C LYS A 2 -2.21 -0.54 -19.80
N LYS A 3 -3.41 0.03 -19.69
CA LYS A 3 -3.74 0.87 -18.53
C LYS A 3 -3.82 0.04 -17.25
N LEU A 4 -3.95 -1.28 -17.40
CA LEU A 4 -4.03 -2.17 -16.26
C LEU A 4 -2.65 -2.36 -15.63
N GLY A 5 -1.62 -2.06 -16.39
CA GLY A 5 -0.26 -2.20 -15.90
C GLY A 5 0.08 -1.15 -14.87
N PHE A 6 -0.70 -0.07 -14.84
CA PHE A 6 -0.47 1.00 -13.88
C PHE A 6 -1.31 0.78 -12.62
N PHE A 7 -2.56 0.38 -12.81
CA PHE A 7 -3.44 0.11 -11.67
C PHE A 7 -2.94 -1.08 -10.87
N LEU A 8 -2.21 -1.97 -11.54
CA LEU A 8 -1.66 -3.15 -10.89
C LEU A 8 -0.58 -2.76 -9.90
N VAL A 9 0.35 -1.93 -10.35
CA VAL A 9 1.45 -1.47 -9.50
C VAL A 9 0.93 -0.55 -8.41
N THR A 10 0.00 0.33 -8.79
CA THR A 10 -0.59 1.27 -7.85
C THR A 10 -1.32 0.53 -6.73
N PHE A 11 -1.89 -0.62 -7.07
CA PHE A 11 -2.61 -1.43 -6.09
C PHE A 11 -1.67 -1.91 -5.00
N LEU A 12 -0.47 -2.36 -5.40
CA LEU A 12 0.52 -2.83 -4.45
C LEU A 12 1.05 -1.67 -3.61
N PHE A 13 0.93 -0.45 -4.16
CA PHE A 13 1.37 0.74 -3.47
C PHE A 13 0.42 1.09 -2.33
N ILE A 14 -0.88 0.99 -2.63
CA ILE A 14 -1.91 1.28 -1.63
C ILE A 14 -1.77 0.33 -0.44
N TRP A 15 -1.39 -0.91 -0.72
CA TRP A 15 -1.19 -1.91 0.32
C TRP A 15 -0.01 -1.54 1.20
N LEU A 16 1.00 -0.92 0.60
CA LEU A 16 2.20 -0.52 1.33
C LEU A 16 1.90 0.66 2.25
N MET A 17 0.89 1.45 1.88
CA MET A 17 0.49 2.60 2.70
C MET A 17 0.10 2.15 4.09
N MET A 18 -0.52 0.97 4.17
CA MET A 18 -0.95 0.42 5.45
C MET A 18 0.26 -0.14 6.20
N LEU A 19 1.26 -0.58 5.44
CA LEU A 19 2.47 -1.14 6.04
C LEU A 19 3.28 -0.02 6.68
N LEU A 20 3.19 1.17 6.10
CA LEU A 20 3.91 2.33 6.61
C LEU A 20 3.36 2.75 7.97
N HIS A 21 2.05 2.57 8.15
CA HIS A 21 1.40 2.92 9.41
C HIS A 21 1.58 1.83 10.46
N PHE A 22 1.66 0.58 9.99
CA PHE A 22 1.84 -0.55 10.88
C PHE A 22 3.10 -0.40 11.74
N THR A 23 4.19 0.02 11.11
CA THR A 23 5.45 0.21 11.83
C THR A 23 5.34 1.37 12.83
N ILE A 24 4.41 2.27 12.55
CA ILE A 24 4.20 3.43 13.42
C ILE A 24 3.44 3.03 14.68
N GLN A 25 2.42 2.20 14.51
CA GLN A 25 1.61 1.74 15.63
C GLN A 25 2.44 0.87 16.57
N GLN A 26 3.30 0.03 15.97
CA GLN A 26 4.16 -0.86 16.73
C GLN A 26 5.10 -0.06 17.63
N ARG A 27 5.48 1.13 17.17
CA ARG A 27 6.38 1.99 17.93
C ARG A 27 5.68 2.60 19.13
N LYS A 28 4.35 2.56 19.11
CA LYS A 28 3.55 3.13 20.21
C LYS A 28 3.06 2.02 21.14
N LYS A 29 3.36 0.78 20.79
CA LYS A 29 2.94 -0.37 21.59
C LYS A 29 1.43 -0.41 21.74
N LYS A 1 -4.60 -8.22 -20.72
CA LYS A 1 -3.87 -7.84 -19.48
C LYS A 1 -3.03 -6.59 -19.71
N LYS A 2 -3.55 -5.67 -20.50
CA LYS A 2 -2.84 -4.42 -20.80
C LYS A 2 -2.90 -3.46 -19.62
N LYS A 3 -4.12 -3.09 -19.22
CA LYS A 3 -4.32 -2.18 -18.11
C LYS A 3 -4.22 -2.92 -16.77
N LEU A 4 -4.24 -4.24 -16.83
CA LEU A 4 -4.14 -5.07 -15.63
C LEU A 4 -2.76 -4.95 -14.99
N GLY A 5 -1.74 -4.74 -15.82
CA GLY A 5 -0.39 -4.60 -15.33
C GLY A 5 -0.17 -3.29 -14.59
N PHE A 6 -1.07 -2.34 -14.82
CA PHE A 6 -0.98 -1.03 -14.17
C PHE A 6 -1.76 -1.02 -12.86
N PHE A 7 -2.94 -1.64 -12.86
CA PHE A 7 -3.76 -1.71 -11.66
C PHE A 7 -3.07 -2.51 -10.57
N LEU A 8 -2.14 -3.37 -10.96
CA LEU A 8 -1.40 -4.19 -10.02
C LEU A 8 -0.37 -3.35 -9.26
N VAL A 9 0.25 -2.41 -9.97
CA VAL A 9 1.26 -1.54 -9.36
C VAL A 9 0.62 -0.60 -8.34
N THR A 10 -0.56 -0.09 -8.68
CA THR A 10 -1.27 0.82 -7.78
C THR A 10 -1.73 0.09 -6.53
N PHE A 11 -2.22 -1.13 -6.72
CA PHE A 11 -2.68 -1.94 -5.61
C PHE A 11 -1.54 -2.25 -4.65
N LEU A 12 -0.33 -2.31 -5.19
CA LEU A 12 0.86 -2.60 -4.40
C LEU A 12 1.25 -1.36 -3.59
N PHE A 13 0.89 -0.20 -4.10
CA PHE A 13 1.19 1.06 -3.43
C PHE A 13 0.22 1.31 -2.29
N ILE A 14 -1.05 0.97 -2.53
CA ILE A 14 -2.09 1.15 -1.52
C ILE A 14 -1.83 0.25 -0.31
N TRP A 15 -1.54 -1.02 -0.57
CA TRP A 15 -1.27 -1.98 0.49
C TRP A 15 -0.05 -1.56 1.30
N LEU A 16 1.02 -1.16 0.61
CA LEU A 16 2.24 -0.73 1.25
C LEU A 16 2.00 0.49 2.13
N MET A 17 1.06 1.34 1.71
CA MET A 17 0.73 2.55 2.46
C MET A 17 0.24 2.19 3.86
N MET A 18 -0.48 1.07 3.96
CA MET A 18 -1.00 0.61 5.23
C MET A 18 0.11 0.01 6.08
N LEU A 19 1.12 -0.54 5.41
CA LEU A 19 2.26 -1.15 6.09
C LEU A 19 3.13 -0.07 6.72
N LEU A 20 3.26 1.05 6.03
CA LEU A 20 4.06 2.17 6.52
C LEU A 20 3.37 2.87 7.67
N HIS A 21 2.08 3.17 7.50
CA HIS A 21 1.30 3.83 8.55
C HIS A 21 1.23 2.95 9.79
N PHE A 22 1.39 1.65 9.58
CA PHE A 22 1.36 0.69 10.68
C PHE A 22 2.35 1.09 11.77
N THR A 23 3.56 1.45 11.37
CA THR A 23 4.60 1.85 12.30
C THR A 23 4.27 3.20 12.94
N ILE A 24 3.49 4.00 12.21
CA ILE A 24 3.09 5.32 12.69
C ILE A 24 2.03 5.21 13.77
N GLN A 25 1.12 4.24 13.61
CA GLN A 25 0.04 4.02 14.58
C GLN A 25 0.59 3.44 15.87
N GLN A 26 1.46 2.45 15.75
CA GLN A 26 2.05 1.80 16.91
C GLN A 26 2.88 2.79 17.72
N ARG A 27 3.54 3.70 17.01
CA ARG A 27 4.36 4.72 17.65
C ARG A 27 3.52 5.90 18.12
N LYS A 28 2.25 5.91 17.70
CA LYS A 28 1.33 6.97 18.08
C LYS A 28 0.84 6.80 19.52
N LYS A 29 0.61 5.55 19.91
CA LYS A 29 0.15 5.24 21.25
C LYS A 29 -1.19 5.91 21.54
N LYS A 1 -5.27 -1.27 -23.35
CA LYS A 1 -5.68 -0.59 -22.09
C LYS A 1 -4.52 -0.50 -21.10
N LYS A 2 -3.92 0.68 -21.01
CA LYS A 2 -2.78 0.89 -20.11
C LYS A 2 -3.27 1.14 -18.69
N LYS A 3 -4.58 1.38 -18.56
CA LYS A 3 -5.18 1.63 -17.25
C LYS A 3 -5.41 0.32 -16.50
N LEU A 4 -5.75 -0.73 -17.24
CA LEU A 4 -6.00 -2.04 -16.65
C LEU A 4 -4.77 -2.55 -15.91
N GLY A 5 -3.59 -2.19 -16.40
CA GLY A 5 -2.36 -2.63 -15.78
C GLY A 5 -1.95 -1.72 -14.63
N PHE A 6 -2.53 -0.52 -14.59
CA PHE A 6 -2.23 0.45 -13.55
C PHE A 6 -2.94 0.07 -12.24
N PHE A 7 -4.09 -0.58 -12.37
CA PHE A 7 -4.85 -0.99 -11.20
C PHE A 7 -4.07 -2.00 -10.35
N LEU A 8 -3.16 -2.73 -11.00
CA LEU A 8 -2.35 -3.72 -10.30
C LEU A 8 -1.22 -3.06 -9.54
N VAL A 9 -0.51 -2.16 -10.21
CA VAL A 9 0.61 -1.45 -9.59
C VAL A 9 0.12 -0.58 -8.43
N THR A 10 -0.98 0.13 -8.65
CA THR A 10 -1.54 0.99 -7.62
C THR A 10 -2.02 0.17 -6.43
N PHE A 11 -2.28 -1.10 -6.67
CA PHE A 11 -2.73 -1.99 -5.60
C PHE A 11 -1.57 -2.36 -4.69
N LEU A 12 -0.36 -2.30 -5.25
CA LEU A 12 0.85 -2.61 -4.50
C LEU A 12 1.30 -1.40 -3.70
N PHE A 13 0.93 -0.22 -4.17
CA PHE A 13 1.29 1.02 -3.50
C PHE A 13 0.34 1.31 -2.34
N ILE A 14 -0.95 1.10 -2.57
CA ILE A 14 -1.96 1.33 -1.55
C ILE A 14 -1.85 0.29 -0.43
N TRP A 15 -1.51 -0.94 -0.80
CA TRP A 15 -1.37 -2.02 0.17
C TRP A 15 -0.22 -1.74 1.13
N LEU A 16 0.85 -1.16 0.60
CA LEU A 16 2.03 -0.86 1.41
C LEU A 16 1.81 0.40 2.26
N MET A 17 0.90 1.26 1.82
CA MET A 17 0.60 2.49 2.56
C MET A 17 0.15 2.16 3.98
N MET A 18 -0.48 0.99 4.13
CA MET A 18 -0.95 0.55 5.44
C MET A 18 0.21 0.01 6.28
N LEU A 19 1.22 -0.52 5.60
CA LEU A 19 2.40 -1.06 6.28
C LEU A 19 3.29 0.07 6.77
N LEU A 20 3.34 1.16 5.98
CA LEU A 20 4.15 2.32 6.34
C LEU A 20 3.45 3.12 7.43
N HIS A 21 2.13 3.21 7.34
CA HIS A 21 1.33 3.93 8.32
C HIS A 21 1.61 3.41 9.72
N PHE A 22 2.00 2.13 9.79
CA PHE A 22 2.31 1.50 11.06
C PHE A 22 3.47 2.19 11.76
N THR A 23 4.51 2.49 10.99
CA THR A 23 5.70 3.16 11.52
C THR A 23 5.35 4.51 12.13
N ILE A 24 4.36 5.18 11.55
CA ILE A 24 3.93 6.48 12.03
C ILE A 24 3.32 6.37 13.43
N GLN A 25 2.56 5.31 13.65
CA GLN A 25 1.91 5.08 14.94
C GLN A 25 2.95 4.88 16.04
N GLN A 26 3.99 4.12 15.74
CA GLN A 26 5.05 3.84 16.70
C GLN A 26 5.77 5.13 17.11
N ARG A 27 5.82 6.08 16.18
CA ARG A 27 6.49 7.36 16.43
C ARG A 27 5.62 8.28 17.28
N LYS A 28 4.40 7.86 17.56
CA LYS A 28 3.48 8.66 18.37
C LYS A 28 3.55 8.27 19.84
N LYS A 29 4.26 7.18 20.12
CA LYS A 29 4.42 6.69 21.48
C LYS A 29 3.07 6.40 22.12
N LYS A 1 0.34 2.20 -23.56
CA LYS A 1 0.28 0.92 -22.80
C LYS A 1 0.87 1.08 -21.41
N LYS A 2 1.55 2.20 -21.17
CA LYS A 2 2.17 2.48 -19.89
C LYS A 2 1.12 2.94 -18.87
N LYS A 3 -0.11 3.11 -19.32
CA LYS A 3 -1.19 3.55 -18.46
C LYS A 3 -1.77 2.38 -17.67
N LEU A 4 -1.75 1.20 -18.28
CA LEU A 4 -2.26 0.00 -17.65
C LEU A 4 -1.33 -0.47 -16.52
N GLY A 5 -0.05 -0.61 -16.86
CA GLY A 5 0.93 -1.04 -15.88
C GLY A 5 1.00 -0.13 -14.68
N PHE A 6 0.50 1.09 -14.83
CA PHE A 6 0.52 2.06 -13.73
C PHE A 6 -0.50 1.69 -12.67
N PHE A 7 -1.69 1.27 -13.12
CA PHE A 7 -2.75 0.88 -12.20
C PHE A 7 -2.35 -0.34 -11.38
N LEU A 8 -1.45 -1.15 -11.95
CA LEU A 8 -0.98 -2.35 -11.28
C LEU A 8 -0.04 -2.00 -10.14
N VAL A 9 0.94 -1.15 -10.44
CA VAL A 9 1.92 -0.72 -9.43
C VAL A 9 1.24 0.05 -8.32
N THR A 10 0.25 0.86 -8.68
CA THR A 10 -0.49 1.65 -7.72
C THR A 10 -1.20 0.76 -6.70
N PHE A 11 -1.67 -0.39 -7.17
CA PHE A 11 -2.37 -1.34 -6.31
C PHE A 11 -1.47 -1.80 -5.17
N LEU A 12 -0.24 -2.19 -5.50
CA LEU A 12 0.71 -2.66 -4.49
C LEU A 12 1.13 -1.51 -3.58
N PHE A 13 0.93 -0.28 -4.06
CA PHE A 13 1.29 0.90 -3.29
C PHE A 13 0.26 1.16 -2.20
N ILE A 14 -1.02 0.96 -2.53
CA ILE A 14 -2.10 1.15 -1.58
C ILE A 14 -1.94 0.21 -0.38
N TRP A 15 -1.60 -1.04 -0.66
CA TRP A 15 -1.41 -2.04 0.38
C TRP A 15 -0.19 -1.71 1.22
N LEU A 16 0.86 -1.21 0.56
CA LEU A 16 2.09 -0.87 1.25
C LEU A 16 1.92 0.40 2.08
N MET A 17 0.94 1.21 1.72
CA MET A 17 0.67 2.46 2.45
C MET A 17 0.26 2.15 3.89
N MET A 18 -0.44 1.03 4.06
CA MET A 18 -0.89 0.62 5.39
C MET A 18 0.26 0.04 6.18
N LEU A 19 1.29 -0.42 5.47
CA LEU A 19 2.47 -0.99 6.11
C LEU A 19 3.25 0.09 6.86
N LEU A 20 3.34 1.27 6.24
CA LEU A 20 4.06 2.38 6.85
C LEU A 20 3.34 2.89 8.10
N HIS A 21 2.02 2.87 8.07
CA HIS A 21 1.22 3.33 9.21
C HIS A 21 1.16 2.26 10.29
N PHE A 22 1.34 1.00 9.89
CA PHE A 22 1.29 -0.12 10.82
C PHE A 22 2.40 -0.01 11.88
N THR A 23 3.57 0.48 11.47
CA THR A 23 4.70 0.62 12.39
C THR A 23 4.57 1.89 13.22
N ILE A 24 4.02 2.94 12.62
CA ILE A 24 3.84 4.21 13.30
C ILE A 24 2.87 4.07 14.47
N GLN A 25 1.77 3.37 14.23
CA GLN A 25 0.75 3.15 15.25
C GLN A 25 1.33 2.44 16.47
N GLN A 26 2.14 1.42 16.22
CA GLN A 26 2.76 0.65 17.30
C GLN A 26 3.81 1.46 18.05
N ARG A 27 4.45 2.39 17.35
CA ARG A 27 5.48 3.23 17.95
C ARG A 27 4.88 4.24 18.92
N LYS A 28 3.55 4.25 19.03
CA LYS A 28 2.87 5.18 19.92
C LYS A 28 2.92 4.70 21.36
N LYS A 29 3.39 3.48 21.57
CA LYS A 29 3.49 2.91 22.91
C LYS A 29 4.43 3.72 23.78
N LYS A 1 -2.41 -5.57 -22.32
CA LYS A 1 -1.98 -6.22 -21.05
C LYS A 1 -1.06 -5.28 -20.27
N LYS A 2 -0.33 -4.43 -20.98
CA LYS A 2 0.58 -3.49 -20.34
C LYS A 2 -0.18 -2.44 -19.56
N LYS A 3 -1.40 -2.13 -20.01
CA LYS A 3 -2.24 -1.15 -19.36
C LYS A 3 -2.68 -1.64 -17.98
N LEU A 4 -2.78 -2.96 -17.85
CA LEU A 4 -3.19 -3.58 -16.59
C LEU A 4 -2.01 -3.64 -15.61
N GLY A 5 -0.81 -3.81 -16.15
CA GLY A 5 0.38 -3.89 -15.32
C GLY A 5 0.60 -2.61 -14.52
N PHE A 6 -0.07 -1.54 -14.92
CA PHE A 6 0.05 -0.26 -14.23
C PHE A 6 -0.97 -0.15 -13.11
N PHE A 7 -2.22 -0.49 -13.42
CA PHE A 7 -3.29 -0.44 -12.43
C PHE A 7 -3.05 -1.46 -11.33
N LEU A 8 -2.23 -2.47 -11.63
CA LEU A 8 -1.89 -3.51 -10.67
C LEU A 8 -0.87 -3.01 -9.66
N VAL A 9 0.18 -2.35 -10.17
CA VAL A 9 1.22 -1.82 -9.31
C VAL A 9 0.63 -0.84 -8.29
N THR A 10 -0.32 -0.02 -8.75
CA THR A 10 -0.97 0.95 -7.87
C THR A 10 -1.70 0.24 -6.73
N PHE A 11 -2.18 -0.97 -7.01
CA PHE A 11 -2.88 -1.74 -6.00
C PHE A 11 -1.91 -2.19 -4.91
N LEU A 12 -0.64 -2.35 -5.30
CA LEU A 12 0.41 -2.76 -4.36
C LEU A 12 0.91 -1.53 -3.60
N PHE A 13 0.70 -0.36 -4.19
CA PHE A 13 1.12 0.89 -3.58
C PHE A 13 0.27 1.18 -2.34
N ILE A 14 -1.04 0.98 -2.49
CA ILE A 14 -1.96 1.20 -1.38
C ILE A 14 -1.67 0.23 -0.24
N TRP A 15 -1.21 -0.96 -0.62
CA TRP A 15 -0.88 -1.99 0.36
C TRP A 15 0.37 -1.60 1.14
N LEU A 16 1.28 -0.91 0.46
CA LEU A 16 2.52 -0.45 1.09
C LEU A 16 2.26 0.72 2.01
N MET A 17 1.19 1.46 1.74
CA MET A 17 0.83 2.62 2.55
C MET A 17 0.21 2.18 3.87
N MET A 18 -0.41 1.00 3.87
CA MET A 18 -1.04 0.46 5.07
C MET A 18 0.02 -0.10 6.02
N LEU A 19 1.12 -0.59 5.46
CA LEU A 19 2.19 -1.16 6.27
C LEU A 19 2.95 -0.06 7.00
N LEU A 20 3.06 1.11 6.38
CA LEU A 20 3.76 2.24 6.99
C LEU A 20 3.09 2.64 8.30
N HIS A 21 1.76 2.68 8.29
CA HIS A 21 1.00 3.05 9.49
C HIS A 21 0.84 1.86 10.43
N PHE A 22 0.70 0.68 9.85
CA PHE A 22 0.54 -0.54 10.63
C PHE A 22 1.67 -0.71 11.63
N THR A 23 2.90 -0.58 11.15
CA THR A 23 4.08 -0.71 12.01
C THR A 23 4.08 0.35 13.10
N ILE A 24 3.57 1.54 12.79
CA ILE A 24 3.52 2.64 13.74
C ILE A 24 2.55 2.32 14.87
N GLN A 25 1.46 1.64 14.53
CA GLN A 25 0.45 1.26 15.52
C GLN A 25 1.05 0.40 16.62
N GLN A 26 1.81 -0.62 16.22
CA GLN A 26 2.45 -1.52 17.18
C GLN A 26 3.75 -0.94 17.71
N ARG A 27 4.29 0.04 16.99
CA ARG A 27 5.54 0.69 17.40
C ARG A 27 5.40 1.35 18.76
N LYS A 28 4.34 2.14 18.92
CA LYS A 28 4.09 2.85 20.17
C LYS A 28 3.76 1.88 21.31
N LYS A 29 3.73 0.59 20.99
CA LYS A 29 3.43 -0.44 21.98
C LYS A 29 2.06 -0.20 22.62
N LYS A 1 -4.80 -2.57 -21.63
CA LYS A 1 -3.56 -3.16 -21.06
C LYS A 1 -2.59 -2.07 -20.62
N LYS A 2 -2.75 -0.88 -21.19
CA LYS A 2 -1.89 0.26 -20.86
C LYS A 2 -2.19 0.76 -19.45
N LYS A 3 -3.43 1.17 -19.24
CA LYS A 3 -3.85 1.69 -17.94
C LYS A 3 -3.96 0.57 -16.91
N LEU A 4 -3.96 -0.68 -17.38
CA LEU A 4 -4.06 -1.84 -16.50
C LEU A 4 -2.75 -2.05 -15.74
N GLY A 5 -1.66 -2.11 -16.49
CA GLY A 5 -0.35 -2.32 -15.88
C GLY A 5 -0.02 -1.26 -14.84
N PHE A 6 -0.26 0.00 -15.18
CA PHE A 6 0.01 1.10 -14.26
C PHE A 6 -0.88 1.02 -13.04
N PHE A 7 -2.06 0.42 -13.22
CA PHE A 7 -3.02 0.26 -12.13
C PHE A 7 -2.60 -0.88 -11.22
N LEU A 8 -1.83 -1.83 -11.76
CA LEU A 8 -1.36 -2.97 -10.99
C LEU A 8 -0.36 -2.53 -9.94
N VAL A 9 0.68 -1.82 -10.37
CA VAL A 9 1.71 -1.34 -9.46
C VAL A 9 1.09 -0.47 -8.36
N THR A 10 0.07 0.31 -8.74
CA THR A 10 -0.62 1.17 -7.80
C THR A 10 -1.29 0.36 -6.70
N PHE A 11 -1.77 -0.83 -7.06
CA PHE A 11 -2.44 -1.71 -6.11
C PHE A 11 -1.50 -2.09 -4.97
N LEU A 12 -0.23 -2.35 -5.31
CA LEU A 12 0.77 -2.71 -4.32
C LEU A 12 1.19 -1.47 -3.52
N PHE A 13 0.93 -0.31 -4.09
CA PHE A 13 1.28 0.96 -3.44
C PHE A 13 0.28 1.28 -2.34
N ILE A 14 -1.00 1.00 -2.61
CA ILE A 14 -2.05 1.27 -1.63
C ILE A 14 -1.93 0.33 -0.43
N TRP A 15 -1.55 -0.91 -0.69
CA TRP A 15 -1.38 -1.90 0.38
C TRP A 15 -0.14 -1.57 1.22
N LEU A 16 0.91 -1.12 0.55
CA LEU A 16 2.15 -0.76 1.23
C LEU A 16 1.94 0.44 2.15
N MET A 17 0.95 1.27 1.82
CA MET A 17 0.66 2.45 2.62
C MET A 17 0.22 2.07 4.02
N MET A 18 -0.54 0.98 4.12
CA MET A 18 -1.00 0.49 5.41
C MET A 18 0.16 -0.09 6.21
N LEU A 19 1.21 -0.48 5.49
CA LEU A 19 2.39 -1.04 6.12
C LEU A 19 3.25 0.06 6.73
N LEU A 20 3.35 1.19 6.03
CA LEU A 20 4.13 2.31 6.51
C LEU A 20 3.51 2.92 7.77
N HIS A 21 2.20 3.13 7.73
CA HIS A 21 1.48 3.69 8.87
C HIS A 21 1.65 2.81 10.09
N PHE A 22 1.56 1.49 9.88
CA PHE A 22 1.71 0.53 10.96
C PHE A 22 3.12 0.63 11.56
N THR A 23 4.08 1.01 10.73
CA THR A 23 5.47 1.15 11.16
C THR A 23 5.66 2.44 11.96
N ILE A 24 4.83 3.45 11.67
CA ILE A 24 4.91 4.73 12.35
C ILE A 24 4.42 4.60 13.79
N GLN A 25 3.32 3.89 13.98
CA GLN A 25 2.76 3.69 15.31
C GLN A 25 3.75 3.00 16.24
N GLN A 26 4.41 1.97 15.71
CA GLN A 26 5.39 1.22 16.48
C GLN A 26 6.57 2.10 16.86
N ARG A 27 7.01 2.94 15.93
CA ARG A 27 8.13 3.84 16.16
C ARG A 27 7.71 5.04 17.00
N LYS A 28 6.39 5.22 17.12
CA LYS A 28 5.85 6.33 17.89
C LYS A 28 5.96 6.07 19.39
N LYS A 29 6.19 4.80 19.75
CA LYS A 29 6.32 4.40 21.14
C LYS A 29 5.05 4.70 21.92
N LYS A 1 -9.12 -3.66 -22.32
CA LYS A 1 -9.13 -3.29 -20.88
C LYS A 1 -7.72 -3.36 -20.30
N LYS A 2 -6.88 -2.42 -20.71
CA LYS A 2 -5.50 -2.36 -20.23
C LYS A 2 -5.42 -1.62 -18.91
N LYS A 3 -6.47 -0.87 -18.59
CA LYS A 3 -6.51 -0.10 -17.34
C LYS A 3 -6.56 -1.03 -16.13
N LEU A 4 -6.92 -2.28 -16.38
CA LEU A 4 -7.02 -3.27 -15.31
C LEU A 4 -5.65 -3.54 -14.70
N GLY A 5 -4.66 -3.75 -15.56
CA GLY A 5 -3.31 -4.02 -15.09
C GLY A 5 -2.73 -2.87 -14.29
N PHE A 6 -3.37 -1.71 -14.36
CA PHE A 6 -2.92 -0.54 -13.62
C PHE A 6 -3.35 -0.62 -12.16
N PHE A 7 -4.59 -1.06 -11.94
CA PHE A 7 -5.13 -1.18 -10.59
C PHE A 7 -4.37 -2.24 -9.80
N LEU A 8 -3.77 -3.20 -10.51
CA LEU A 8 -3.00 -4.26 -9.88
C LEU A 8 -1.71 -3.70 -9.27
N VAL A 9 -0.98 -2.94 -10.09
CA VAL A 9 0.27 -2.34 -9.63
C VAL A 9 -0.01 -1.31 -8.54
N THR A 10 -1.08 -0.55 -8.72
CA THR A 10 -1.46 0.46 -7.76
C THR A 10 -1.84 -0.18 -6.42
N PHE A 11 -2.33 -1.41 -6.50
CA PHE A 11 -2.73 -2.16 -5.30
C PHE A 11 -1.52 -2.39 -4.40
N LEU A 12 -0.34 -2.44 -5.01
CA LEU A 12 0.89 -2.66 -4.25
C LEU A 12 1.29 -1.39 -3.52
N PHE A 13 0.90 -0.24 -4.08
CA PHE A 13 1.20 1.05 -3.49
C PHE A 13 0.24 1.36 -2.34
N ILE A 14 -1.04 1.06 -2.57
CA ILE A 14 -2.06 1.29 -1.56
C ILE A 14 -1.88 0.34 -0.38
N TRP A 15 -1.51 -0.90 -0.67
CA TRP A 15 -1.30 -1.91 0.36
C TRP A 15 -0.07 -1.56 1.20
N LEU A 16 0.97 -1.06 0.54
CA LEU A 16 2.20 -0.68 1.22
C LEU A 16 1.97 0.54 2.10
N MET A 17 1.00 1.37 1.73
CA MET A 17 0.68 2.57 2.49
C MET A 17 0.20 2.19 3.89
N MET A 18 -0.46 1.04 3.99
CA MET A 18 -0.96 0.55 5.26
C MET A 18 0.17 -0.08 6.06
N LEU A 19 1.17 -0.60 5.36
CA LEU A 19 2.33 -1.21 6.01
C LEU A 19 3.18 -0.13 6.68
N LEU A 20 3.22 1.04 6.05
CA LEU A 20 3.99 2.16 6.57
C LEU A 20 3.40 2.63 7.90
N HIS A 21 2.07 2.70 7.97
CA HIS A 21 1.38 3.12 9.18
C HIS A 21 1.46 2.02 10.24
N PHE A 22 1.40 0.77 9.79
CA PHE A 22 1.47 -0.37 10.71
C PHE A 22 2.76 -0.34 11.52
N THR A 23 3.85 0.07 10.87
CA THR A 23 5.14 0.14 11.55
C THR A 23 5.14 1.29 12.56
N ILE A 24 4.40 2.35 12.24
CA ILE A 24 4.30 3.51 13.12
C ILE A 24 3.58 3.14 14.41
N GLN A 25 2.57 2.29 14.28
CA GLN A 25 1.79 1.84 15.44
C GLN A 25 2.63 0.91 16.32
N GLN A 26 3.34 -0.01 15.68
CA GLN A 26 4.17 -0.97 16.40
C GLN A 26 5.25 -0.24 17.20
N ARG A 27 5.77 0.85 16.64
CA ARG A 27 6.80 1.65 17.31
C ARG A 27 6.25 2.32 18.56
N LYS A 28 4.93 2.43 18.63
CA LYS A 28 4.28 3.05 19.78
C LYS A 28 3.99 2.03 20.87
N LYS A 29 3.58 0.84 20.45
CA LYS A 29 3.27 -0.24 21.37
C LYS A 29 4.51 -1.04 21.72
N LYS A 1 -3.18 -7.88 -21.88
CA LYS A 1 -2.71 -8.53 -20.62
C LYS A 1 -1.78 -7.60 -19.85
N LYS A 2 -0.93 -6.87 -20.58
CA LYS A 2 0.01 -5.94 -19.97
C LYS A 2 -0.73 -4.81 -19.28
N LYS A 3 -1.96 -4.57 -19.69
CA LYS A 3 -2.78 -3.50 -19.11
C LYS A 3 -3.05 -3.77 -17.64
N LEU A 4 -3.51 -4.98 -17.33
CA LEU A 4 -3.81 -5.36 -15.96
C LEU A 4 -2.55 -5.36 -15.10
N GLY A 5 -1.39 -5.38 -15.76
CA GLY A 5 -0.14 -5.37 -15.04
C GLY A 5 0.10 -4.06 -14.31
N PHE A 6 -0.42 -2.97 -14.86
CA PHE A 6 -0.27 -1.66 -14.25
C PHE A 6 -1.24 -1.49 -13.08
N PHE A 7 -2.50 -1.88 -13.30
CA PHE A 7 -3.52 -1.79 -12.27
C PHE A 7 -3.14 -2.65 -11.07
N LEU A 8 -2.28 -3.63 -11.29
CA LEU A 8 -1.84 -4.53 -10.23
C LEU A 8 -0.77 -3.86 -9.37
N VAL A 9 0.26 -3.33 -10.03
CA VAL A 9 1.36 -2.66 -9.33
C VAL A 9 0.83 -1.55 -8.43
N THR A 10 -0.17 -0.82 -8.92
CA THR A 10 -0.76 0.28 -8.16
C THR A 10 -1.47 -0.26 -6.93
N PHE A 11 -2.00 -1.48 -7.03
CA PHE A 11 -2.70 -2.10 -5.92
C PHE A 11 -1.73 -2.39 -4.78
N LEU A 12 -0.48 -2.67 -5.13
CA LEU A 12 0.55 -2.96 -4.13
C LEU A 12 1.05 -1.66 -3.51
N PHE A 13 0.92 -0.57 -4.26
CA PHE A 13 1.35 0.74 -3.79
C PHE A 13 0.44 1.22 -2.67
N ILE A 14 -0.86 1.05 -2.87
CA ILE A 14 -1.85 1.45 -1.86
C ILE A 14 -1.71 0.59 -0.62
N TRP A 15 -1.50 -0.71 -0.82
CA TRP A 15 -1.35 -1.64 0.30
C TRP A 15 -0.11 -1.29 1.10
N LEU A 16 0.87 -0.69 0.43
CA LEU A 16 2.12 -0.30 1.08
C LEU A 16 1.85 0.77 2.13
N MET A 17 0.79 1.54 1.92
CA MET A 17 0.43 2.60 2.86
C MET A 17 0.10 2.02 4.23
N MET A 18 -0.51 0.84 4.23
CA MET A 18 -0.86 0.17 5.48
C MET A 18 0.38 -0.40 6.15
N LEU A 19 1.44 -0.60 5.37
CA LEU A 19 2.69 -1.13 5.89
C LEU A 19 3.33 -0.10 6.83
N LEU A 20 3.26 1.17 6.45
CA LEU A 20 3.83 2.24 7.26
C LEU A 20 3.09 2.35 8.59
N HIS A 21 1.76 2.36 8.53
CA HIS A 21 0.94 2.45 9.74
C HIS A 21 1.23 1.27 10.67
N PHE A 22 1.35 0.08 10.10
CA PHE A 22 1.63 -1.12 10.86
C PHE A 22 2.99 -0.99 11.56
N THR A 23 3.88 -0.23 10.94
CA THR A 23 5.21 -0.01 11.50
C THR A 23 5.14 0.97 12.68
N ILE A 24 4.20 1.91 12.59
CA ILE A 24 4.01 2.90 13.64
C ILE A 24 3.46 2.26 14.90
N GLN A 25 2.60 1.26 14.72
CA GLN A 25 2.00 0.56 15.84
C GLN A 25 3.07 -0.09 16.72
N GLN A 26 4.09 -0.65 16.07
CA GLN A 26 5.18 -1.31 16.80
C GLN A 26 5.95 -0.30 17.65
N ARG A 27 5.96 0.95 17.21
CA ARG A 27 6.67 2.01 17.93
C ARG A 27 5.82 2.54 19.08
N LYS A 28 4.59 2.04 19.20
CA LYS A 28 3.70 2.47 20.26
C LYS A 28 3.81 1.55 21.48
N LYS A 29 4.07 0.27 21.22
CA LYS A 29 4.22 -0.71 22.29
C LYS A 29 2.92 -0.82 23.10
N LYS A 1 -9.63 -5.18 -20.70
CA LYS A 1 -8.89 -5.70 -19.52
C LYS A 1 -7.45 -5.21 -19.53
N LYS A 2 -7.14 -4.29 -20.44
CA LYS A 2 -5.80 -3.75 -20.54
C LYS A 2 -5.57 -2.65 -19.51
N LYS A 3 -6.63 -1.89 -19.23
CA LYS A 3 -6.55 -0.80 -18.25
C LYS A 3 -6.53 -1.34 -16.83
N LEU A 4 -7.07 -2.55 -16.65
CA LEU A 4 -7.11 -3.19 -15.34
C LEU A 4 -5.70 -3.42 -14.80
N GLY A 5 -4.73 -3.48 -15.71
CA GLY A 5 -3.35 -3.69 -15.31
C GLY A 5 -2.81 -2.56 -14.46
N PHE A 6 -3.47 -1.41 -14.53
CA PHE A 6 -3.05 -0.24 -13.77
C PHE A 6 -3.55 -0.34 -12.33
N PHE A 7 -4.78 -0.81 -12.16
CA PHE A 7 -5.37 -0.97 -10.84
C PHE A 7 -4.60 -2.01 -10.02
N LEU A 8 -3.99 -2.96 -10.71
CA LEU A 8 -3.21 -4.00 -10.05
C LEU A 8 -1.98 -3.41 -9.39
N VAL A 9 -1.33 -2.48 -10.09
CA VAL A 9 -0.14 -1.82 -9.57
C VAL A 9 -0.51 -0.86 -8.45
N THR A 10 -1.63 -0.17 -8.63
CA THR A 10 -2.11 0.78 -7.63
C THR A 10 -2.37 0.07 -6.31
N PHE A 11 -2.82 -1.18 -6.39
CA PHE A 11 -3.11 -1.97 -5.21
C PHE A 11 -1.83 -2.24 -4.42
N LEU A 12 -0.74 -2.49 -5.15
CA LEU A 12 0.54 -2.77 -4.53
C LEU A 12 1.07 -1.52 -3.82
N PHE A 13 0.65 -0.35 -4.30
CA PHE A 13 1.07 0.91 -3.70
C PHE A 13 0.28 1.19 -2.43
N ILE A 14 -1.03 0.99 -2.49
CA ILE A 14 -1.89 1.22 -1.35
C ILE A 14 -1.56 0.25 -0.22
N TRP A 15 -1.15 -0.96 -0.59
CA TRP A 15 -0.78 -1.98 0.39
C TRP A 15 0.44 -1.53 1.18
N LEU A 16 1.36 -0.85 0.51
CA LEU A 16 2.58 -0.36 1.14
C LEU A 16 2.26 0.78 2.11
N MET A 17 1.19 1.50 1.84
CA MET A 17 0.77 2.61 2.68
C MET A 17 0.29 2.10 4.03
N MET A 18 -0.63 1.15 4.00
CA MET A 18 -1.18 0.56 5.22
C MET A 18 -0.05 -0.07 6.05
N LEU A 19 0.95 -0.59 5.36
CA LEU A 19 2.09 -1.21 6.03
C LEU A 19 2.91 -0.16 6.78
N LEU A 20 3.04 1.01 6.16
CA LEU A 20 3.79 2.11 6.76
C LEU A 20 3.13 2.58 8.05
N HIS A 21 1.82 2.76 8.01
CA HIS A 21 1.08 3.20 9.19
C HIS A 21 0.98 2.09 10.23
N PHE A 22 0.89 0.85 9.76
CA PHE A 22 0.80 -0.30 10.65
C PHE A 22 2.02 -0.37 11.56
N THR A 23 3.20 -0.13 10.99
CA THR A 23 4.44 -0.16 11.76
C THR A 23 4.48 0.98 12.76
N ILE A 24 3.79 2.07 12.45
CA ILE A 24 3.75 3.23 13.33
C ILE A 24 2.95 2.92 14.59
N GLN A 25 1.93 2.08 14.44
CA GLN A 25 1.09 1.69 15.56
C GLN A 25 1.85 0.79 16.53
N GLN A 26 2.54 -0.20 15.98
CA GLN A 26 3.33 -1.13 16.80
C GLN A 26 4.43 -0.41 17.56
N ARG A 27 4.84 0.74 17.04
CA ARG A 27 5.89 1.54 17.66
C ARG A 27 5.56 1.86 19.12
N LYS A 28 4.49 2.62 19.32
CA LYS A 28 4.06 3.01 20.66
C LYS A 28 3.22 1.92 21.32
N LYS A 29 3.07 0.80 20.62
CA LYS A 29 2.29 -0.32 21.13
C LYS A 29 0.84 0.08 21.36
N LYS A 1 -10.42 -8.97 -18.58
CA LYS A 1 -10.82 -7.76 -17.80
C LYS A 1 -9.62 -6.84 -17.57
N LYS A 2 -9.51 -5.81 -18.39
CA LYS A 2 -8.41 -4.85 -18.26
C LYS A 2 -8.67 -3.86 -17.13
N LYS A 3 -9.93 -3.59 -16.85
CA LYS A 3 -10.31 -2.66 -15.78
C LYS A 3 -9.93 -3.23 -14.42
N LEU A 4 -10.03 -4.54 -14.27
CA LEU A 4 -9.70 -5.21 -13.01
C LEU A 4 -8.21 -5.12 -12.73
N GLY A 5 -7.39 -5.44 -13.73
CA GLY A 5 -5.95 -5.40 -13.57
C GLY A 5 -5.43 -4.02 -13.24
N PHE A 6 -6.27 -3.00 -13.42
CA PHE A 6 -5.90 -1.63 -13.11
C PHE A 6 -5.97 -1.36 -11.62
N PHE A 7 -6.91 -2.01 -10.95
CA PHE A 7 -7.09 -1.84 -9.51
C PHE A 7 -6.02 -2.62 -8.75
N LEU A 8 -5.42 -3.60 -9.41
CA LEU A 8 -4.38 -4.42 -8.80
C LEU A 8 -3.10 -3.63 -8.61
N VAL A 9 -2.61 -3.01 -9.68
CA VAL A 9 -1.39 -2.22 -9.61
C VAL A 9 -1.50 -1.13 -8.54
N THR A 10 -2.68 -0.55 -8.43
CA THR A 10 -2.93 0.50 -7.44
C THR A 10 -3.00 -0.10 -6.04
N PHE A 11 -3.46 -1.34 -5.96
CA PHE A 11 -3.57 -2.03 -4.67
C PHE A 11 -2.19 -2.34 -4.12
N LEU A 12 -1.27 -2.68 -5.02
CA LEU A 12 0.10 -3.00 -4.64
C LEU A 12 0.81 -1.77 -4.11
N PHE A 13 0.35 -0.60 -4.56
CA PHE A 13 0.94 0.67 -4.12
C PHE A 13 0.39 1.09 -2.77
N ILE A 14 -0.93 0.99 -2.62
CA ILE A 14 -1.59 1.35 -1.37
C ILE A 14 -1.17 0.39 -0.26
N TRP A 15 -0.78 -0.82 -0.64
CA TRP A 15 -0.34 -1.83 0.32
C TRP A 15 0.82 -1.31 1.16
N LEU A 16 1.68 -0.51 0.54
CA LEU A 16 2.83 0.07 1.24
C LEU A 16 2.38 1.10 2.26
N MET A 17 1.26 1.76 1.99
CA MET A 17 0.73 2.77 2.90
C MET A 17 0.16 2.11 4.14
N MET A 18 -0.60 1.03 3.93
CA MET A 18 -1.18 0.29 5.03
C MET A 18 -0.08 -0.38 5.84
N LEU A 19 1.06 -0.59 5.20
CA LEU A 19 2.21 -1.22 5.86
C LEU A 19 2.75 -0.28 6.93
N LEU A 20 2.81 1.00 6.60
CA LEU A 20 3.31 2.01 7.52
C LEU A 20 2.35 2.16 8.71
N HIS A 21 1.05 2.21 8.41
CA HIS A 21 0.05 2.32 9.45
C HIS A 21 -0.03 1.04 10.27
N PHE A 22 0.36 -0.07 9.65
CA PHE A 22 0.34 -1.37 10.30
C PHE A 22 1.23 -1.35 11.54
N THR A 23 2.37 -0.66 11.43
CA THR A 23 3.31 -0.56 12.54
C THR A 23 2.82 0.46 13.57
N ILE A 24 1.97 1.36 13.12
CA ILE A 24 1.42 2.39 14.00
C ILE A 24 0.30 1.82 14.88
N GLN A 25 -0.56 1.02 14.26
CA GLN A 25 -1.68 0.40 14.97
C GLN A 25 -1.16 -0.68 15.91
N GLN A 26 -0.28 -1.53 15.40
CA GLN A 26 0.29 -2.62 16.19
C GLN A 26 1.09 -2.04 17.36
N ARG A 27 1.57 -0.81 17.20
CA ARG A 27 2.34 -0.14 18.24
C ARG A 27 1.52 0.01 19.51
N LYS A 28 0.21 0.11 19.35
CA LYS A 28 -0.70 0.25 20.49
C LYS A 28 -1.01 -1.10 21.12
N LYS A 29 -1.39 -2.05 20.28
CA LYS A 29 -1.72 -3.40 20.74
C LYS A 29 -1.08 -4.45 19.85
N LYS A 1 -11.30 -0.49 -20.17
CA LYS A 1 -10.81 -1.80 -19.68
C LYS A 1 -9.30 -1.78 -19.47
N LYS A 2 -8.66 -0.72 -19.94
CA LYS A 2 -7.22 -0.56 -19.80
C LYS A 2 -6.86 0.00 -18.44
N LYS A 3 -7.85 0.57 -17.76
CA LYS A 3 -7.63 1.15 -16.43
C LYS A 3 -7.32 0.07 -15.40
N LEU A 4 -7.82 -1.13 -15.63
CA LEU A 4 -7.58 -2.24 -14.71
C LEU A 4 -6.10 -2.56 -14.63
N GLY A 5 -5.37 -2.31 -15.72
CA GLY A 5 -3.95 -2.56 -15.73
C GLY A 5 -3.18 -1.53 -14.94
N PHE A 6 -3.82 -0.39 -14.69
CA PHE A 6 -3.20 0.70 -13.94
C PHE A 6 -3.52 0.56 -12.45
N PHE A 7 -4.75 0.20 -12.15
CA PHE A 7 -5.19 0.01 -10.76
C PHE A 7 -4.46 -1.16 -10.13
N LEU A 8 -3.97 -2.07 -10.97
CA LEU A 8 -3.25 -3.24 -10.49
C LEU A 8 -1.91 -2.84 -9.90
N VAL A 9 -1.26 -1.86 -10.53
CA VAL A 9 0.04 -1.38 -10.07
C VAL A 9 -0.12 -0.52 -8.82
N THR A 10 -1.16 0.30 -8.80
CA THR A 10 -1.43 1.18 -7.67
C THR A 10 -1.88 0.38 -6.45
N PHE A 11 -2.40 -0.82 -6.70
CA PHE A 11 -2.87 -1.69 -5.61
C PHE A 11 -1.72 -2.03 -4.67
N LEU A 12 -0.58 -2.40 -5.23
CA LEU A 12 0.59 -2.73 -4.43
C LEU A 12 1.10 -1.51 -3.68
N PHE A 13 0.76 -0.33 -4.22
CA PHE A 13 1.17 0.93 -3.60
C PHE A 13 0.31 1.24 -2.38
N ILE A 14 -0.99 0.98 -2.51
CA ILE A 14 -1.92 1.22 -1.42
C ILE A 14 -1.66 0.26 -0.26
N TRP A 15 -1.35 -0.99 -0.59
CA TRP A 15 -1.08 -2.00 0.44
C TRP A 15 0.16 -1.62 1.24
N LEU A 16 1.12 -0.99 0.56
CA LEU A 16 2.35 -0.56 1.20
C LEU A 16 2.06 0.61 2.14
N MET A 17 1.12 1.45 1.73
CA MET A 17 0.74 2.62 2.54
C MET A 17 0.18 2.18 3.89
N MET A 18 -0.44 1.00 3.92
CA MET A 18 -1.00 0.47 5.15
C MET A 18 0.10 -0.10 6.02
N LEU A 19 1.16 -0.59 5.39
CA LEU A 19 2.30 -1.15 6.11
C LEU A 19 3.02 -0.04 6.86
N LEU A 20 3.15 1.11 6.21
CA LEU A 20 3.80 2.27 6.82
C LEU A 20 2.85 2.96 7.79
N HIS A 21 1.57 2.97 7.46
CA HIS A 21 0.55 3.59 8.30
C HIS A 21 0.34 2.78 9.57
N PHE A 22 0.63 1.48 9.49
CA PHE A 22 0.47 0.59 10.63
C PHE A 22 1.38 1.00 11.78
N THR A 23 2.53 1.58 11.46
CA THR A 23 3.48 2.02 12.48
C THR A 23 3.11 3.41 12.97
N ILE A 24 2.66 4.26 12.06
CA ILE A 24 2.28 5.62 12.40
C ILE A 24 1.01 5.62 13.28
N GLN A 25 0.17 4.61 13.06
CA GLN A 25 -1.07 4.48 13.81
C GLN A 25 -0.79 4.25 15.29
N GLN A 26 0.06 3.26 15.59
CA GLN A 26 0.40 2.95 16.97
C GLN A 26 1.02 4.16 17.67
N ARG A 27 1.76 4.96 16.89
CA ARG A 27 2.40 6.15 17.43
C ARG A 27 1.38 7.24 17.74
N LYS A 28 0.28 7.23 16.99
CA LYS A 28 -0.78 8.22 17.18
C LYS A 28 -1.44 8.04 18.54
N LYS A 29 -1.38 6.82 19.08
CA LYS A 29 -1.96 6.51 20.37
C LYS A 29 -3.47 6.71 20.35
N LYS A 1 3.54 -6.46 -22.54
CA LYS A 1 2.91 -6.44 -21.20
C LYS A 1 3.76 -5.65 -20.21
N LYS A 2 4.67 -4.83 -20.74
CA LYS A 2 5.55 -4.03 -19.91
C LYS A 2 4.80 -2.87 -19.27
N LYS A 3 3.74 -2.43 -19.91
CA LYS A 3 2.93 -1.32 -19.40
C LYS A 3 1.91 -1.82 -18.37
N LEU A 4 1.50 -3.07 -18.52
CA LEU A 4 0.53 -3.67 -17.61
C LEU A 4 1.12 -3.81 -16.22
N GLY A 5 2.42 -4.10 -16.15
CA GLY A 5 3.09 -4.26 -14.87
C GLY A 5 3.13 -2.98 -14.07
N PHE A 6 2.95 -1.85 -14.76
CA PHE A 6 2.98 -0.54 -14.11
C PHE A 6 1.72 -0.35 -13.27
N PHE A 7 0.59 -0.82 -13.78
CA PHE A 7 -0.68 -0.71 -13.08
C PHE A 7 -0.69 -1.60 -11.84
N LEU A 8 0.06 -2.70 -11.90
CA LEU A 8 0.15 -3.63 -10.78
C LEU A 8 0.89 -3.00 -9.61
N VAL A 9 1.93 -2.23 -9.92
CA VAL A 9 2.73 -1.58 -8.88
C VAL A 9 1.88 -0.60 -8.06
N THR A 10 1.01 0.13 -8.75
CA THR A 10 0.14 1.10 -8.09
C THR A 10 -0.77 0.42 -7.07
N PHE A 11 -1.13 -0.83 -7.35
CA PHE A 11 -1.99 -1.59 -6.45
C PHE A 11 -1.25 -1.96 -5.18
N LEU A 12 0.00 -2.38 -5.32
CA LEU A 12 0.82 -2.75 -4.17
C LEU A 12 1.15 -1.52 -3.34
N PHE A 13 1.04 -0.35 -3.97
CA PHE A 13 1.31 0.91 -3.30
C PHE A 13 0.26 1.20 -2.24
N ILE A 14 -1.00 0.97 -2.59
CA ILE A 14 -2.11 1.20 -1.67
C ILE A 14 -1.99 0.31 -0.44
N TRP A 15 -1.63 -0.95 -0.67
CA TRP A 15 -1.47 -1.91 0.41
C TRP A 15 -0.25 -1.56 1.26
N LEU A 16 0.78 -1.03 0.60
CA LEU A 16 2.02 -0.65 1.28
C LEU A 16 1.79 0.56 2.18
N MET A 17 0.83 1.39 1.80
CA MET A 17 0.52 2.59 2.57
C MET A 17 0.15 2.23 4.01
N MET A 18 -0.48 1.07 4.17
CA MET A 18 -0.88 0.59 5.49
C MET A 18 0.30 -0.03 6.22
N LEU A 19 1.24 -0.57 5.45
CA LEU A 19 2.43 -1.19 6.02
C LEU A 19 3.41 -0.13 6.51
N LEU A 20 3.31 1.05 5.90
CA LEU A 20 4.17 2.18 6.27
C LEU A 20 3.96 2.58 7.73
N HIS A 21 2.71 2.61 8.16
CA HIS A 21 2.37 2.98 9.53
C HIS A 21 3.07 2.06 10.52
N PHE A 22 3.31 0.81 10.11
CA PHE A 22 3.97 -0.17 10.96
C PHE A 22 5.33 0.35 11.43
N THR A 23 6.10 0.89 10.49
CA THR A 23 7.42 1.43 10.80
C THR A 23 7.34 2.50 11.90
N ILE A 24 6.27 3.28 11.87
CA ILE A 24 6.07 4.34 12.86
C ILE A 24 5.72 3.76 14.22
N GLN A 25 4.92 2.69 14.21
CA GLN A 25 4.51 2.04 15.45
C GLN A 25 5.72 1.46 16.18
N GLN A 26 6.56 0.75 15.43
CA GLN A 26 7.76 0.13 16.00
C GLN A 26 8.79 1.20 16.35
N ARG A 27 8.75 2.32 15.65
CA ARG A 27 9.68 3.43 15.88
C ARG A 27 9.59 3.92 17.33
N LYS A 28 8.42 4.44 17.69
CA LYS A 28 8.20 4.94 19.04
C LYS A 28 8.00 3.80 20.03
N LYS A 29 8.10 2.57 19.53
CA LYS A 29 7.94 1.38 20.36
C LYS A 29 6.57 1.37 21.03
N LYS A 1 -1.68 -0.46 -22.61
CA LYS A 1 -0.50 0.36 -22.99
C LYS A 1 0.45 0.53 -21.81
N LYS A 2 1.44 1.40 -21.97
CA LYS A 2 2.42 1.66 -20.91
C LYS A 2 1.74 2.21 -19.66
N LYS A 3 0.70 3.03 -19.87
CA LYS A 3 -0.04 3.64 -18.77
C LYS A 3 -0.71 2.58 -17.91
N LEU A 4 -1.09 1.47 -18.52
CA LEU A 4 -1.74 0.37 -17.81
C LEU A 4 -0.83 -0.20 -16.73
N GLY A 5 0.46 -0.22 -17.00
CA GLY A 5 1.42 -0.74 -16.04
C GLY A 5 1.45 0.05 -14.75
N PHE A 6 1.21 1.35 -14.85
CA PHE A 6 1.21 2.23 -13.69
C PHE A 6 0.00 1.94 -12.80
N PHE A 7 -1.11 1.58 -13.44
CA PHE A 7 -2.34 1.28 -12.72
C PHE A 7 -2.17 0.03 -11.87
N LEU A 8 -1.25 -0.84 -12.27
CA LEU A 8 -0.98 -2.07 -11.53
C LEU A 8 -0.03 -1.83 -10.38
N VAL A 9 1.03 -1.06 -10.64
CA VAL A 9 2.02 -0.76 -9.61
C VAL A 9 1.40 0.02 -8.46
N THR A 10 0.54 0.98 -8.80
CA THR A 10 -0.13 1.81 -7.78
C THR A 10 -0.98 0.96 -6.85
N PHE A 11 -1.35 -0.24 -7.32
CA PHE A 11 -2.16 -1.15 -6.52
C PHE A 11 -1.37 -1.71 -5.36
N LEU A 12 -0.09 -2.01 -5.61
CA LEU A 12 0.78 -2.55 -4.57
C LEU A 12 1.17 -1.46 -3.59
N PHE A 13 0.98 -0.20 -4.00
CA PHE A 13 1.31 0.94 -3.17
C PHE A 13 0.23 1.15 -2.11
N ILE A 14 -1.01 0.81 -2.46
CA ILE A 14 -2.12 0.96 -1.53
C ILE A 14 -1.93 0.06 -0.31
N TRP A 15 -1.58 -1.20 -0.54
CA TRP A 15 -1.36 -2.14 0.54
C TRP A 15 -0.16 -1.74 1.38
N LEU A 16 0.89 -1.25 0.72
CA LEU A 16 2.10 -0.83 1.40
C LEU A 16 1.90 0.48 2.15
N MET A 17 0.88 1.24 1.75
CA MET A 17 0.58 2.51 2.39
C MET A 17 0.20 2.29 3.85
N MET A 18 -0.49 1.19 4.12
CA MET A 18 -0.90 0.85 5.47
C MET A 18 0.27 0.30 6.27
N LEU A 19 1.10 -0.50 5.60
CA LEU A 19 2.27 -1.09 6.24
C LEU A 19 3.26 -0.01 6.64
N LEU A 20 3.31 1.05 5.84
CA LEU A 20 4.21 2.17 6.10
C LEU A 20 3.62 3.09 7.17
N HIS A 21 2.33 3.40 7.05
CA HIS A 21 1.66 4.27 8.01
C HIS A 21 1.75 3.69 9.42
N PHE A 22 1.76 2.37 9.50
CA PHE A 22 1.83 1.69 10.79
C PHE A 22 3.22 1.83 11.41
N THR A 23 4.24 1.98 10.57
CA THR A 23 5.60 2.13 11.05
C THR A 23 5.93 3.60 11.33
N ILE A 24 5.26 4.50 10.62
CA ILE A 24 5.47 5.92 10.79
C ILE A 24 4.90 6.41 12.12
N GLN A 25 3.72 5.90 12.48
CA GLN A 25 3.08 6.28 13.74
C GLN A 25 3.92 5.87 14.94
N GLN A 26 4.44 4.65 14.91
CA GLN A 26 5.26 4.14 16.01
C GLN A 26 6.61 4.84 16.04
N ARG A 27 7.18 5.08 14.86
CA ARG A 27 8.47 5.74 14.75
C ARG A 27 8.32 7.26 14.86
N LYS A 28 7.07 7.71 14.97
CA LYS A 28 6.78 9.14 15.09
C LYS A 28 7.33 9.70 16.39
N LYS A 29 7.17 8.95 17.47
CA LYS A 29 7.66 9.37 18.78
C LYS A 29 8.52 8.28 19.42
N LYS A 1 -4.68 -13.43 -17.16
CA LYS A 1 -4.76 -12.33 -16.18
C LYS A 1 -3.74 -11.24 -16.50
N LYS A 2 -3.58 -10.96 -17.79
CA LYS A 2 -2.63 -9.93 -18.24
C LYS A 2 -3.08 -8.55 -17.76
N LYS A 3 -4.38 -8.37 -17.63
CA LYS A 3 -4.93 -7.10 -17.19
C LYS A 3 -4.77 -6.94 -15.67
N LEU A 4 -5.01 -8.02 -14.95
CA LEU A 4 -4.89 -8.02 -13.49
C LEU A 4 -3.45 -7.80 -13.06
N GLY A 5 -2.52 -8.15 -13.95
CA GLY A 5 -1.10 -7.99 -13.65
C GLY A 5 -0.70 -6.54 -13.45
N PHE A 6 -1.40 -5.64 -14.14
CA PHE A 6 -1.10 -4.21 -14.03
C PHE A 6 -1.87 -3.60 -12.86
N PHE A 7 -3.14 -3.96 -12.73
CA PHE A 7 -3.97 -3.45 -11.64
C PHE A 7 -3.44 -3.93 -10.30
N LEU A 8 -2.63 -4.98 -10.33
CA LEU A 8 -2.03 -5.55 -9.12
C LEU A 8 -0.88 -4.66 -8.63
N VAL A 9 -0.09 -4.17 -9.58
CA VAL A 9 1.04 -3.31 -9.25
C VAL A 9 0.58 -2.05 -8.52
N THR A 10 -0.46 -1.41 -9.05
CA THR A 10 -0.99 -0.20 -8.45
C THR A 10 -1.62 -0.49 -7.09
N PHE A 11 -2.00 -1.75 -6.87
CA PHE A 11 -2.59 -2.16 -5.61
C PHE A 11 -1.54 -2.27 -4.53
N LEU A 12 -0.36 -2.79 -4.90
CA LEU A 12 0.74 -2.94 -3.96
C LEU A 12 1.17 -1.57 -3.45
N PHE A 13 0.83 -0.53 -4.20
CA PHE A 13 1.18 0.83 -3.82
C PHE A 13 0.33 1.29 -2.65
N ILE A 14 -0.97 1.06 -2.76
CA ILE A 14 -1.91 1.43 -1.70
C ILE A 14 -1.70 0.56 -0.46
N TRP A 15 -1.49 -0.72 -0.69
CA TRP A 15 -1.26 -1.66 0.41
C TRP A 15 0.01 -1.28 1.16
N LEU A 16 0.96 -0.69 0.43
CA LEU A 16 2.22 -0.27 1.03
C LEU A 16 1.98 0.83 2.06
N MET A 17 0.88 1.56 1.89
CA MET A 17 0.53 2.64 2.81
C MET A 17 0.11 2.07 4.16
N MET A 18 -0.53 0.91 4.14
CA MET A 18 -0.97 0.26 5.37
C MET A 18 0.21 -0.35 6.10
N LEU A 19 1.25 -0.71 5.33
CA LEU A 19 2.46 -1.29 5.90
C LEU A 19 3.23 -0.23 6.66
N LEU A 20 3.20 1.00 6.14
CA LEU A 20 3.89 2.12 6.78
C LEU A 20 3.18 2.54 8.07
N HIS A 21 1.87 2.71 7.98
CA HIS A 21 1.07 3.09 9.14
C HIS A 21 1.17 2.03 10.23
N PHE A 22 1.46 0.80 9.82
CA PHE A 22 1.60 -0.31 10.75
C PHE A 22 2.69 -0.03 11.77
N THR A 23 3.86 0.39 11.27
CA THR A 23 5.00 0.69 12.13
C THR A 23 4.72 1.93 12.98
N ILE A 24 3.95 2.87 12.43
CA ILE A 24 3.62 4.09 13.13
C ILE A 24 2.60 3.82 14.24
N GLN A 25 1.74 2.84 14.02
CA GLN A 25 0.72 2.47 14.98
C GLN A 25 1.34 1.89 16.25
N GLN A 26 2.26 0.95 16.08
CA GLN A 26 2.92 0.32 17.21
C GLN A 26 3.72 1.34 18.02
N ARG A 27 4.21 2.37 17.34
CA ARG A 27 4.98 3.42 18.00
C ARG A 27 4.09 4.27 18.90
N LYS A 28 3.09 4.91 18.30
CA LYS A 28 2.17 5.76 19.06
C LYS A 28 1.37 4.95 20.07
N LYS A 29 1.31 3.64 19.85
CA LYS A 29 0.57 2.75 20.73
C LYS A 29 1.45 1.58 21.17
N LYS A 1 -14.05 -3.62 -15.94
CA LYS A 1 -13.15 -4.50 -16.75
C LYS A 1 -11.79 -3.85 -16.93
N LYS A 2 -11.75 -2.81 -17.77
CA LYS A 2 -10.50 -2.09 -18.03
C LYS A 2 -10.16 -1.17 -16.87
N LYS A 3 -11.18 -0.68 -16.18
CA LYS A 3 -10.98 0.22 -15.05
C LYS A 3 -10.58 -0.57 -13.81
N LEU A 4 -10.79 -1.89 -13.85
CA LEU A 4 -10.45 -2.75 -12.73
C LEU A 4 -8.95 -3.08 -12.75
N GLY A 5 -8.43 -3.36 -13.94
CA GLY A 5 -7.02 -3.69 -14.08
C GLY A 5 -6.11 -2.54 -13.65
N PHE A 6 -6.68 -1.35 -13.51
CA PHE A 6 -5.90 -0.19 -13.10
C PHE A 6 -5.78 -0.14 -11.58
N PHE A 7 -6.88 -0.44 -10.89
CA PHE A 7 -6.89 -0.43 -9.43
C PHE A 7 -6.03 -1.56 -8.89
N LEU A 8 -5.86 -2.60 -9.70
CA LEU A 8 -5.06 -3.76 -9.30
C LEU A 8 -3.59 -3.36 -9.17
N VAL A 9 -3.13 -2.50 -10.07
CA VAL A 9 -1.74 -2.04 -10.06
C VAL A 9 -1.52 -1.08 -8.89
N THR A 10 -2.51 -0.25 -8.61
CA THR A 10 -2.42 0.71 -7.52
C THR A 10 -2.55 0.01 -6.17
N PHE A 11 -3.14 -1.19 -6.18
CA PHE A 11 -3.32 -1.96 -4.96
C PHE A 11 -1.98 -2.25 -4.30
N LEU A 12 -0.95 -2.49 -5.12
CA LEU A 12 0.38 -2.78 -4.62
C LEU A 12 0.99 -1.53 -3.99
N PHE A 13 0.54 -0.36 -4.44
CA PHE A 13 1.04 0.90 -3.90
C PHE A 13 0.32 1.26 -2.60
N ILE A 14 -0.98 1.00 -2.56
CA ILE A 14 -1.78 1.28 -1.37
C ILE A 14 -1.43 0.31 -0.24
N TRP A 15 -1.20 -0.94 -0.59
CA TRP A 15 -0.86 -1.97 0.38
C TRP A 15 0.40 -1.59 1.15
N LEU A 16 1.30 -0.89 0.46
CA LEU A 16 2.56 -0.46 1.07
C LEU A 16 2.31 0.66 2.07
N MET A 17 1.29 1.48 1.80
CA MET A 17 0.94 2.59 2.67
C MET A 17 0.34 2.07 3.97
N MET A 18 -0.42 0.98 3.87
CA MET A 18 -1.04 0.37 5.02
C MET A 18 0.03 -0.23 5.92
N LEU A 19 1.19 -0.51 5.35
CA LEU A 19 2.30 -1.07 6.09
C LEU A 19 2.87 -0.04 7.07
N LEU A 20 2.89 1.21 6.63
CA LEU A 20 3.39 2.31 7.45
C LEU A 20 2.38 2.69 8.53
N HIS A 21 1.11 2.80 8.13
CA HIS A 21 0.04 3.14 9.06
C HIS A 21 -0.23 2.00 10.03
N PHE A 22 0.18 0.79 9.65
CA PHE A 22 0.00 -0.38 10.49
C PHE A 22 0.45 -0.11 11.92
N THR A 23 1.54 0.63 12.04
CA THR A 23 2.09 0.97 13.35
C THR A 23 1.17 1.93 14.10
N ILE A 24 0.60 2.88 13.37
CA ILE A 24 -0.32 3.86 13.95
C ILE A 24 -1.55 3.17 14.53
N GLN A 25 -2.02 2.15 13.84
CA GLN A 25 -3.19 1.39 14.26
C GLN A 25 -2.96 0.73 15.62
N GLN A 26 -1.84 0.05 15.75
CA GLN A 26 -1.50 -0.64 17.00
C GLN A 26 -1.28 0.35 18.13
N ARG A 27 -0.79 1.54 17.79
CA ARG A 27 -0.53 2.58 18.79
C ARG A 27 -1.81 3.14 19.37
N LYS A 28 -2.95 2.66 18.87
CA LYS A 28 -4.25 3.12 19.35
C LYS A 28 -4.68 2.31 20.57
N LYS A 29 -3.87 1.32 20.95
CA LYS A 29 -4.16 0.48 22.10
C LYS A 29 -5.52 -0.21 21.95
N LYS A 1 -7.76 -7.59 -21.84
CA LYS A 1 -7.68 -7.98 -20.41
C LYS A 1 -6.31 -7.62 -19.83
N LYS A 2 -5.45 -7.05 -20.67
CA LYS A 2 -4.11 -6.67 -20.23
C LYS A 2 -4.14 -5.37 -19.43
N LYS A 3 -5.30 -4.72 -19.42
CA LYS A 3 -5.47 -3.47 -18.69
C LYS A 3 -5.54 -3.71 -17.18
N LEU A 4 -5.83 -4.95 -16.80
CA LEU A 4 -5.91 -5.31 -15.39
C LEU A 4 -4.56 -5.20 -14.71
N GLY A 5 -3.50 -5.33 -15.50
CA GLY A 5 -2.15 -5.23 -14.95
C GLY A 5 -1.85 -3.85 -14.41
N PHE A 6 -2.63 -2.86 -14.85
CA PHE A 6 -2.45 -1.49 -14.39
C PHE A 6 -3.15 -1.26 -13.06
N PHE A 7 -4.38 -1.76 -12.96
CA PHE A 7 -5.17 -1.62 -11.73
C PHE A 7 -4.53 -2.42 -10.59
N LEU A 8 -3.69 -3.38 -10.96
CA LEU A 8 -3.02 -4.22 -9.97
C LEU A 8 -1.86 -3.47 -9.33
N VAL A 9 -1.19 -2.63 -10.12
CA VAL A 9 -0.06 -1.86 -9.63
C VAL A 9 -0.50 -0.92 -8.50
N THR A 10 -1.69 -0.36 -8.64
CA THR A 10 -2.22 0.55 -7.62
C THR A 10 -2.48 -0.19 -6.32
N PHE A 11 -2.70 -1.50 -6.42
CA PHE A 11 -2.98 -2.32 -5.26
C PHE A 11 -1.72 -2.48 -4.41
N LEU A 12 -0.56 -2.53 -5.06
CA LEU A 12 0.71 -2.67 -4.36
C LEU A 12 1.11 -1.36 -3.69
N PHE A 13 0.63 -0.26 -4.26
CA PHE A 13 0.93 1.06 -3.71
C PHE A 13 0.12 1.33 -2.45
N ILE A 14 -1.16 0.98 -2.50
CA ILE A 14 -2.05 1.17 -1.36
C ILE A 14 -1.70 0.21 -0.22
N TRP A 15 -1.31 -1.01 -0.59
CA TRP A 15 -0.95 -2.01 0.40
C TRP A 15 0.32 -1.61 1.14
N LEU A 16 1.24 -0.96 0.43
CA LEU A 16 2.49 -0.51 1.01
C LEU A 16 2.24 0.62 2.00
N MET A 17 1.28 1.49 1.68
CA MET A 17 0.95 2.61 2.55
C MET A 17 0.47 2.12 3.91
N MET A 18 -0.53 1.24 3.90
CA MET A 18 -1.08 0.68 5.11
C MET A 18 -0.01 -0.04 5.92
N LEU A 19 1.06 -0.45 5.25
CA LEU A 19 2.15 -1.16 5.92
C LEU A 19 2.90 -0.23 6.88
N LEU A 20 3.08 1.02 6.46
CA LEU A 20 3.77 2.00 7.28
C LEU A 20 2.92 2.43 8.48
N HIS A 21 1.63 2.63 8.24
CA HIS A 21 0.71 3.03 9.30
C HIS A 21 0.59 1.94 10.37
N PHE A 22 0.94 0.71 9.99
CA PHE A 22 0.87 -0.42 10.90
C PHE A 22 1.63 -0.15 12.19
N THR A 23 2.84 0.41 12.07
CA THR A 23 3.66 0.70 13.23
C THR A 23 3.23 1.99 13.92
N ILE A 24 2.74 2.95 13.13
CA ILE A 24 2.29 4.23 13.67
C ILE A 24 1.10 4.05 14.60
N GLN A 25 0.25 3.07 14.27
CA GLN A 25 -0.92 2.79 15.08
C GLN A 25 -0.54 2.15 16.40
N GLN A 26 0.27 1.10 16.33
CA GLN A 26 0.72 0.39 17.53
C GLN A 26 1.46 1.33 18.48
N ARG A 27 2.08 2.35 17.92
CA ARG A 27 2.84 3.33 18.71
C ARG A 27 1.92 4.10 19.65
N LYS A 28 0.79 4.57 19.12
CA LYS A 28 -0.17 5.32 19.92
C LYS A 28 -1.00 4.39 20.79
N LYS A 29 -0.72 3.10 20.69
CA LYS A 29 -1.43 2.09 21.48
C LYS A 29 -2.93 2.14 21.19
N LYS A 1 0.46 -4.71 -22.95
CA LYS A 1 -0.03 -4.68 -21.54
C LYS A 1 0.88 -3.82 -20.67
N LYS A 2 1.47 -2.80 -21.27
CA LYS A 2 2.36 -1.90 -20.55
C LYS A 2 1.58 -0.97 -19.64
N LYS A 3 0.50 -0.38 -20.18
CA LYS A 3 -0.34 0.52 -19.41
C LYS A 3 -1.12 -0.26 -18.35
N LEU A 4 -1.13 -1.58 -18.48
CA LEU A 4 -1.83 -2.44 -17.54
C LEU A 4 -0.99 -2.61 -16.27
N GLY A 5 0.28 -2.93 -16.43
CA GLY A 5 1.17 -3.13 -15.31
C GLY A 5 1.17 -1.94 -14.36
N PHE A 6 0.89 -0.76 -14.91
CA PHE A 6 0.86 0.46 -14.11
C PHE A 6 -0.20 0.36 -13.01
N PHE A 7 -1.42 0.03 -13.42
CA PHE A 7 -2.53 -0.11 -12.48
C PHE A 7 -2.21 -1.18 -11.43
N LEU A 8 -1.30 -2.09 -11.77
CA LEU A 8 -0.90 -3.15 -10.86
C LEU A 8 0.07 -2.62 -9.81
N VAL A 9 1.05 -1.83 -10.24
CA VAL A 9 2.02 -1.26 -9.32
C VAL A 9 1.34 -0.36 -8.31
N THR A 10 0.33 0.38 -8.76
CA THR A 10 -0.42 1.28 -7.88
C THR A 10 -1.21 0.49 -6.85
N PHE A 11 -1.49 -0.77 -7.15
CA PHE A 11 -2.23 -1.63 -6.23
C PHE A 11 -1.38 -1.96 -5.01
N LEU A 12 -0.14 -2.36 -5.25
CA LEU A 12 0.78 -2.69 -4.17
C LEU A 12 1.15 -1.42 -3.40
N PHE A 13 0.96 -0.28 -4.04
CA PHE A 13 1.25 1.00 -3.42
C PHE A 13 0.25 1.29 -2.30
N ILE A 14 -1.01 0.97 -2.56
CA ILE A 14 -2.06 1.19 -1.58
C ILE A 14 -1.89 0.27 -0.37
N TRP A 15 -1.61 -1.01 -0.64
CA TRP A 15 -1.41 -1.99 0.43
C TRP A 15 -0.16 -1.65 1.24
N LEU A 16 0.84 -1.12 0.57
CA LEU A 16 2.10 -0.75 1.22
C LEU A 16 1.88 0.46 2.13
N MET A 17 0.96 1.33 1.75
CA MET A 17 0.65 2.53 2.51
C MET A 17 0.22 2.16 3.93
N MET A 18 -0.48 1.04 4.05
CA MET A 18 -0.94 0.58 5.36
C MET A 18 0.22 -0.03 6.15
N LEU A 19 1.21 -0.53 5.44
CA LEU A 19 2.38 -1.12 6.07
C LEU A 19 3.27 -0.03 6.65
N LEU A 20 3.28 1.13 6.00
CA LEU A 20 4.08 2.26 6.46
C LEU A 20 3.46 2.91 7.68
N HIS A 21 2.17 3.22 7.58
CA HIS A 21 1.44 3.83 8.70
C HIS A 21 1.51 2.93 9.92
N PHE A 22 1.67 1.64 9.70
CA PHE A 22 1.76 0.66 10.77
C PHE A 22 2.99 0.92 11.64
N THR A 23 4.11 1.20 10.99
CA THR A 23 5.36 1.46 11.70
C THR A 23 5.38 2.86 12.29
N ILE A 24 4.75 3.80 11.60
CA ILE A 24 4.70 5.18 12.06
C ILE A 24 3.86 5.32 13.33
N GLN A 25 2.74 4.62 13.36
CA GLN A 25 1.85 4.65 14.51
C GLN A 25 2.50 4.01 15.73
N GLN A 26 3.12 2.85 15.54
CA GLN A 26 3.79 2.14 16.62
C GLN A 26 4.92 2.97 17.22
N ARG A 27 5.68 3.64 16.35
CA ARG A 27 6.80 4.46 16.80
C ARG A 27 6.32 5.81 17.33
N LYS A 28 5.06 6.12 17.08
CA LYS A 28 4.47 7.38 17.53
C LYS A 28 4.32 7.40 19.05
N LYS A 29 4.11 6.22 19.63
CA LYS A 29 3.95 6.09 21.08
C LYS A 29 2.74 6.88 21.57
N LYS A 1 4.68 -3.52 -23.09
CA LYS A 1 3.95 -2.31 -22.64
C LYS A 1 4.17 -2.06 -21.15
N LYS A 2 4.99 -1.07 -20.83
CA LYS A 2 5.28 -0.73 -19.44
C LYS A 2 4.12 0.03 -18.81
N LYS A 3 3.26 0.58 -19.66
CA LYS A 3 2.10 1.33 -19.18
C LYS A 3 1.26 0.52 -18.21
N LEU A 4 0.89 -0.69 -18.62
CA LEU A 4 0.10 -1.58 -17.78
C LEU A 4 0.87 -1.98 -16.53
N GLY A 5 2.19 -2.03 -16.65
CA GLY A 5 3.03 -2.39 -15.52
C GLY A 5 3.09 -1.30 -14.47
N PHE A 6 2.69 -0.09 -14.84
CA PHE A 6 2.71 1.04 -13.93
C PHE A 6 1.56 0.94 -12.93
N PHE A 7 0.40 0.51 -13.41
CA PHE A 7 -0.77 0.36 -12.57
C PHE A 7 -0.54 -0.72 -11.51
N LEU A 8 0.29 -1.69 -11.84
CA LEU A 8 0.62 -2.78 -10.92
C LEU A 8 1.35 -2.24 -9.70
N VAL A 9 2.06 -1.14 -9.88
CA VAL A 9 2.81 -0.51 -8.79
C VAL A 9 1.89 0.29 -7.87
N THR A 10 0.87 0.91 -8.46
CA THR A 10 -0.08 1.70 -7.68
C THR A 10 -0.99 0.79 -6.86
N PHE A 11 -1.14 -0.45 -7.32
CA PHE A 11 -1.98 -1.41 -6.63
C PHE A 11 -1.32 -1.88 -5.34
N LEU A 12 -0.02 -2.17 -5.41
CA LEU A 12 0.73 -2.61 -4.25
C LEU A 12 1.05 -1.43 -3.34
N PHE A 13 0.94 -0.23 -3.90
CA PHE A 13 1.20 0.99 -3.14
C PHE A 13 0.13 1.20 -2.08
N ILE A 14 -1.11 0.87 -2.43
CA ILE A 14 -2.22 1.01 -1.51
C ILE A 14 -2.03 0.10 -0.29
N TRP A 15 -1.48 -1.08 -0.52
CA TRP A 15 -1.23 -2.04 0.56
C TRP A 15 0.03 -1.67 1.32
N LEU A 16 1.01 -1.12 0.61
CA LEU A 16 2.28 -0.71 1.21
C LEU A 16 2.08 0.53 2.07
N MET A 17 1.06 1.31 1.75
CA MET A 17 0.75 2.53 2.48
C MET A 17 0.33 2.19 3.91
N MET A 18 -0.55 1.21 4.04
CA MET A 18 -1.04 0.78 5.35
C MET A 18 0.10 0.17 6.16
N LEU A 19 1.01 -0.51 5.48
CA LEU A 19 2.15 -1.14 6.13
C LEU A 19 3.15 -0.07 6.57
N LEU A 20 3.25 0.98 5.76
CA LEU A 20 4.15 2.09 6.06
C LEU A 20 3.73 2.81 7.33
N HIS A 21 2.45 3.14 7.43
CA HIS A 21 1.93 3.82 8.60
C HIS A 21 2.12 2.96 9.85
N PHE A 22 2.01 1.64 9.67
CA PHE A 22 2.18 0.71 10.76
C PHE A 22 3.58 0.80 11.37
N THR A 23 4.57 1.03 10.51
CA THR A 23 5.96 1.14 10.98
C THR A 23 6.24 2.53 11.53
N ILE A 24 5.63 3.54 10.92
CA ILE A 24 5.80 4.91 11.37
C ILE A 24 5.28 5.09 12.79
N GLN A 25 4.14 4.49 13.06
CA GLN A 25 3.53 4.55 14.38
C GLN A 25 4.41 3.85 15.40
N GLN A 26 4.99 2.73 15.00
CA GLN A 26 5.86 1.95 15.86
C GLN A 26 7.14 2.73 16.18
N ARG A 27 7.59 3.53 15.21
CA ARG A 27 8.79 4.33 15.36
C ARG A 27 8.71 5.22 16.60
N LYS A 28 7.49 5.59 16.98
CA LYS A 28 7.27 6.45 18.13
C LYS A 28 7.65 5.74 19.43
N LYS A 29 7.52 4.42 19.44
CA LYS A 29 7.85 3.62 20.62
C LYS A 29 7.81 2.12 20.29
N LYS A 1 -5.50 -11.16 -20.21
CA LYS A 1 -5.72 -10.50 -18.89
C LYS A 1 -4.53 -9.62 -18.51
N LYS A 2 -4.04 -8.85 -19.47
CA LYS A 2 -2.89 -7.98 -19.24
C LYS A 2 -3.31 -6.74 -18.44
N LYS A 3 -4.59 -6.41 -18.49
CA LYS A 3 -5.12 -5.26 -17.78
C LYS A 3 -5.06 -5.48 -16.28
N LEU A 4 -5.08 -6.75 -15.87
CA LEU A 4 -5.02 -7.10 -14.46
C LEU A 4 -3.72 -6.61 -13.83
N GLY A 5 -2.71 -6.42 -14.67
CA GLY A 5 -1.42 -5.96 -14.19
C GLY A 5 -1.46 -4.51 -13.75
N PHE A 6 -2.21 -3.69 -14.47
CA PHE A 6 -2.32 -2.27 -14.15
C PHE A 6 -3.10 -2.07 -12.85
N PHE A 7 -4.00 -3.00 -12.57
CA PHE A 7 -4.82 -2.94 -11.37
C PHE A 7 -4.05 -3.49 -10.17
N LEU A 8 -3.06 -4.33 -10.44
CA LEU A 8 -2.24 -4.92 -9.39
C LEU A 8 -1.19 -3.94 -8.87
N VAL A 9 -0.50 -3.28 -9.80
CA VAL A 9 0.53 -2.31 -9.45
C VAL A 9 0.00 -1.25 -8.49
N THR A 10 -1.26 -0.89 -8.67
CA THR A 10 -1.89 0.12 -7.82
C THR A 10 -2.24 -0.45 -6.45
N PHE A 11 -2.47 -1.76 -6.39
CA PHE A 11 -2.80 -2.43 -5.14
C PHE A 11 -1.57 -2.52 -4.24
N LEU A 12 -0.41 -2.78 -4.85
CA LEU A 12 0.83 -2.89 -4.10
C LEU A 12 1.26 -1.53 -3.55
N PHE A 13 0.78 -0.47 -4.21
CA PHE A 13 1.11 0.89 -3.79
C PHE A 13 0.27 1.29 -2.59
N ILE A 14 -1.03 1.03 -2.65
CA ILE A 14 -1.94 1.37 -1.57
C ILE A 14 -1.67 0.48 -0.36
N TRP A 15 -1.38 -0.80 -0.61
CA TRP A 15 -1.10 -1.75 0.45
C TRP A 15 0.16 -1.32 1.20
N LEU A 16 1.05 -0.62 0.50
CA LEU A 16 2.30 -0.15 1.08
C LEU A 16 2.00 0.92 2.13
N MET A 17 0.98 1.73 1.87
CA MET A 17 0.59 2.79 2.79
C MET A 17 0.13 2.21 4.12
N MET A 18 -0.55 1.07 4.06
CA MET A 18 -1.03 0.42 5.26
C MET A 18 0.12 -0.28 5.99
N LEU A 19 1.10 -0.74 5.23
CA LEU A 19 2.27 -1.40 5.80
C LEU A 19 3.13 -0.40 6.56
N LEU A 20 3.15 0.83 6.06
CA LEU A 20 3.93 1.89 6.68
C LEU A 20 3.24 2.40 7.94
N HIS A 21 1.92 2.57 7.88
CA HIS A 21 1.15 3.04 9.03
C HIS A 21 1.00 1.93 10.07
N PHE A 22 1.11 0.69 9.62
CA PHE A 22 1.00 -0.46 10.52
C PHE A 22 2.03 -0.39 11.63
N THR A 23 3.17 0.24 11.34
CA THR A 23 4.24 0.37 12.32
C THR A 23 3.92 1.47 13.32
N ILE A 24 3.16 2.48 12.86
CA ILE A 24 2.78 3.59 13.71
C ILE A 24 1.67 3.17 14.69
N GLN A 25 0.67 2.47 14.16
CA GLN A 25 -0.45 2.00 14.97
C GLN A 25 0.04 1.06 16.06
N GLN A 26 0.96 0.17 15.71
CA GLN A 26 1.51 -0.78 16.67
C GLN A 26 2.31 -0.04 17.74
N ARG A 27 2.92 1.08 17.35
CA ARG A 27 3.71 1.89 18.27
C ARG A 27 2.82 2.62 19.25
N LYS A 28 1.54 2.71 18.93
CA LYS A 28 0.56 3.38 19.78
C LYS A 28 0.35 2.62 21.09
N LYS A 29 0.85 1.38 21.12
CA LYS A 29 0.71 0.51 22.29
C LYS A 29 -0.63 0.69 22.99
N LYS A 1 -1.99 -0.54 -23.90
CA LYS A 1 -2.75 -0.99 -22.71
C LYS A 1 -1.97 -0.73 -21.44
N LYS A 2 -0.83 -0.07 -21.57
CA LYS A 2 0.02 0.25 -20.41
C LYS A 2 -0.75 1.11 -19.42
N LYS A 3 -1.67 1.91 -19.93
CA LYS A 3 -2.47 2.80 -19.09
C LYS A 3 -3.33 1.99 -18.12
N LEU A 4 -3.85 0.87 -18.60
CA LEU A 4 -4.69 0.01 -17.78
C LEU A 4 -3.87 -0.63 -16.65
N GLY A 5 -2.58 -0.84 -16.91
CA GLY A 5 -1.70 -1.42 -15.92
C GLY A 5 -1.32 -0.45 -14.83
N PHE A 6 -1.59 0.84 -15.07
CA PHE A 6 -1.28 1.88 -14.11
C PHE A 6 -2.04 1.67 -12.81
N PHE A 7 -3.21 1.06 -12.91
CA PHE A 7 -4.04 0.78 -11.74
C PHE A 7 -3.45 -0.36 -10.91
N LEU A 8 -2.59 -1.15 -11.54
CA LEU A 8 -1.95 -2.27 -10.86
C LEU A 8 -0.81 -1.80 -9.96
N VAL A 9 0.09 -1.00 -10.52
CA VAL A 9 1.22 -0.48 -9.77
C VAL A 9 0.75 0.33 -8.58
N THR A 10 -0.40 0.97 -8.71
CA THR A 10 -0.96 1.77 -7.64
C THR A 10 -1.57 0.89 -6.56
N PHE A 11 -1.97 -0.31 -6.94
CA PHE A 11 -2.56 -1.26 -6.00
C PHE A 11 -1.54 -1.72 -4.97
N LEU A 12 -0.37 -2.17 -5.45
CA LEU A 12 0.68 -2.64 -4.56
C LEU A 12 1.20 -1.50 -3.69
N PHE A 13 0.90 -0.27 -4.11
CA PHE A 13 1.32 0.91 -3.37
C PHE A 13 0.38 1.18 -2.21
N ILE A 14 -0.92 1.09 -2.47
CA ILE A 14 -1.92 1.32 -1.45
C ILE A 14 -1.81 0.27 -0.34
N TRP A 15 -1.55 -0.97 -0.73
CA TRP A 15 -1.40 -2.05 0.24
C TRP A 15 -0.19 -1.79 1.15
N LEU A 16 0.87 -1.27 0.56
CA LEU A 16 2.08 -0.96 1.30
C LEU A 16 1.88 0.26 2.20
N MET A 17 0.99 1.15 1.77
CA MET A 17 0.70 2.36 2.54
C MET A 17 0.21 2.00 3.94
N MET A 18 -0.45 0.85 4.06
CA MET A 18 -0.96 0.40 5.34
C MET A 18 0.19 0.03 6.27
N LEU A 19 1.26 -0.49 5.69
CA LEU A 19 2.42 -0.89 6.46
C LEU A 19 3.26 0.33 6.84
N LEU A 20 3.24 1.34 5.98
CA LEU A 20 3.97 2.58 6.23
C LEU A 20 3.40 3.31 7.45
N HIS A 21 2.09 3.33 7.55
CA HIS A 21 1.41 3.98 8.67
C HIS A 21 1.69 3.25 9.99
N PHE A 22 2.07 1.99 9.89
CA PHE A 22 2.36 1.18 11.07
C PHE A 22 3.48 1.80 11.90
N THR A 23 4.58 2.16 11.24
CA THR A 23 5.72 2.75 11.93
C THR A 23 5.41 4.17 12.40
N ILE A 24 4.46 4.82 11.73
CA ILE A 24 4.08 6.19 12.09
C ILE A 24 3.27 6.20 13.38
N GLN A 25 2.34 5.26 13.50
CA GLN A 25 1.49 5.17 14.68
C GLN A 25 2.32 4.86 15.92
N GLN A 26 3.17 3.85 15.81
CA GLN A 26 4.03 3.44 16.92
C GLN A 26 4.97 4.58 17.32
N ARG A 27 5.30 5.43 16.34
CA ARG A 27 6.18 6.57 16.58
C ARG A 27 5.58 7.53 17.60
N LYS A 28 4.27 7.77 17.48
CA LYS A 28 3.57 8.67 18.39
C LYS A 28 3.47 8.07 19.78
N LYS A 29 3.78 6.79 19.90
CA LYS A 29 3.73 6.08 21.18
C LYS A 29 2.32 6.17 21.79
N LYS A 1 -11.69 -1.97 -20.33
CA LYS A 1 -11.32 -2.14 -18.90
C LYS A 1 -9.91 -1.61 -18.65
N LYS A 2 -9.70 -0.33 -18.97
CA LYS A 2 -8.41 0.31 -18.77
C LYS A 2 -8.19 0.69 -17.32
N LYS A 3 -9.29 0.86 -16.58
CA LYS A 3 -9.22 1.23 -15.18
C LYS A 3 -8.75 0.05 -14.33
N LEU A 4 -8.83 -1.15 -14.90
CA LEU A 4 -8.43 -2.35 -14.19
C LEU A 4 -6.91 -2.39 -13.98
N GLY A 5 -6.16 -2.28 -15.07
CA GLY A 5 -4.70 -2.31 -14.97
C GLY A 5 -4.16 -1.27 -14.02
N PHE A 6 -4.62 -0.03 -14.16
CA PHE A 6 -4.17 1.05 -13.28
C PHE A 6 -4.52 0.75 -11.83
N PHE A 7 -5.73 0.25 -11.63
CA PHE A 7 -6.19 -0.09 -10.29
C PHE A 7 -5.31 -1.16 -9.65
N LEU A 8 -4.77 -2.05 -10.49
CA LEU A 8 -3.91 -3.13 -10.01
C LEU A 8 -2.57 -2.57 -9.53
N VAL A 9 -1.99 -1.68 -10.33
CA VAL A 9 -0.71 -1.08 -9.99
C VAL A 9 -0.82 -0.22 -8.73
N THR A 10 -1.92 0.51 -8.61
CA THR A 10 -2.15 1.37 -7.46
C THR A 10 -2.43 0.53 -6.22
N PHE A 11 -2.95 -0.67 -6.42
CA PHE A 11 -3.27 -1.56 -5.32
C PHE A 11 -2.00 -1.95 -4.56
N LEU A 12 -0.92 -2.18 -5.32
CA LEU A 12 0.36 -2.55 -4.71
C LEU A 12 0.93 -1.38 -3.92
N PHE A 13 0.56 -0.18 -4.32
CA PHE A 13 1.02 1.03 -3.64
C PHE A 13 0.25 1.25 -2.35
N ILE A 14 -1.05 1.00 -2.39
CA ILE A 14 -1.90 1.17 -1.22
C ILE A 14 -1.57 0.14 -0.14
N TRP A 15 -1.32 -1.10 -0.57
CA TRP A 15 -1.00 -2.17 0.36
C TRP A 15 0.28 -1.84 1.13
N LEU A 16 1.28 -1.32 0.42
CA LEU A 16 2.54 -0.95 1.02
C LEU A 16 2.39 0.28 1.92
N MET A 17 1.47 1.16 1.55
CA MET A 17 1.22 2.38 2.32
C MET A 17 0.58 2.03 3.66
N MET A 18 -0.20 0.95 3.66
CA MET A 18 -0.88 0.49 4.87
C MET A 18 0.13 0.00 5.89
N LEU A 19 1.32 -0.36 5.40
CA LEU A 19 2.38 -0.85 6.28
C LEU A 19 2.78 0.21 7.30
N LEU A 20 2.72 1.47 6.87
CA LEU A 20 3.06 2.59 7.74
C LEU A 20 1.99 2.78 8.80
N HIS A 21 0.73 2.67 8.39
CA HIS A 21 -0.40 2.82 9.31
C HIS A 21 -0.27 1.85 10.47
N PHE A 22 0.34 0.70 10.20
CA PHE A 22 0.53 -0.33 11.22
C PHE A 22 1.25 0.25 12.43
N THR A 23 2.28 1.05 12.18
CA THR A 23 3.05 1.68 13.24
C THR A 23 2.23 2.75 13.94
N ILE A 24 1.27 3.32 13.22
CA ILE A 24 0.41 4.36 13.77
C ILE A 24 -0.62 3.79 14.74
N GLN A 25 -1.07 2.57 14.45
CA GLN A 25 -2.06 1.90 15.30
C GLN A 25 -1.41 1.33 16.56
N GLN A 26 -0.19 0.82 16.42
CA GLN A 26 0.54 0.23 17.54
C GLN A 26 1.13 1.30 18.45
N ARG A 27 1.48 2.46 17.87
CA ARG A 27 2.05 3.55 18.65
C ARG A 27 1.04 4.12 19.64
N LYS A 28 -0.22 3.74 19.48
CA LYS A 28 -1.28 4.21 20.37
C LYS A 28 -1.57 3.20 21.47
N LYS A 29 -1.81 1.96 21.06
CA LYS A 29 -2.10 0.88 21.99
C LYS A 29 -1.30 -0.37 21.67
N LYS A 1 -2.13 -6.47 -22.17
CA LYS A 1 -2.74 -5.11 -22.02
C LYS A 1 -1.99 -4.31 -20.96
N LYS A 2 -1.72 -3.04 -21.28
CA LYS A 2 -1.01 -2.16 -20.36
C LYS A 2 -1.96 -1.56 -19.32
N LYS A 3 -3.26 -1.73 -19.55
CA LYS A 3 -4.27 -1.22 -18.64
C LYS A 3 -4.32 -2.04 -17.36
N LEU A 4 -4.50 -3.35 -17.50
CA LEU A 4 -4.55 -4.26 -16.37
C LEU A 4 -3.28 -4.17 -15.53
N GLY A 5 -2.14 -4.20 -16.19
CA GLY A 5 -0.86 -4.13 -15.50
C GLY A 5 -0.73 -2.88 -14.64
N PHE A 6 -1.26 -1.77 -15.13
CA PHE A 6 -1.20 -0.50 -14.39
C PHE A 6 -2.11 -0.53 -13.17
N PHE A 7 -3.27 -1.15 -13.34
CA PHE A 7 -4.24 -1.26 -12.25
C PHE A 7 -3.71 -2.18 -11.14
N LEU A 8 -2.81 -3.07 -11.51
CA LEU A 8 -2.22 -4.01 -10.56
C LEU A 8 -1.13 -3.33 -9.72
N VAL A 9 -0.32 -2.50 -10.37
CA VAL A 9 0.77 -1.81 -9.68
C VAL A 9 0.20 -0.78 -8.69
N THR A 10 -0.88 -0.11 -9.09
CA THR A 10 -1.51 0.88 -8.22
C THR A 10 -2.06 0.24 -6.96
N PHE A 11 -2.31 -1.06 -7.02
CA PHE A 11 -2.85 -1.79 -5.88
C PHE A 11 -1.75 -2.06 -4.85
N LEU A 12 -0.58 -2.49 -5.32
CA LEU A 12 0.54 -2.78 -4.43
C LEU A 12 1.00 -1.51 -3.71
N PHE A 13 0.71 -0.36 -4.32
CA PHE A 13 1.08 0.92 -3.74
C PHE A 13 0.24 1.21 -2.49
N ILE A 14 -1.06 0.94 -2.58
CA ILE A 14 -1.96 1.17 -1.47
C ILE A 14 -1.66 0.23 -0.30
N TRP A 15 -1.31 -1.01 -0.62
CA TRP A 15 -0.98 -2.01 0.39
C TRP A 15 0.23 -1.58 1.20
N LEU A 16 1.19 -0.95 0.52
CA LEU A 16 2.42 -0.48 1.17
C LEU A 16 2.13 0.68 2.13
N MET A 17 1.14 1.48 1.80
CA MET A 17 0.77 2.62 2.64
C MET A 17 0.27 2.16 4.00
N MET A 18 -0.52 1.08 3.99
CA MET A 18 -1.06 0.54 5.23
C MET A 18 0.05 -0.10 6.07
N LEU A 19 1.13 -0.48 5.41
CA LEU A 19 2.26 -1.10 6.08
C LEU A 19 3.00 -0.09 6.94
N LEU A 20 3.22 1.10 6.40
CA LEU A 20 3.92 2.17 7.12
C LEU A 20 3.03 2.76 8.21
N HIS A 21 1.79 3.09 7.86
CA HIS A 21 0.85 3.66 8.81
C HIS A 21 0.62 2.72 10.00
N PHE A 22 0.77 1.43 9.75
CA PHE A 22 0.59 0.43 10.81
C PHE A 22 1.49 0.72 11.99
N THR A 23 2.78 0.84 11.73
CA THR A 23 3.76 1.11 12.78
C THR A 23 3.53 2.48 13.43
N ILE A 24 3.00 3.41 12.65
CA ILE A 24 2.73 4.76 13.15
C ILE A 24 1.54 4.75 14.11
N GLN A 25 0.55 3.93 13.82
CA GLN A 25 -0.64 3.83 14.65
C GLN A 25 -0.31 3.28 16.03
N GLN A 26 0.50 2.23 16.06
CA GLN A 26 0.90 1.61 17.33
C GLN A 26 1.80 2.56 18.13
N ARG A 27 2.65 3.30 17.44
CA ARG A 27 3.54 4.24 18.09
C ARG A 27 2.84 5.56 18.38
N LYS A 28 1.58 5.66 17.93
CA LYS A 28 0.79 6.86 18.13
C LYS A 28 0.39 7.01 19.60
N LYS A 29 -0.01 5.90 20.21
CA LYS A 29 -0.43 5.90 21.61
C LYS A 29 0.03 4.62 22.30
N LYS A 1 -11.95 -7.73 -16.76
CA LYS A 1 -11.66 -6.81 -17.88
C LYS A 1 -10.28 -6.19 -17.73
N LYS A 2 -10.02 -5.15 -18.52
CA LYS A 2 -8.73 -4.46 -18.47
C LYS A 2 -8.64 -3.54 -17.25
N LYS A 3 -9.80 -3.19 -16.69
CA LYS A 3 -9.85 -2.32 -15.53
C LYS A 3 -9.17 -2.96 -14.33
N LEU A 4 -9.07 -4.28 -14.34
CA LEU A 4 -8.44 -5.01 -13.24
C LEU A 4 -6.94 -4.73 -13.20
N GLY A 5 -6.37 -4.34 -14.34
CA GLY A 5 -4.95 -4.04 -14.39
C GLY A 5 -4.57 -2.81 -13.58
N PHE A 6 -5.24 -1.70 -13.84
CA PHE A 6 -4.97 -0.46 -13.12
C PHE A 6 -5.28 -0.61 -11.64
N PHE A 7 -6.25 -1.45 -11.34
CA PHE A 7 -6.66 -1.69 -9.96
C PHE A 7 -5.59 -2.49 -9.21
N LEU A 8 -4.87 -3.33 -9.95
CA LEU A 8 -3.82 -4.17 -9.37
C LEU A 8 -2.62 -3.33 -8.98
N VAL A 9 -2.20 -2.44 -9.88
CA VAL A 9 -1.05 -1.58 -9.62
C VAL A 9 -1.32 -0.66 -8.44
N THR A 10 -2.54 -0.15 -8.36
CA THR A 10 -2.93 0.73 -7.26
C THR A 10 -2.96 -0.02 -5.94
N PHE A 11 -3.34 -1.30 -6.01
CA PHE A 11 -3.41 -2.15 -4.83
C PHE A 11 -2.01 -2.42 -4.28
N LEU A 12 -1.05 -2.56 -5.20
CA LEU A 12 0.34 -2.82 -4.83
C LEU A 12 0.97 -1.57 -4.21
N PHE A 13 0.42 -0.42 -4.54
CA PHE A 13 0.93 0.86 -4.03
C PHE A 13 0.34 1.17 -2.66
N ILE A 14 -0.98 1.01 -2.54
CA ILE A 14 -1.67 1.29 -1.28
C ILE A 14 -1.28 0.28 -0.21
N TRP A 15 -0.94 -0.93 -0.64
CA TRP A 15 -0.55 -1.99 0.29
C TRP A 15 0.62 -1.54 1.18
N LEU A 16 1.52 -0.75 0.61
CA LEU A 16 2.68 -0.26 1.35
C LEU A 16 2.30 0.91 2.25
N MET A 17 1.20 1.59 1.91
CA MET A 17 0.74 2.72 2.71
C MET A 17 0.13 2.24 4.01
N MET A 18 -0.51 1.07 3.97
CA MET A 18 -1.13 0.50 5.15
C MET A 18 -0.07 -0.12 6.06
N LEU A 19 0.99 -0.65 5.45
CA LEU A 19 2.07 -1.26 6.21
C LEU A 19 2.81 -0.18 7.01
N LEU A 20 2.96 1.00 6.41
CA LEU A 20 3.62 2.11 7.05
C LEU A 20 2.69 2.79 8.05
N HIS A 21 1.43 2.96 7.65
CA HIS A 21 0.43 3.59 8.51
C HIS A 21 0.24 2.78 9.79
N PHE A 22 0.63 1.51 9.73
CA PHE A 22 0.50 0.61 10.87
C PHE A 22 1.06 1.24 12.15
N THR A 23 2.32 1.65 12.10
CA THR A 23 2.96 2.26 13.25
C THR A 23 2.23 3.52 13.70
N ILE A 24 1.57 4.18 12.76
CA ILE A 24 0.82 5.40 13.05
C ILE A 24 -0.50 5.05 13.73
N GLN A 25 -1.08 3.93 13.36
CA GLN A 25 -2.36 3.49 13.93
C GLN A 25 -2.23 3.25 15.43
N GLN A 26 -1.18 2.52 15.82
CA GLN A 26 -0.94 2.22 17.23
C GLN A 26 -0.54 3.48 17.99
N ARG A 27 -0.01 4.47 17.26
CA ARG A 27 0.42 5.72 17.87
C ARG A 27 -0.77 6.51 18.42
N LYS A 28 -1.75 6.77 17.57
CA LYS A 28 -2.94 7.53 17.95
C LYS A 28 -3.73 6.80 19.05
N LYS A 29 -3.36 5.56 19.33
CA LYS A 29 -4.04 4.78 20.35
C LYS A 29 -3.48 5.09 21.74
N LYS A 1 -0.99 0.01 -23.84
CA LYS A 1 -1.53 -0.81 -22.73
C LYS A 1 -0.68 -0.65 -21.47
N LYS A 2 0.13 0.41 -21.44
CA LYS A 2 0.98 0.67 -20.30
C LYS A 2 0.16 1.08 -19.07
N LYS A 3 -1.01 1.63 -19.33
CA LYS A 3 -1.91 2.07 -18.26
C LYS A 3 -2.55 0.86 -17.57
N LEU A 4 -2.45 -0.30 -18.21
CA LEU A 4 -3.02 -1.53 -17.66
C LEU A 4 -2.20 -2.01 -16.46
N GLY A 5 -0.91 -2.22 -16.68
CA GLY A 5 -0.04 -2.69 -15.62
C GLY A 5 0.02 -1.73 -14.45
N PHE A 6 -0.43 -0.49 -14.67
CA PHE A 6 -0.42 0.52 -13.63
C PHE A 6 -1.36 0.14 -12.48
N PHE A 7 -2.51 -0.42 -12.83
CA PHE A 7 -3.49 -0.84 -11.84
C PHE A 7 -2.90 -1.88 -10.90
N LEU A 8 -2.01 -2.72 -11.41
CA LEU A 8 -1.37 -3.75 -10.60
C LEU A 8 -0.41 -3.14 -9.59
N VAL A 9 0.45 -2.24 -10.06
CA VAL A 9 1.41 -1.57 -9.20
C VAL A 9 0.71 -0.71 -8.15
N THR A 10 -0.37 -0.04 -8.58
CA THR A 10 -1.14 0.81 -7.68
C THR A 10 -1.64 0.03 -6.48
N PHE A 11 -2.03 -1.22 -6.73
CA PHE A 11 -2.51 -2.10 -5.66
C PHE A 11 -1.41 -2.37 -4.65
N LEU A 12 -0.18 -2.43 -5.14
CA LEU A 12 0.97 -2.68 -4.30
C LEU A 12 1.36 -1.43 -3.52
N PHE A 13 0.91 -0.27 -4.02
CA PHE A 13 1.20 1.01 -3.39
C PHE A 13 0.22 1.28 -2.25
N ILE A 14 -1.06 1.03 -2.52
CA ILE A 14 -2.10 1.24 -1.52
C ILE A 14 -1.92 0.31 -0.33
N TRP A 15 -1.55 -0.94 -0.62
CA TRP A 15 -1.33 -1.93 0.43
C TRP A 15 -0.07 -1.59 1.23
N LEU A 16 0.89 -0.97 0.55
CA LEU A 16 2.15 -0.58 1.18
C LEU A 16 1.94 0.62 2.11
N MET A 17 0.95 1.45 1.76
CA MET A 17 0.64 2.63 2.54
C MET A 17 0.24 2.25 3.97
N MET A 18 -0.50 1.15 4.09
CA MET A 18 -0.93 0.67 5.39
C MET A 18 0.23 0.06 6.16
N LEU A 19 1.09 -0.66 5.45
CA LEU A 19 2.25 -1.30 6.06
C LEU A 19 3.23 -0.23 6.52
N LEU A 20 3.18 0.93 5.87
CA LEU A 20 4.05 2.05 6.21
C LEU A 20 3.56 2.75 7.46
N HIS A 21 2.31 3.24 7.41
CA HIS A 21 1.72 3.93 8.54
C HIS A 21 1.69 3.04 9.78
N PHE A 22 1.69 1.73 9.55
CA PHE A 22 1.66 0.76 10.65
C PHE A 22 2.82 0.99 11.61
N THR A 23 4.05 0.86 11.10
CA THR A 23 5.23 1.04 11.93
C THR A 23 5.27 2.45 12.52
N ILE A 24 4.70 3.41 11.79
CA ILE A 24 4.68 4.79 12.24
C ILE A 24 3.81 4.94 13.49
N GLN A 25 2.68 4.25 13.50
CA GLN A 25 1.75 4.30 14.62
C GLN A 25 2.44 3.86 15.92
N GLN A 26 3.05 2.69 15.90
CA GLN A 26 3.74 2.16 17.07
C GLN A 26 4.88 3.09 17.50
N ARG A 27 5.53 3.71 16.52
CA ARG A 27 6.64 4.62 16.80
C ARG A 27 6.15 5.93 17.40
N LYS A 28 4.87 6.22 17.20
CA LYS A 28 4.27 7.44 17.72
C LYS A 28 3.78 7.25 19.16
N LYS A 29 3.87 6.02 19.64
CA LYS A 29 3.44 5.68 20.99
C LYS A 29 4.43 4.74 21.65
N LYS A 1 -1.07 -10.18 -21.00
CA LYS A 1 -1.55 -9.76 -19.65
C LYS A 1 -0.61 -8.74 -19.03
N LYS A 2 0.09 -7.99 -19.87
CA LYS A 2 1.02 -6.97 -19.40
C LYS A 2 0.28 -5.70 -18.99
N LYS A 3 -0.96 -5.58 -19.46
CA LYS A 3 -1.78 -4.41 -19.14
C LYS A 3 -2.24 -4.44 -17.69
N LEU A 4 -2.52 -5.64 -17.18
CA LEU A 4 -2.97 -5.80 -15.80
C LEU A 4 -1.87 -5.41 -14.82
N GLY A 5 -0.63 -5.39 -15.30
CA GLY A 5 0.49 -5.03 -14.46
C GLY A 5 0.30 -3.67 -13.80
N PHE A 6 -0.32 -2.75 -14.52
CA PHE A 6 -0.57 -1.41 -14.00
C PHE A 6 -1.58 -1.46 -12.86
N PHE A 7 -2.48 -2.44 -12.93
CA PHE A 7 -3.50 -2.61 -11.90
C PHE A 7 -2.90 -3.19 -10.63
N LEU A 8 -1.84 -3.98 -10.79
CA LEU A 8 -1.17 -4.61 -9.66
C LEU A 8 -0.23 -3.64 -8.96
N VAL A 9 0.59 -2.92 -9.74
CA VAL A 9 1.53 -1.96 -9.17
C VAL A 9 0.81 -0.93 -8.30
N THR A 10 -0.44 -0.64 -8.64
CA THR A 10 -1.23 0.31 -7.88
C THR A 10 -1.76 -0.32 -6.60
N PHE A 11 -2.22 -1.56 -6.71
CA PHE A 11 -2.75 -2.28 -5.57
C PHE A 11 -1.65 -2.55 -4.54
N LEU A 12 -0.41 -2.60 -5.03
CA LEU A 12 0.73 -2.83 -4.16
C LEU A 12 1.18 -1.54 -3.50
N PHE A 13 0.97 -0.42 -4.19
CA PHE A 13 1.34 0.88 -3.67
C PHE A 13 0.39 1.30 -2.55
N ILE A 14 -0.90 1.09 -2.76
CA ILE A 14 -1.90 1.45 -1.77
C ILE A 14 -1.77 0.56 -0.54
N TRP A 15 -1.50 -0.73 -0.76
CA TRP A 15 -1.33 -1.66 0.34
C TRP A 15 -0.09 -1.32 1.15
N LEU A 16 0.92 -0.80 0.47
CA LEU A 16 2.17 -0.41 1.12
C LEU A 16 1.92 0.70 2.14
N MET A 17 0.85 1.46 1.92
CA MET A 17 0.52 2.55 2.83
C MET A 17 0.16 2.01 4.20
N MET A 18 -0.56 0.90 4.22
CA MET A 18 -0.95 0.26 5.48
C MET A 18 0.28 -0.24 6.22
N LEU A 19 1.25 -0.76 5.46
CA LEU A 19 2.49 -1.26 6.06
C LEU A 19 3.25 -0.10 6.66
N LEU A 20 3.18 1.06 5.99
CA LEU A 20 3.85 2.26 6.47
C LEU A 20 3.23 2.73 7.78
N HIS A 21 1.90 2.66 7.84
CA HIS A 21 1.17 3.05 9.04
C HIS A 21 1.71 2.27 10.24
N PHE A 22 2.04 1.01 10.02
CA PHE A 22 2.57 0.15 11.06
C PHE A 22 3.84 0.78 11.65
N THR A 23 4.67 1.32 10.78
CA THR A 23 5.91 1.96 11.20
C THR A 23 5.64 3.24 11.97
N ILE A 24 4.56 3.94 11.61
CA ILE A 24 4.20 5.18 12.28
C ILE A 24 3.72 4.91 13.71
N GLN A 25 2.99 3.82 13.88
CA GLN A 25 2.49 3.43 15.19
C GLN A 25 3.63 3.19 16.16
N GLN A 26 4.63 2.44 15.71
CA GLN A 26 5.79 2.14 16.53
C GLN A 26 6.67 3.38 16.72
N ARG A 27 6.69 4.23 15.70
CA ARG A 27 7.49 5.46 15.75
C ARG A 27 7.11 6.30 16.95
N LYS A 28 5.87 6.75 16.99
CA LYS A 28 5.37 7.57 18.09
C LYS A 28 5.30 6.78 19.39
N LYS A 29 5.55 5.47 19.28
CA LYS A 29 5.53 4.58 20.44
C LYS A 29 4.15 4.59 21.11
N LYS A 1 -7.08 -9.38 -18.22
CA LYS A 1 -6.12 -8.97 -19.27
C LYS A 1 -5.21 -7.84 -18.76
N LYS A 2 -4.65 -7.07 -19.68
CA LYS A 2 -3.76 -5.96 -19.34
C LYS A 2 -4.41 -5.04 -18.31
N LYS A 3 -5.74 -4.95 -18.35
CA LYS A 3 -6.47 -4.10 -17.42
C LYS A 3 -6.19 -4.49 -15.97
N LEU A 4 -6.29 -5.78 -15.68
CA LEU A 4 -6.05 -6.29 -14.33
C LEU A 4 -4.62 -6.00 -13.89
N GLY A 5 -3.70 -5.93 -14.86
CA GLY A 5 -2.30 -5.66 -14.54
C GLY A 5 -2.12 -4.34 -13.84
N PHE A 6 -2.78 -3.29 -14.34
CA PHE A 6 -2.68 -1.97 -13.76
C PHE A 6 -3.28 -1.95 -12.36
N PHE A 7 -4.38 -2.69 -12.19
CA PHE A 7 -5.06 -2.77 -10.91
C PHE A 7 -4.15 -3.39 -9.84
N LEU A 8 -3.20 -4.21 -10.28
CA LEU A 8 -2.28 -4.86 -9.37
C LEU A 8 -1.21 -3.88 -8.87
N VAL A 9 -0.65 -3.10 -9.79
CA VAL A 9 0.37 -2.13 -9.44
C VAL A 9 -0.17 -1.12 -8.43
N THR A 10 -1.42 -0.70 -8.63
CA THR A 10 -2.05 0.25 -7.73
C THR A 10 -2.30 -0.37 -6.36
N PHE A 11 -2.66 -1.65 -6.36
CA PHE A 11 -2.92 -2.37 -5.13
C PHE A 11 -1.65 -2.49 -4.30
N LEU A 12 -0.52 -2.61 -4.99
CA LEU A 12 0.77 -2.74 -4.33
C LEU A 12 1.18 -1.42 -3.68
N PHE A 13 0.66 -0.33 -4.22
CA PHE A 13 0.95 1.00 -3.70
C PHE A 13 0.12 1.30 -2.45
N ILE A 14 -1.17 0.97 -2.54
CA ILE A 14 -2.07 1.18 -1.42
C ILE A 14 -1.73 0.26 -0.25
N TRP A 15 -1.37 -0.97 -0.56
CA TRP A 15 -1.01 -1.95 0.46
C TRP A 15 0.25 -1.49 1.21
N LEU A 16 1.16 -0.87 0.48
CA LEU A 16 2.40 -0.37 1.05
C LEU A 16 2.13 0.79 2.00
N MET A 17 1.19 1.65 1.63
CA MET A 17 0.82 2.79 2.43
C MET A 17 0.28 2.35 3.80
N MET A 18 -0.35 1.19 3.82
CA MET A 18 -0.92 0.66 5.04
C MET A 18 0.14 -0.08 5.87
N LEU A 19 1.17 -0.57 5.19
CA LEU A 19 2.25 -1.28 5.87
C LEU A 19 2.93 -0.38 6.90
N LEU A 20 3.10 0.88 6.53
CA LEU A 20 3.72 1.85 7.42
C LEU A 20 2.78 2.20 8.57
N HIS A 21 1.48 2.25 8.29
CA HIS A 21 0.48 2.55 9.30
C HIS A 21 0.42 1.46 10.36
N PHE A 22 0.91 0.28 9.99
CA PHE A 22 0.92 -0.87 10.90
C PHE A 22 1.56 -0.49 12.24
N THR A 23 2.60 0.33 12.17
CA THR A 23 3.32 0.76 13.37
C THR A 23 2.41 1.59 14.27
N ILE A 24 1.57 2.44 13.66
CA ILE A 24 0.66 3.29 14.41
C ILE A 24 -0.44 2.46 15.06
N GLN A 25 -0.93 1.46 14.34
CA GLN A 25 -1.99 0.58 14.85
C GLN A 25 -1.53 -0.12 16.12
N GLN A 26 -0.32 -0.65 16.09
CA GLN A 26 0.24 -1.36 17.25
C GLN A 26 0.32 -0.43 18.46
N ARG A 27 0.59 0.85 18.20
CA ARG A 27 0.70 1.83 19.27
C ARG A 27 -0.66 2.20 19.83
N LYS A 28 -1.72 1.81 19.14
CA LYS A 28 -3.08 2.10 19.56
C LYS A 28 -3.71 0.91 20.26
N LYS A 29 -2.93 -0.16 20.42
CA LYS A 29 -3.41 -1.37 21.09
C LYS A 29 -2.59 -1.68 22.33
N LYS A 1 -4.00 -6.32 -22.22
CA LYS A 1 -3.30 -7.06 -21.13
C LYS A 1 -2.30 -6.15 -20.42
N LYS A 2 -1.96 -5.04 -21.05
CA LYS A 2 -1.01 -4.08 -20.48
C LYS A 2 -1.71 -3.17 -19.47
N LYS A 3 -3.04 -3.18 -19.50
CA LYS A 3 -3.83 -2.36 -18.58
C LYS A 3 -3.90 -2.99 -17.20
N LEU A 4 -3.72 -4.30 -17.15
CA LEU A 4 -3.75 -5.04 -15.89
C LEU A 4 -2.50 -4.76 -15.06
N GLY A 5 -1.41 -4.44 -15.74
CA GLY A 5 -0.17 -4.15 -15.04
C GLY A 5 -0.19 -2.83 -14.30
N PHE A 6 -1.17 -1.99 -14.60
CA PHE A 6 -1.31 -0.69 -13.95
C PHE A 6 -2.10 -0.82 -12.65
N PHE A 7 -3.15 -1.64 -12.68
CA PHE A 7 -3.97 -1.85 -11.50
C PHE A 7 -3.22 -2.64 -10.44
N LEU A 8 -2.15 -3.32 -10.87
CA LEU A 8 -1.33 -4.11 -9.97
C LEU A 8 -0.41 -3.23 -9.15
N VAL A 9 0.40 -2.43 -9.85
CA VAL A 9 1.35 -1.53 -9.19
C VAL A 9 0.63 -0.62 -8.20
N THR A 10 -0.57 -0.20 -8.57
CA THR A 10 -1.37 0.67 -7.72
C THR A 10 -1.84 -0.08 -6.48
N PHE A 11 -2.16 -1.35 -6.67
CA PHE A 11 -2.61 -2.20 -5.56
C PHE A 11 -1.47 -2.46 -4.59
N LEU A 12 -0.25 -2.47 -5.12
CA LEU A 12 0.94 -2.70 -4.32
C LEU A 12 1.35 -1.41 -3.60
N PHE A 13 0.84 -0.29 -4.10
CA PHE A 13 1.15 1.01 -3.51
C PHE A 13 0.22 1.30 -2.34
N ILE A 14 -1.07 1.00 -2.52
CA ILE A 14 -2.05 1.21 -1.47
C ILE A 14 -1.79 0.29 -0.28
N TRP A 15 -1.52 -0.98 -0.59
CA TRP A 15 -1.23 -1.96 0.45
C TRP A 15 0.05 -1.60 1.19
N LEU A 16 0.95 -0.92 0.47
CA LEU A 16 2.23 -0.51 1.05
C LEU A 16 2.03 0.63 2.03
N MET A 17 0.98 1.43 1.80
CA MET A 17 0.68 2.57 2.66
C MET A 17 0.36 2.10 4.07
N MET A 18 -0.67 1.28 4.20
CA MET A 18 -1.07 0.75 5.50
C MET A 18 0.09 -0.01 6.15
N LEU A 19 1.02 -0.48 5.33
CA LEU A 19 2.18 -1.21 5.82
C LEU A 19 3.13 -0.24 6.51
N LEU A 20 3.24 0.96 5.95
CA LEU A 20 4.11 1.99 6.51
C LEU A 20 3.66 2.39 7.91
N HIS A 21 2.34 2.44 8.10
CA HIS A 21 1.78 2.81 9.39
C HIS A 21 1.90 1.66 10.39
N PHE A 22 1.88 0.44 9.88
CA PHE A 22 2.01 -0.75 10.71
C PHE A 22 3.26 -0.70 11.56
N THR A 23 4.39 -0.39 10.94
CA THR A 23 5.67 -0.31 11.66
C THR A 23 5.67 0.88 12.62
N ILE A 24 4.88 1.89 12.30
CA ILE A 24 4.78 3.09 13.14
C ILE A 24 4.06 2.77 14.45
N GLN A 25 3.06 1.90 14.35
CA GLN A 25 2.27 1.50 15.51
C GLN A 25 3.15 0.79 16.54
N GLN A 26 4.02 -0.09 16.06
CA GLN A 26 4.91 -0.82 16.94
C GLN A 26 5.88 0.13 17.63
N ARG A 27 6.27 1.19 16.93
CA ARG A 27 7.18 2.17 17.48
C ARG A 27 6.46 3.14 18.41
N LYS A 28 5.14 3.11 18.36
CA LYS A 28 4.32 3.98 19.20
C LYS A 28 4.47 3.60 20.67
N LYS A 29 4.78 2.35 20.93
CA LYS A 29 4.96 1.86 22.29
C LYS A 29 5.64 0.48 22.30
N LYS A 1 -2.91 -4.71 -23.09
CA LYS A 1 -2.78 -5.24 -21.71
C LYS A 1 -1.86 -4.34 -20.87
N LYS A 2 -1.16 -3.44 -21.53
CA LYS A 2 -0.25 -2.53 -20.84
C LYS A 2 -1.01 -1.66 -19.84
N LYS A 3 -2.31 -1.50 -20.06
CA LYS A 3 -3.14 -0.70 -19.17
C LYS A 3 -3.48 -1.46 -17.89
N LEU A 4 -3.45 -2.78 -17.97
CA LEU A 4 -3.74 -3.63 -16.82
C LEU A 4 -2.58 -3.66 -15.84
N GLY A 5 -1.38 -3.95 -16.36
CA GLY A 5 -0.20 -4.00 -15.52
C GLY A 5 0.07 -2.71 -14.77
N PHE A 6 -0.58 -1.64 -15.20
CA PHE A 6 -0.42 -0.34 -14.56
C PHE A 6 -1.29 -0.23 -13.31
N PHE A 7 -2.51 -0.75 -13.40
CA PHE A 7 -3.44 -0.72 -12.28
C PHE A 7 -2.97 -1.61 -11.15
N LEU A 8 -2.35 -2.74 -11.49
CA LEU A 8 -1.84 -3.69 -10.50
C LEU A 8 -0.86 -3.00 -9.56
N VAL A 9 -0.15 -2.01 -10.10
CA VAL A 9 0.84 -1.26 -9.33
C VAL A 9 0.18 -0.46 -8.21
N THR A 10 -1.01 0.08 -8.49
CA THR A 10 -1.74 0.88 -7.51
C THR A 10 -2.07 0.05 -6.27
N PHE A 11 -2.48 -1.19 -6.49
CA PHE A 11 -2.83 -2.08 -5.39
C PHE A 11 -1.64 -2.33 -4.47
N LEU A 12 -0.44 -2.31 -5.04
CA LEU A 12 0.78 -2.53 -4.26
C LEU A 12 1.16 -1.27 -3.50
N PHE A 13 0.75 -0.12 -4.02
CA PHE A 13 1.02 1.16 -3.38
C PHE A 13 0.12 1.36 -2.18
N ILE A 14 -1.15 1.01 -2.33
CA ILE A 14 -2.11 1.16 -1.24
C ILE A 14 -1.83 0.14 -0.14
N TRP A 15 -1.40 -1.06 -0.54
CA TRP A 15 -1.09 -2.11 0.41
C TRP A 15 0.16 -1.77 1.20
N LEU A 16 1.13 -1.18 0.52
CA LEU A 16 2.39 -0.79 1.15
C LEU A 16 2.19 0.43 2.05
N MET A 17 1.35 1.36 1.59
CA MET A 17 1.08 2.57 2.36
C MET A 17 0.42 2.20 3.68
N MET A 18 -0.36 1.12 3.67
CA MET A 18 -1.04 0.65 4.86
C MET A 18 -0.04 -0.02 5.80
N LEU A 19 1.07 -0.47 5.22
CA LEU A 19 2.12 -1.12 6.00
C LEU A 19 2.89 -0.07 6.80
N LEU A 20 3.09 1.10 6.19
CA LEU A 20 3.79 2.19 6.85
C LEU A 20 3.03 2.63 8.08
N HIS A 21 1.70 2.72 7.96
CA HIS A 21 0.85 3.11 9.06
C HIS A 21 0.65 1.94 10.02
N PHE A 22 0.75 0.72 9.49
CA PHE A 22 0.58 -0.48 10.29
C PHE A 22 1.62 -0.53 11.42
N THR A 23 2.77 0.08 11.18
CA THR A 23 3.84 0.11 12.18
C THR A 23 3.59 1.23 13.19
N ILE A 24 2.94 2.28 12.73
CA ILE A 24 2.64 3.42 13.59
C ILE A 24 1.51 3.06 14.57
N GLN A 25 0.52 2.33 14.09
CA GLN A 25 -0.61 1.92 14.91
C GLN A 25 -0.13 1.10 16.11
N GLN A 26 0.68 0.08 15.84
CA GLN A 26 1.20 -0.77 16.89
C GLN A 26 2.11 0.03 17.83
N ARG A 27 2.79 1.02 17.27
CA ARG A 27 3.69 1.87 18.04
C ARG A 27 2.93 2.59 19.14
N LYS A 28 1.67 2.92 18.86
CA LYS A 28 0.82 3.62 19.82
C LYS A 28 0.37 2.69 20.93
N LYS A 29 -0.27 1.59 20.54
CA LYS A 29 -0.76 0.61 21.49
C LYS A 29 -0.47 -0.82 21.04
N LYS A 1 -7.33 -6.73 -19.80
CA LYS A 1 -6.94 -6.23 -18.46
C LYS A 1 -6.13 -4.94 -18.58
N LYS A 2 -6.55 -4.05 -19.49
CA LYS A 2 -5.86 -2.79 -19.70
C LYS A 2 -6.08 -1.85 -18.52
N LYS A 3 -7.30 -1.84 -18.00
CA LYS A 3 -7.65 -0.98 -16.87
C LYS A 3 -7.15 -1.59 -15.56
N LEU A 4 -7.02 -2.93 -15.54
CA LEU A 4 -6.55 -3.63 -14.36
C LEU A 4 -5.03 -3.72 -14.35
N GLY A 5 -4.42 -3.47 -15.49
CA GLY A 5 -2.97 -3.53 -15.61
C GLY A 5 -2.28 -2.62 -14.60
N PHE A 6 -2.53 -1.32 -14.70
CA PHE A 6 -1.92 -0.36 -13.80
C PHE A 6 -2.54 -0.47 -12.41
N PHE A 7 -3.81 -0.86 -12.37
CA PHE A 7 -4.52 -1.02 -11.10
C PHE A 7 -3.82 -2.03 -10.21
N LEU A 8 -3.11 -2.97 -10.84
CA LEU A 8 -2.37 -4.00 -10.10
C LEU A 8 -1.25 -3.34 -9.29
N VAL A 9 -0.46 -2.51 -9.96
CA VAL A 9 0.63 -1.81 -9.31
C VAL A 9 0.10 -0.86 -8.25
N THR A 10 -1.00 -0.19 -8.57
CA THR A 10 -1.64 0.74 -7.64
C THR A 10 -2.04 0.01 -6.37
N PHE A 11 -2.47 -1.24 -6.52
CA PHE A 11 -2.88 -2.05 -5.38
C PHE A 11 -1.69 -2.32 -4.47
N LEU A 12 -0.50 -2.38 -5.07
CA LEU A 12 0.72 -2.62 -4.32
C LEU A 12 1.13 -1.35 -3.56
N PHE A 13 0.81 -0.21 -4.14
CA PHE A 13 1.12 1.08 -3.53
C PHE A 13 0.22 1.32 -2.32
N ILE A 14 -1.06 1.03 -2.47
CA ILE A 14 -2.01 1.21 -1.39
C ILE A 14 -1.77 0.19 -0.28
N TRP A 15 -1.40 -1.02 -0.67
CA TRP A 15 -1.12 -2.08 0.29
C TRP A 15 0.10 -1.72 1.14
N LEU A 16 1.08 -1.09 0.52
CA LEU A 16 2.29 -0.68 1.21
C LEU A 16 2.04 0.53 2.10
N MET A 17 1.15 1.42 1.66
CA MET A 17 0.83 2.61 2.42
C MET A 17 0.25 2.23 3.78
N MET A 18 -0.41 1.08 3.84
CA MET A 18 -0.99 0.59 5.07
C MET A 18 0.07 -0.07 5.94
N LEU A 19 1.17 -0.50 5.31
CA LEU A 19 2.26 -1.12 6.03
C LEU A 19 3.00 -0.09 6.87
N LEU A 20 3.23 1.09 6.29
CA LEU A 20 3.91 2.17 6.99
C LEU A 20 3.07 2.67 8.16
N HIS A 21 1.78 2.88 7.90
CA HIS A 21 0.87 3.35 8.94
C HIS A 21 0.72 2.30 10.03
N PHE A 22 0.85 1.04 9.65
CA PHE A 22 0.73 -0.08 10.59
C PHE A 22 1.75 0.07 11.72
N THR A 23 2.99 0.38 11.36
CA THR A 23 4.05 0.55 12.35
C THR A 23 3.79 1.78 13.22
N ILE A 24 3.16 2.79 12.63
CA ILE A 24 2.85 4.02 13.33
C ILE A 24 1.82 3.77 14.42
N GLN A 25 0.85 2.92 14.12
CA GLN A 25 -0.21 2.57 15.07
C GLN A 25 0.35 1.81 16.26
N GLN A 26 1.18 0.81 15.98
CA GLN A 26 1.79 0.01 17.03
C GLN A 26 2.71 0.85 17.91
N ARG A 27 3.22 1.94 17.36
CA ARG A 27 4.11 2.83 18.09
C ARG A 27 3.37 3.51 19.25
N LYS A 28 2.05 3.33 19.29
CA LYS A 28 1.23 3.92 20.34
C LYS A 28 1.08 2.97 21.52
N LYS A 29 1.75 1.82 21.44
CA LYS A 29 1.68 0.82 22.50
C LYS A 29 2.07 1.44 23.85
N LYS A 1 -1.04 -8.15 -20.98
CA LYS A 1 -0.99 -7.76 -19.55
C LYS A 1 0.01 -6.63 -19.32
N LYS A 2 0.30 -5.89 -20.38
CA LYS A 2 1.24 -4.78 -20.31
C LYS A 2 0.62 -3.61 -19.56
N LYS A 3 -0.67 -3.39 -19.77
CA LYS A 3 -1.38 -2.30 -19.11
C LYS A 3 -1.65 -2.63 -17.65
N LEU A 4 -2.01 -3.89 -17.40
CA LEU A 4 -2.29 -4.35 -16.04
C LEU A 4 -1.05 -4.28 -15.18
N GLY A 5 0.11 -4.29 -15.81
CA GLY A 5 1.37 -4.22 -15.08
C GLY A 5 1.58 -2.86 -14.43
N PHE A 6 0.91 -1.85 -14.97
CA PHE A 6 1.02 -0.49 -14.43
C PHE A 6 0.00 -0.26 -13.34
N PHE A 7 -1.13 -0.96 -13.43
CA PHE A 7 -2.19 -0.84 -12.43
C PHE A 7 -1.89 -1.71 -11.23
N LEU A 8 -1.15 -2.79 -11.45
CA LEU A 8 -0.79 -3.72 -10.38
C LEU A 8 0.08 -3.03 -9.34
N VAL A 9 1.14 -2.38 -9.81
CA VAL A 9 2.05 -1.68 -8.91
C VAL A 9 1.30 -0.68 -8.04
N THR A 10 0.28 -0.05 -8.62
CA THR A 10 -0.54 0.92 -7.91
C THR A 10 -1.29 0.25 -6.76
N PHE A 11 -1.82 -0.93 -7.02
CA PHE A 11 -2.55 -1.68 -6.01
C PHE A 11 -1.61 -2.06 -4.88
N LEU A 12 -0.37 -2.38 -5.24
CA LEU A 12 0.64 -2.76 -4.25
C LEU A 12 1.06 -1.53 -3.45
N PHE A 13 0.92 -0.35 -4.07
CA PHE A 13 1.27 0.90 -3.43
C PHE A 13 0.31 1.19 -2.29
N ILE A 14 -0.99 1.01 -2.55
CA ILE A 14 -2.01 1.25 -1.54
C ILE A 14 -1.80 0.32 -0.35
N TRP A 15 -1.44 -0.93 -0.63
CA TRP A 15 -1.19 -1.90 0.43
C TRP A 15 0.02 -1.51 1.26
N LEU A 16 1.05 -1.00 0.57
CA LEU A 16 2.27 -0.57 1.24
C LEU A 16 1.99 0.60 2.16
N MET A 17 1.02 1.42 1.78
CA MET A 17 0.66 2.59 2.58
C MET A 17 0.16 2.14 3.96
N MET A 18 -0.49 0.99 4.00
CA MET A 18 -0.99 0.44 5.25
C MET A 18 0.16 -0.14 6.07
N LEU A 19 1.19 -0.60 5.36
CA LEU A 19 2.36 -1.17 6.01
C LEU A 19 3.18 -0.06 6.67
N LEU A 20 3.18 1.11 6.03
CA LEU A 20 3.89 2.26 6.54
C LEU A 20 3.28 2.74 7.86
N HIS A 21 1.95 2.80 7.89
CA HIS A 21 1.24 3.21 9.10
C HIS A 21 1.31 2.13 10.17
N PHE A 22 1.34 0.87 9.73
CA PHE A 22 1.41 -0.26 10.65
C PHE A 22 2.67 -0.18 11.50
N THR A 23 3.78 0.22 10.89
CA THR A 23 5.05 0.34 11.60
C THR A 23 5.02 1.52 12.55
N ILE A 24 4.38 2.61 12.13
CA ILE A 24 4.27 3.81 12.95
C ILE A 24 3.43 3.53 14.19
N GLN A 25 2.37 2.76 14.03
CA GLN A 25 1.48 2.42 15.14
C GLN A 25 2.25 1.67 16.22
N GLN A 26 3.07 0.71 15.82
CA GLN A 26 3.86 -0.07 16.76
C GLN A 26 4.85 0.82 17.50
N ARG A 27 5.42 1.80 16.79
CA ARG A 27 6.38 2.72 17.38
C ARG A 27 5.66 3.85 18.12
N LYS A 28 4.35 3.94 17.90
CA LYS A 28 3.53 4.97 18.54
C LYS A 28 3.17 4.57 19.96
N LYS A 29 2.64 3.37 20.12
CA LYS A 29 2.24 2.87 21.43
C LYS A 29 1.22 3.79 22.09
N LYS A 1 -17.50 -1.35 -12.64
CA LYS A 1 -16.13 -1.55 -12.09
C LYS A 1 -15.06 -1.25 -13.15
N LYS A 2 -15.31 -0.22 -13.94
CA LYS A 2 -14.37 0.17 -14.99
C LYS A 2 -13.10 0.76 -14.38
N LYS A 3 -13.23 1.33 -13.19
CA LYS A 3 -12.09 1.93 -12.50
C LYS A 3 -11.27 0.86 -11.78
N LEU A 4 -11.84 -0.35 -11.71
CA LEU A 4 -11.16 -1.46 -11.04
C LEU A 4 -9.93 -1.92 -11.82
N GLY A 5 -9.87 -1.53 -13.09
CA GLY A 5 -8.74 -1.92 -13.93
C GLY A 5 -7.42 -1.32 -13.47
N PHE A 6 -7.32 0.00 -13.50
CA PHE A 6 -6.09 0.67 -13.09
C PHE A 6 -5.95 0.68 -11.57
N PHE A 7 -6.99 0.21 -10.89
CA PHE A 7 -6.98 0.15 -9.44
C PHE A 7 -6.16 -1.05 -8.95
N LEU A 8 -6.07 -2.07 -9.80
CA LEU A 8 -5.31 -3.27 -9.47
C LEU A 8 -3.83 -2.95 -9.32
N VAL A 9 -3.32 -2.11 -10.22
CA VAL A 9 -1.92 -1.72 -10.18
C VAL A 9 -1.63 -0.81 -8.98
N THR A 10 -2.60 0.03 -8.65
CA THR A 10 -2.46 0.95 -7.53
C THR A 10 -2.61 0.23 -6.20
N PHE A 11 -3.27 -0.93 -6.23
CA PHE A 11 -3.49 -1.72 -5.02
C PHE A 11 -2.15 -2.11 -4.39
N LEU A 12 -1.18 -2.42 -5.24
CA LEU A 12 0.15 -2.81 -4.77
C LEU A 12 0.84 -1.63 -4.09
N PHE A 13 0.49 -0.42 -4.53
CA PHE A 13 1.07 0.80 -3.97
C PHE A 13 0.42 1.13 -2.63
N ILE A 14 -0.89 0.97 -2.56
CA ILE A 14 -1.64 1.25 -1.33
C ILE A 14 -1.28 0.25 -0.23
N TRP A 15 -0.85 -0.95 -0.64
CA TRP A 15 -0.48 -1.98 0.32
C TRP A 15 0.64 -1.50 1.23
N LEU A 16 1.62 -0.81 0.65
CA LEU A 16 2.74 -0.27 1.43
C LEU A 16 2.29 0.87 2.32
N MET A 17 1.22 1.55 1.92
CA MET A 17 0.69 2.66 2.69
C MET A 17 0.03 2.15 3.97
N MET A 18 -0.51 0.94 3.91
CA MET A 18 -1.17 0.34 5.06
C MET A 18 -0.12 -0.21 6.03
N LEU A 19 1.02 -0.64 5.49
CA LEU A 19 2.10 -1.17 6.29
C LEU A 19 2.82 -0.04 7.03
N LEU A 20 2.96 1.09 6.35
CA LEU A 20 3.63 2.25 6.93
C LEU A 20 2.71 2.94 7.93
N HIS A 21 1.48 3.21 7.53
CA HIS A 21 0.50 3.85 8.39
C HIS A 21 0.16 2.97 9.57
N PHE A 22 0.42 1.67 9.43
CA PHE A 22 0.14 0.71 10.50
C PHE A 22 0.69 1.19 11.84
N THR A 23 1.86 1.83 11.80
CA THR A 23 2.49 2.34 13.01
C THR A 23 1.76 3.55 13.55
N ILE A 24 1.21 4.34 12.64
CA ILE A 24 0.47 5.55 13.01
C ILE A 24 -0.91 5.20 13.55
N GLN A 25 -1.51 4.15 12.99
CA GLN A 25 -2.83 3.71 13.42
C GLN A 25 -2.81 3.24 14.87
N GLN A 26 -1.78 2.47 15.21
CA GLN A 26 -1.64 1.95 16.57
C GLN A 26 -1.53 3.09 17.58
N ARG A 27 -0.92 4.20 17.15
CA ARG A 27 -0.75 5.36 18.01
C ARG A 27 -2.05 6.15 18.12
N LYS A 28 -2.91 6.01 17.13
CA LYS A 28 -4.21 6.71 17.12
C LYS A 28 -5.24 5.97 17.95
N LYS A 29 -5.19 4.64 17.90
CA LYS A 29 -6.13 3.80 18.63
C LYS A 29 -7.57 4.09 18.21
N LYS A 1 -1.60 -6.35 -20.46
CA LYS A 1 -1.18 -5.10 -21.16
C LYS A 1 -0.71 -4.05 -20.16
N LYS A 2 -0.55 -2.82 -20.64
CA LYS A 2 -0.10 -1.73 -19.78
C LYS A 2 -1.27 -1.17 -18.96
N LYS A 3 -2.47 -1.27 -19.52
CA LYS A 3 -3.67 -0.78 -18.84
C LYS A 3 -4.03 -1.68 -17.65
N LEU A 4 -3.77 -2.97 -17.80
CA LEU A 4 -4.08 -3.94 -16.75
C LEU A 4 -3.03 -3.88 -15.64
N GLY A 5 -1.76 -3.95 -16.02
CA GLY A 5 -0.68 -3.92 -15.05
C GLY A 5 -0.70 -2.66 -14.21
N PHE A 6 -1.46 -1.66 -14.64
CA PHE A 6 -1.56 -0.40 -13.90
C PHE A 6 -2.45 -0.56 -12.67
N PHE A 7 -3.51 -1.35 -12.81
CA PHE A 7 -4.43 -1.59 -11.70
C PHE A 7 -3.76 -2.40 -10.61
N LEU A 8 -2.76 -3.19 -10.98
CA LEU A 8 -2.03 -4.03 -10.03
C LEU A 8 -0.96 -3.23 -9.30
N VAL A 9 -0.10 -2.56 -10.06
CA VAL A 9 0.97 -1.76 -9.47
C VAL A 9 0.43 -0.78 -8.45
N THR A 10 -0.75 -0.22 -8.73
CA THR A 10 -1.38 0.73 -7.84
C THR A 10 -1.84 0.04 -6.55
N PHE A 11 -2.34 -1.17 -6.69
CA PHE A 11 -2.82 -1.94 -5.55
C PHE A 11 -1.67 -2.22 -4.58
N LEU A 12 -0.49 -2.45 -5.13
CA LEU A 12 0.70 -2.72 -4.32
C LEU A 12 1.16 -1.45 -3.62
N PHE A 13 0.81 -0.30 -4.19
CA PHE A 13 1.19 0.99 -3.64
C PHE A 13 0.30 1.34 -2.45
N ILE A 14 -0.99 1.06 -2.57
CA ILE A 14 -1.94 1.34 -1.50
C ILE A 14 -1.73 0.38 -0.34
N TRP A 15 -1.51 -0.90 -0.66
CA TRP A 15 -1.27 -1.91 0.36
C TRP A 15 -0.02 -1.59 1.15
N LEU A 16 0.99 -1.06 0.46
CA LEU A 16 2.25 -0.70 1.10
C LEU A 16 2.07 0.47 2.05
N MET A 17 1.09 1.32 1.75
CA MET A 17 0.81 2.48 2.60
C MET A 17 0.30 2.02 3.96
N MET A 18 -0.44 0.92 3.96
CA MET A 18 -0.99 0.38 5.20
C MET A 18 0.13 -0.20 6.05
N LEU A 19 1.25 -0.52 5.41
CA LEU A 19 2.41 -1.06 6.11
C LEU A 19 3.14 0.04 6.86
N LEU A 20 3.12 1.24 6.29
CA LEU A 20 3.77 2.39 6.91
C LEU A 20 2.94 2.91 8.07
N HIS A 21 1.64 3.08 7.83
CA HIS A 21 0.74 3.56 8.87
C HIS A 21 0.73 2.59 10.05
N PHE A 22 0.96 1.31 9.75
CA PHE A 22 0.99 0.28 10.77
C PHE A 22 2.18 0.48 11.70
N THR A 23 3.33 0.79 11.12
CA THR A 23 4.55 1.01 11.90
C THR A 23 4.50 2.35 12.63
N ILE A 24 3.80 3.32 12.06
CA ILE A 24 3.67 4.63 12.68
C ILE A 24 2.81 4.57 13.92
N GLN A 25 1.65 3.93 13.81
CA GLN A 25 0.72 3.79 14.92
C GLN A 25 1.32 2.89 16.00
N GLN A 26 1.98 1.83 15.58
CA GLN A 26 2.60 0.88 16.49
C GLN A 26 3.67 1.56 17.34
N ARG A 27 4.62 2.21 16.68
CA ARG A 27 5.70 2.90 17.37
C ARG A 27 5.16 4.06 18.20
N LYS A 28 4.02 4.60 17.79
CA LYS A 28 3.39 5.71 18.50
C LYS A 28 2.96 5.30 19.90
N LYS A 29 2.25 4.17 19.99
CA LYS A 29 1.78 3.65 21.27
C LYS A 29 0.82 4.64 21.93
N LYS A 1 -5.64 -2.41 -21.69
CA LYS A 1 -4.43 -3.26 -21.53
C LYS A 1 -3.34 -2.48 -20.81
N LYS A 2 -3.10 -1.25 -21.25
CA LYS A 2 -2.08 -0.40 -20.64
C LYS A 2 -2.60 0.28 -19.38
N LYS A 3 -3.93 0.36 -19.27
CA LYS A 3 -4.55 0.98 -18.10
C LYS A 3 -4.56 0.02 -16.92
N LEU A 4 -5.00 -1.21 -17.17
CA LEU A 4 -5.05 -2.23 -16.13
C LEU A 4 -3.67 -2.52 -15.57
N GLY A 5 -2.66 -2.40 -16.42
CA GLY A 5 -1.29 -2.65 -15.99
C GLY A 5 -0.79 -1.59 -15.02
N PHE A 6 -1.48 -0.45 -14.99
CA PHE A 6 -1.11 0.64 -14.10
C PHE A 6 -1.93 0.59 -12.81
N PHE A 7 -3.23 0.36 -12.96
CA PHE A 7 -4.12 0.29 -11.81
C PHE A 7 -3.76 -0.90 -10.92
N LEU A 8 -3.06 -1.87 -11.52
CA LEU A 8 -2.65 -3.06 -10.79
C LEU A 8 -1.45 -2.75 -9.90
N VAL A 9 -0.48 -2.04 -10.46
CA VAL A 9 0.72 -1.66 -9.72
C VAL A 9 0.37 -0.73 -8.57
N THR A 10 -0.61 0.14 -8.80
CA THR A 10 -1.05 1.08 -7.78
C THR A 10 -1.69 0.34 -6.60
N PHE A 11 -2.20 -0.86 -6.88
CA PHE A 11 -2.83 -1.68 -5.85
C PHE A 11 -1.78 -2.16 -4.86
N LEU A 12 -0.54 -2.25 -5.32
CA LEU A 12 0.57 -2.68 -4.48
C LEU A 12 1.09 -1.51 -3.65
N PHE A 13 0.82 -0.30 -4.14
CA PHE A 13 1.24 0.92 -3.45
C PHE A 13 0.34 1.19 -2.25
N ILE A 14 -0.97 1.06 -2.47
CA ILE A 14 -1.94 1.29 -1.40
C ILE A 14 -1.73 0.28 -0.27
N TRP A 15 -1.42 -0.96 -0.64
CA TRP A 15 -1.18 -2.01 0.34
C TRP A 15 0.06 -1.70 1.17
N LEU A 16 1.04 -1.07 0.52
CA LEU A 16 2.28 -0.70 1.19
C LEU A 16 2.06 0.47 2.14
N MET A 17 1.16 1.38 1.77
CA MET A 17 0.88 2.54 2.60
C MET A 17 0.29 2.09 3.93
N MET A 18 -0.40 0.95 3.91
CA MET A 18 -0.99 0.39 5.12
C MET A 18 0.10 -0.13 6.05
N LEU A 19 1.21 -0.54 5.45
CA LEU A 19 2.36 -1.05 6.21
C LEU A 19 3.10 0.11 6.87
N LEU A 20 3.08 1.26 6.20
CA LEU A 20 3.73 2.45 6.72
C LEU A 20 2.93 3.04 7.88
N HIS A 21 1.61 3.09 7.70
CA HIS A 21 0.72 3.61 8.73
C HIS A 21 0.53 2.61 9.86
N PHE A 22 0.79 1.34 9.57
CA PHE A 22 0.66 0.28 10.56
C PHE A 22 1.40 0.60 11.85
N THR A 23 2.59 1.21 11.72
CA THR A 23 3.39 1.56 12.88
C THR A 23 2.89 2.85 13.53
N ILE A 24 2.21 3.67 12.75
CA ILE A 24 1.66 4.94 13.25
C ILE A 24 0.39 4.70 14.05
N GLN A 25 -0.41 3.75 13.60
CA GLN A 25 -1.67 3.41 14.25
C GLN A 25 -1.42 2.60 15.52
N GLN A 26 -0.47 1.68 15.45
CA GLN A 26 -0.12 0.84 16.58
C GLN A 26 0.25 1.70 17.79
N ARG A 27 0.90 2.83 17.52
CA ARG A 27 1.31 3.74 18.58
C ARG A 27 0.11 4.36 19.28
N LYS A 28 -0.98 4.50 18.54
CA LYS A 28 -2.21 5.08 19.08
C LYS A 28 -3.09 4.01 19.73
N LYS A 29 -2.59 2.78 19.74
CA LYS A 29 -3.32 1.66 20.33
C LYS A 29 -2.60 1.11 21.54
N LYS A 1 -2.83 -8.26 -21.75
CA LYS A 1 -2.21 -8.97 -20.59
C LYS A 1 -1.55 -7.98 -19.64
N LYS A 2 -0.79 -7.04 -20.19
CA LYS A 2 -0.11 -6.04 -19.39
C LYS A 2 -1.10 -5.02 -18.82
N LYS A 3 -2.26 -4.93 -19.47
CA LYS A 3 -3.30 -4.00 -19.05
C LYS A 3 -3.80 -4.35 -17.65
N LEU A 4 -4.20 -5.60 -17.46
CA LEU A 4 -4.69 -6.06 -16.18
C LEU A 4 -3.59 -6.03 -15.12
N GLY A 5 -2.35 -6.27 -15.56
CA GLY A 5 -1.23 -6.26 -14.64
C GLY A 5 -0.98 -4.89 -14.07
N PHE A 6 -1.55 -3.86 -14.70
CA PHE A 6 -1.39 -2.49 -14.25
C PHE A 6 -2.28 -2.23 -13.03
N PHE A 7 -3.48 -2.79 -13.06
CA PHE A 7 -4.43 -2.63 -11.95
C PHE A 7 -3.91 -3.34 -10.71
N LEU A 8 -3.03 -4.31 -10.91
CA LEU A 8 -2.45 -5.08 -9.81
C LEU A 8 -1.35 -4.28 -9.11
N VAL A 9 -0.53 -3.59 -9.89
CA VAL A 9 0.56 -2.80 -9.34
C VAL A 9 0.03 -1.73 -8.38
N THR A 10 -1.10 -1.14 -8.74
CA THR A 10 -1.72 -0.11 -7.92
C THR A 10 -2.05 -0.64 -6.53
N PHE A 11 -2.38 -1.92 -6.47
CA PHE A 11 -2.72 -2.56 -5.20
C PHE A 11 -1.49 -2.60 -4.28
N LEU A 12 -0.31 -2.68 -4.88
CA LEU A 12 0.94 -2.71 -4.12
C LEU A 12 1.30 -1.32 -3.63
N PHE A 13 0.71 -0.30 -4.26
CA PHE A 13 0.97 1.08 -3.90
C PHE A 13 0.15 1.47 -2.67
N ILE A 14 -1.09 1.01 -2.61
CA ILE A 14 -1.97 1.31 -1.48
C ILE A 14 -1.68 0.39 -0.30
N TRP A 15 -1.41 -0.88 -0.58
CA TRP A 15 -1.12 -1.85 0.46
C TRP A 15 0.13 -1.47 1.23
N LEU A 16 1.09 -0.88 0.52
CA LEU A 16 2.35 -0.46 1.14
C LEU A 16 2.12 0.70 2.10
N MET A 17 1.07 1.47 1.85
CA MET A 17 0.75 2.62 2.70
C MET A 17 0.31 2.15 4.08
N MET A 18 -0.58 1.16 4.11
CA MET A 18 -1.07 0.62 5.36
C MET A 18 0.06 -0.06 6.12
N LEU A 19 0.98 -0.67 5.38
CA LEU A 19 2.12 -1.34 5.98
C LEU A 19 3.09 -0.31 6.55
N LEU A 20 3.09 0.88 5.96
CA LEU A 20 3.94 1.96 6.41
C LEU A 20 3.50 2.44 7.79
N HIS A 21 2.24 2.84 7.89
CA HIS A 21 1.69 3.30 9.16
C HIS A 21 1.74 2.20 10.21
N PHE A 22 1.66 0.96 9.75
CA PHE A 22 1.70 -0.20 10.64
C PHE A 22 3.05 -0.29 11.35
N THR A 23 4.12 0.01 10.63
CA THR A 23 5.46 -0.04 11.20
C THR A 23 5.73 1.18 12.09
N ILE A 24 5.08 2.30 11.76
CA ILE A 24 5.25 3.52 12.53
C ILE A 24 4.60 3.40 13.90
N GLN A 25 3.37 2.86 13.92
CA GLN A 25 2.64 2.67 15.17
C GLN A 25 3.33 1.63 16.04
N GLN A 26 3.87 0.59 15.40
CA GLN A 26 4.56 -0.47 16.12
C GLN A 26 5.81 0.07 16.81
N ARG A 27 6.60 0.83 16.07
CA ARG A 27 7.83 1.42 16.60
C ARG A 27 7.51 2.41 17.72
N LYS A 28 6.78 3.46 17.36
CA LYS A 28 6.41 4.50 18.32
C LYS A 28 5.75 3.90 19.56
N LYS A 29 4.98 2.84 19.37
CA LYS A 29 4.30 2.17 20.46
C LYS A 29 3.40 3.14 21.22
N LYS A 1 -2.62 -9.96 -21.30
CA LYS A 1 -2.78 -9.78 -19.83
C LYS A 1 -1.76 -8.80 -19.29
N LYS A 2 -1.12 -8.06 -20.19
CA LYS A 2 -0.11 -7.08 -19.80
C LYS A 2 -0.77 -5.79 -19.32
N LYS A 3 -1.97 -5.52 -19.82
CA LYS A 3 -2.71 -4.31 -19.45
C LYS A 3 -3.29 -4.45 -18.04
N LEU A 4 -3.70 -5.66 -17.69
CA LEU A 4 -4.29 -5.93 -16.39
C LEU A 4 -3.20 -5.90 -15.30
N GLY A 5 -1.97 -6.18 -15.70
CA GLY A 5 -0.86 -6.19 -14.75
C GLY A 5 -0.63 -4.82 -14.13
N PHE A 6 -1.21 -3.79 -14.72
CA PHE A 6 -1.06 -2.44 -14.22
C PHE A 6 -1.95 -2.21 -13.00
N PHE A 7 -3.07 -2.93 -12.96
CA PHE A 7 -4.01 -2.82 -11.85
C PHE A 7 -3.41 -3.40 -10.58
N LEU A 8 -2.42 -4.27 -10.73
CA LEU A 8 -1.77 -4.91 -9.60
C LEU A 8 -0.78 -3.95 -8.93
N VAL A 9 -0.01 -3.25 -9.74
CA VAL A 9 0.99 -2.30 -9.22
C VAL A 9 0.34 -1.26 -8.32
N THR A 10 -0.84 -0.78 -8.72
CA THR A 10 -1.56 0.22 -7.93
C THR A 10 -1.94 -0.36 -6.57
N PHE A 11 -2.33 -1.63 -6.56
CA PHE A 11 -2.71 -2.30 -5.31
C PHE A 11 -1.51 -2.43 -4.39
N LEU A 12 -0.34 -2.64 -4.98
CA LEU A 12 0.90 -2.80 -4.22
C LEU A 12 1.29 -1.47 -3.58
N PHE A 13 0.85 -0.38 -4.19
CA PHE A 13 1.16 0.96 -3.69
C PHE A 13 0.25 1.31 -2.51
N ILE A 14 -1.04 1.05 -2.67
CA ILE A 14 -2.01 1.34 -1.61
C ILE A 14 -1.80 0.42 -0.41
N TRP A 15 -1.43 -0.82 -0.67
CA TRP A 15 -1.17 -1.79 0.39
C TRP A 15 0.03 -1.38 1.22
N LEU A 16 1.04 -0.84 0.55
CA LEU A 16 2.26 -0.40 1.21
C LEU A 16 1.98 0.77 2.15
N MET A 17 0.92 1.52 1.87
CA MET A 17 0.54 2.66 2.70
C MET A 17 0.11 2.21 4.08
N MET A 18 -0.56 1.05 4.14
CA MET A 18 -1.02 0.50 5.41
C MET A 18 0.14 -0.12 6.16
N LEU A 19 1.09 -0.70 5.42
CA LEU A 19 2.26 -1.33 6.03
C LEU A 19 3.19 -0.27 6.58
N LEU A 20 3.22 0.88 5.92
CA LEU A 20 4.07 1.99 6.34
C LEU A 20 3.60 2.54 7.68
N HIS A 21 2.29 2.61 7.87
CA HIS A 21 1.72 3.10 9.11
C HIS A 21 1.81 2.03 10.20
N PHE A 22 1.63 0.78 9.82
CA PHE A 22 1.70 -0.34 10.76
C PHE A 22 3.02 -0.33 11.51
N THR A 23 4.07 0.16 10.87
CA THR A 23 5.39 0.21 11.48
C THR A 23 5.52 1.43 12.39
N ILE A 24 4.76 2.47 12.07
CA ILE A 24 4.78 3.70 12.86
C ILE A 24 4.34 3.43 14.31
N GLN A 25 3.27 2.67 14.45
CA GLN A 25 2.73 2.33 15.76
C GLN A 25 3.80 1.67 16.65
N GLN A 26 4.51 0.70 16.08
CA GLN A 26 5.55 -0.01 16.82
C GLN A 26 6.74 0.91 17.12
N ARG A 27 6.99 1.87 16.25
CA ARG A 27 8.10 2.79 16.43
C ARG A 27 7.85 3.77 17.59
N LYS A 28 6.67 3.68 18.18
CA LYS A 28 6.30 4.53 19.30
C LYS A 28 7.07 4.15 20.56
N LYS A 29 7.74 3.01 20.51
CA LYS A 29 8.52 2.52 21.64
C LYS A 29 9.99 2.85 21.47
N LYS A 1 -6.13 0.10 -22.60
CA LYS A 1 -5.75 -0.68 -21.40
C LYS A 1 -4.54 -0.06 -20.71
N LYS A 2 -4.12 1.11 -21.20
CA LYS A 2 -2.98 1.81 -20.63
C LYS A 2 -3.38 2.55 -19.35
N LYS A 3 -4.68 2.61 -19.10
CA LYS A 3 -5.20 3.28 -17.91
C LYS A 3 -5.18 2.35 -16.70
N LEU A 4 -5.70 1.14 -16.88
CA LEU A 4 -5.75 0.17 -15.80
C LEU A 4 -4.37 -0.48 -15.60
N GLY A 5 -3.54 -0.43 -16.64
CA GLY A 5 -2.22 -1.02 -16.56
C GLY A 5 -1.42 -0.49 -15.39
N PHE A 6 -1.66 0.76 -15.03
CA PHE A 6 -0.96 1.38 -13.91
C PHE A 6 -1.73 1.15 -12.61
N PHE A 7 -3.03 0.94 -12.74
CA PHE A 7 -3.88 0.70 -11.57
C PHE A 7 -3.43 -0.55 -10.84
N LEU A 8 -2.88 -1.50 -11.58
CA LEU A 8 -2.41 -2.76 -11.00
C LEU A 8 -1.27 -2.48 -10.02
N VAL A 9 -0.28 -1.72 -10.49
CA VAL A 9 0.86 -1.36 -9.66
C VAL A 9 0.42 -0.50 -8.49
N THR A 10 -0.58 0.33 -8.74
CA THR A 10 -1.12 1.22 -7.71
C THR A 10 -1.71 0.41 -6.56
N PHE A 11 -2.24 -0.76 -6.89
CA PHE A 11 -2.85 -1.63 -5.88
C PHE A 11 -1.83 -2.04 -4.83
N LEU A 12 -0.63 -2.40 -5.29
CA LEU A 12 0.44 -2.80 -4.39
C LEU A 12 0.97 -1.60 -3.62
N PHE A 13 0.78 -0.41 -4.20
CA PHE A 13 1.23 0.82 -3.57
C PHE A 13 0.34 1.16 -2.37
N ILE A 14 -0.96 1.05 -2.56
CA ILE A 14 -1.92 1.33 -1.50
C ILE A 14 -1.70 0.37 -0.32
N TRP A 15 -1.40 -0.89 -0.64
CA TRP A 15 -1.15 -1.90 0.39
C TRP A 15 0.13 -1.57 1.13
N LEU A 16 1.07 -0.93 0.42
CA LEU A 16 2.34 -0.54 1.01
C LEU A 16 2.13 0.55 2.05
N MET A 17 1.19 1.45 1.77
CA MET A 17 0.88 2.53 2.68
C MET A 17 0.30 2.00 3.99
N MET A 18 -0.37 0.86 3.89
CA MET A 18 -0.96 0.22 5.06
C MET A 18 0.14 -0.27 6.00
N LEU A 19 1.31 -0.56 5.43
CA LEU A 19 2.44 -1.03 6.20
C LEU A 19 3.03 0.11 7.02
N LEU A 20 3.06 1.30 6.42
CA LEU A 20 3.58 2.48 7.09
C LEU A 20 2.64 2.93 8.21
N HIS A 21 1.34 2.82 7.95
CA HIS A 21 0.34 3.19 8.94
C HIS A 21 0.22 2.15 10.03
N PHE A 22 0.60 0.91 9.71
CA PHE A 22 0.55 -0.19 10.67
C PHE A 22 1.30 0.16 11.95
N THR A 23 2.53 0.64 11.80
CA THR A 23 3.36 1.00 12.95
C THR A 23 2.82 2.25 13.63
N ILE A 24 2.19 3.12 12.86
CA ILE A 24 1.63 4.35 13.40
C ILE A 24 0.40 4.07 14.25
N GLN A 25 -0.37 3.07 13.85
CA GLN A 25 -1.58 2.70 14.59
C GLN A 25 -1.23 2.30 16.01
N GLN A 26 -0.18 1.50 16.15
CA GLN A 26 0.26 1.04 17.47
C GLN A 26 0.64 2.23 18.34
N ARG A 27 0.97 3.35 17.69
CA ARG A 27 1.35 4.56 18.40
C ARG A 27 0.14 5.40 18.77
N LYS A 28 -0.95 5.21 18.03
CA LYS A 28 -2.18 5.97 18.29
C LYS A 28 -3.16 5.15 19.13
N LYS A 29 -2.82 3.88 19.35
CA LYS A 29 -3.68 2.99 20.13
C LYS A 29 -2.90 2.42 21.32
N LYS A 1 -11.39 -7.13 -18.45
CA LYS A 1 -10.64 -8.41 -18.31
C LYS A 1 -9.18 -8.14 -17.99
N LYS A 2 -8.49 -7.50 -18.93
CA LYS A 2 -7.07 -7.18 -18.76
C LYS A 2 -6.89 -5.89 -17.97
N LYS A 3 -8.02 -5.22 -17.70
CA LYS A 3 -7.98 -3.96 -16.94
C LYS A 3 -7.56 -4.21 -15.50
N LEU A 4 -7.87 -5.40 -15.00
CA LEU A 4 -7.51 -5.76 -13.62
C LEU A 4 -6.02 -5.55 -13.36
N GLY A 5 -5.22 -5.70 -14.41
CA GLY A 5 -3.79 -5.52 -14.27
C GLY A 5 -3.42 -4.19 -13.62
N PHE A 6 -4.03 -3.12 -14.09
CA PHE A 6 -3.77 -1.80 -13.54
C PHE A 6 -4.19 -1.74 -12.07
N PHE A 7 -5.29 -2.42 -11.75
CA PHE A 7 -5.79 -2.46 -10.39
C PHE A 7 -4.80 -3.17 -9.46
N LEU A 8 -4.04 -4.10 -10.04
CA LEU A 8 -3.05 -4.85 -9.27
C LEU A 8 -1.90 -3.95 -8.84
N VAL A 9 -1.43 -3.12 -9.77
CA VAL A 9 -0.33 -2.20 -9.49
C VAL A 9 -0.74 -1.18 -8.43
N THR A 10 -1.96 -0.68 -8.54
CA THR A 10 -2.47 0.30 -7.58
C THR A 10 -2.63 -0.32 -6.19
N PHE A 11 -3.01 -1.59 -6.17
CA PHE A 11 -3.19 -2.31 -4.91
C PHE A 11 -1.84 -2.50 -4.22
N LEU A 12 -0.80 -2.65 -5.01
CA LEU A 12 0.55 -2.83 -4.49
C LEU A 12 1.10 -1.52 -3.95
N PHE A 13 0.52 -0.42 -4.41
CA PHE A 13 0.93 0.92 -3.99
C PHE A 13 0.24 1.30 -2.69
N ILE A 14 -1.06 1.02 -2.60
CA ILE A 14 -1.83 1.33 -1.41
C ILE A 14 -1.48 0.39 -0.27
N TRP A 15 -1.16 -0.86 -0.60
CA TRP A 15 -0.80 -1.86 0.39
C TRP A 15 0.41 -1.41 1.19
N LEU A 16 1.36 -0.78 0.49
CA LEU A 16 2.57 -0.28 1.14
C LEU A 16 2.24 0.81 2.15
N MET A 17 1.22 1.60 1.85
CA MET A 17 0.80 2.68 2.75
C MET A 17 0.23 2.12 4.04
N MET A 18 -0.53 1.04 3.92
CA MET A 18 -1.14 0.39 5.08
C MET A 18 -0.06 -0.25 5.95
N LEU A 19 1.06 -0.58 5.32
CA LEU A 19 2.17 -1.21 6.05
C LEU A 19 2.85 -0.19 6.96
N LEU A 20 3.13 0.99 6.40
CA LEU A 20 3.75 2.06 7.18
C LEU A 20 2.81 2.57 8.25
N HIS A 21 1.51 2.49 7.97
CA HIS A 21 0.48 2.92 8.91
C HIS A 21 0.64 2.19 10.24
N PHE A 22 1.27 1.02 10.19
CA PHE A 22 1.49 0.22 11.39
C PHE A 22 2.42 0.94 12.35
N THR A 23 3.56 1.38 11.83
CA THR A 23 4.55 2.09 12.64
C THR A 23 3.99 3.41 13.16
N ILE A 24 3.15 4.03 12.35
CA ILE A 24 2.53 5.30 12.73
C ILE A 24 1.63 5.12 13.95
N GLN A 25 0.93 3.99 13.99
CA GLN A 25 0.03 3.70 15.11
C GLN A 25 0.80 3.59 16.41
N GLN A 26 1.97 2.96 16.36
CA GLN A 26 2.80 2.81 17.54
C GLN A 26 3.44 4.13 17.93
N ARG A 27 3.73 4.95 16.92
CA ARG A 27 4.34 6.25 17.16
C ARG A 27 3.29 7.28 17.56
N LYS A 28 2.04 6.85 17.59
CA LYS A 28 0.94 7.73 17.97
C LYS A 28 1.05 8.15 19.42
N LYS A 29 1.88 7.42 20.18
CA LYS A 29 2.10 7.69 21.60
C LYS A 29 0.83 8.18 22.29
N LYS A 1 -11.03 -7.39 -18.30
CA LYS A 1 -9.88 -8.19 -17.79
C LYS A 1 -8.57 -7.41 -17.96
N LYS A 2 -8.45 -6.69 -19.07
CA LYS A 2 -7.26 -5.92 -19.35
C LYS A 2 -7.17 -4.70 -18.43
N LYS A 3 -8.32 -4.13 -18.10
CA LYS A 3 -8.39 -2.97 -17.23
C LYS A 3 -8.22 -3.37 -15.77
N LEU A 4 -8.39 -4.66 -15.49
CA LEU A 4 -8.26 -5.18 -14.14
C LEU A 4 -6.83 -5.05 -13.64
N GLY A 5 -5.87 -5.30 -14.54
CA GLY A 5 -4.47 -5.21 -14.19
C GLY A 5 -4.07 -3.85 -13.66
N PHE A 6 -4.90 -2.85 -13.92
CA PHE A 6 -4.64 -1.49 -13.47
C PHE A 6 -4.83 -1.37 -11.96
N PHE A 7 -5.88 -2.02 -11.46
CA PHE A 7 -6.18 -2.00 -10.03
C PHE A 7 -5.11 -2.75 -9.25
N LEU A 8 -4.41 -3.65 -9.93
CA LEU A 8 -3.35 -4.44 -9.29
C LEU A 8 -2.16 -3.56 -8.94
N VAL A 9 -1.79 -2.68 -9.86
CA VAL A 9 -0.66 -1.78 -9.64
C VAL A 9 -0.93 -0.83 -8.47
N THR A 10 -2.11 -0.23 -8.46
CA THR A 10 -2.48 0.70 -7.40
C THR A 10 -2.68 -0.05 -6.07
N PHE A 11 -2.95 -1.34 -6.16
CA PHE A 11 -3.16 -2.16 -4.98
C PHE A 11 -1.82 -2.44 -4.29
N LEU A 12 -0.77 -2.51 -5.09
CA LEU A 12 0.56 -2.76 -4.57
C LEU A 12 1.11 -1.51 -3.89
N PHE A 13 0.55 -0.36 -4.26
CA PHE A 13 0.97 0.92 -3.70
C PHE A 13 0.23 1.18 -2.39
N ILE A 14 -1.08 0.97 -2.41
CA ILE A 14 -1.91 1.18 -1.23
C ILE A 14 -1.49 0.23 -0.10
N TRP A 15 -1.11 -0.99 -0.48
CA TRP A 15 -0.69 -1.99 0.49
C TRP A 15 0.57 -1.53 1.22
N LEU A 16 1.40 -0.76 0.51
CA LEU A 16 2.63 -0.24 1.09
C LEU A 16 2.34 0.93 2.02
N MET A 17 1.23 1.60 1.79
CA MET A 17 0.83 2.74 2.63
C MET A 17 0.27 2.24 3.95
N MET A 18 -0.56 1.21 3.88
CA MET A 18 -1.16 0.63 5.07
C MET A 18 -0.09 -0.05 5.92
N LEU A 19 0.91 -0.62 5.24
CA LEU A 19 2.00 -1.29 5.92
C LEU A 19 2.77 -0.30 6.79
N LEU A 20 3.02 0.88 6.23
CA LEU A 20 3.73 1.93 6.93
C LEU A 20 2.83 2.60 7.97
N HIS A 21 1.55 2.74 7.62
CA HIS A 21 0.57 3.34 8.51
C HIS A 21 0.40 2.48 9.76
N PHE A 22 0.78 1.21 9.65
CA PHE A 22 0.68 0.27 10.75
C PHE A 22 1.38 0.80 11.99
N THR A 23 2.53 1.45 11.78
CA THR A 23 3.31 2.01 12.87
C THR A 23 2.60 3.20 13.51
N ILE A 24 2.01 4.06 12.68
CA ILE A 24 1.31 5.24 13.16
C ILE A 24 0.10 4.84 13.99
N GLN A 25 -0.51 3.70 13.64
CA GLN A 25 -1.67 3.20 14.36
C GLN A 25 -1.32 2.83 15.79
N GLN A 26 -0.30 1.98 15.94
CA GLN A 26 0.14 1.54 17.26
C GLN A 26 0.76 2.68 18.05
N ARG A 27 1.21 3.71 17.33
CA ARG A 27 1.83 4.88 17.96
C ARG A 27 0.89 5.50 18.99
N LYS A 28 -0.30 5.88 18.56
CA LYS A 28 -1.28 6.49 19.44
C LYS A 28 -1.88 5.46 20.41
N LYS A 29 -1.38 4.23 20.32
CA LYS A 29 -1.87 3.15 21.18
C LYS A 29 -0.76 2.63 22.09
N LYS A 1 -4.71 -4.37 -21.23
CA LYS A 1 -3.92 -3.45 -22.09
C LYS A 1 -2.69 -2.94 -21.34
N LYS A 2 -2.03 -1.92 -21.89
CA LYS A 2 -0.85 -1.36 -21.27
C LYS A 2 -1.21 -0.50 -20.06
N LYS A 3 -2.30 0.25 -20.19
CA LYS A 3 -2.76 1.12 -19.11
C LYS A 3 -3.11 0.30 -17.87
N LEU A 4 -3.60 -0.90 -18.09
CA LEU A 4 -3.98 -1.79 -16.97
C LEU A 4 -2.77 -2.10 -16.09
N GLY A 5 -1.60 -2.24 -16.72
CA GLY A 5 -0.39 -2.53 -15.97
C GLY A 5 -0.02 -1.41 -15.02
N PHE A 6 -0.60 -0.23 -15.24
CA PHE A 6 -0.33 0.92 -14.40
C PHE A 6 -1.22 0.92 -13.17
N PHE A 7 -2.44 0.39 -13.33
CA PHE A 7 -3.39 0.31 -12.22
C PHE A 7 -2.99 -0.79 -11.24
N LEU A 8 -2.17 -1.73 -11.72
CA LEU A 8 -1.71 -2.84 -10.90
C LEU A 8 -0.61 -2.39 -9.93
N VAL A 9 0.41 -1.73 -10.46
CA VAL A 9 1.52 -1.25 -9.65
C VAL A 9 1.03 -0.31 -8.55
N THR A 10 -0.01 0.45 -8.85
CA THR A 10 -0.60 1.38 -7.89
C THR A 10 -1.34 0.63 -6.79
N PHE A 11 -1.99 -0.47 -7.17
CA PHE A 11 -2.73 -1.29 -6.21
C PHE A 11 -1.80 -1.85 -5.15
N LEU A 12 -0.61 -2.25 -5.55
CA LEU A 12 0.37 -2.79 -4.62
C LEU A 12 0.93 -1.69 -3.73
N PHE A 13 0.92 -0.46 -4.26
CA PHE A 13 1.41 0.70 -3.52
C PHE A 13 0.46 1.03 -2.37
N ILE A 14 -0.84 0.88 -2.62
CA ILE A 14 -1.84 1.17 -1.61
C ILE A 14 -1.64 0.27 -0.39
N TRP A 15 -1.32 -0.99 -0.63
CA TRP A 15 -1.09 -1.95 0.45
C TRP A 15 0.10 -1.52 1.30
N LEU A 16 1.08 -0.90 0.66
CA LEU A 16 2.28 -0.44 1.36
C LEU A 16 1.94 0.73 2.28
N MET A 17 0.92 1.50 1.90
CA MET A 17 0.50 2.64 2.70
C MET A 17 0.05 2.18 4.09
N MET A 18 -0.51 0.98 4.14
CA MET A 18 -0.97 0.40 5.40
C MET A 18 0.22 -0.12 6.20
N LEU A 19 1.23 -0.61 5.49
CA LEU A 19 2.43 -1.13 6.14
C LEU A 19 3.19 0.01 6.80
N LEU A 20 3.18 1.17 6.13
CA LEU A 20 3.86 2.35 6.64
C LEU A 20 3.06 2.96 7.79
N HIS A 21 1.74 2.98 7.64
CA HIS A 21 0.87 3.51 8.67
C HIS A 21 1.06 2.75 9.98
N PHE A 22 1.56 1.53 9.86
CA PHE A 22 1.81 0.68 11.02
C PHE A 22 2.83 1.33 11.96
N THR A 23 3.89 1.89 11.36
CA THR A 23 4.94 2.54 12.14
C THR A 23 4.51 3.92 12.63
N ILE A 24 3.75 4.64 11.80
CA ILE A 24 3.29 5.97 12.15
C ILE A 24 2.35 5.91 13.36
N GLN A 25 1.53 4.88 13.42
CA GLN A 25 0.59 4.70 14.53
C GLN A 25 1.34 4.51 15.85
N GLN A 26 2.36 3.65 15.82
CA GLN A 26 3.16 3.39 17.02
C GLN A 26 3.74 4.67 17.59
N ARG A 27 4.11 5.59 16.69
CA ARG A 27 4.68 6.87 17.08
C ARG A 27 3.60 7.82 17.57
N LYS A 28 2.43 7.76 16.93
CA LYS A 28 1.31 8.62 17.29
C LYS A 28 0.75 8.26 18.66
N LYS A 29 1.13 7.08 19.15
CA LYS A 29 0.66 6.62 20.45
C LYS A 29 1.76 6.74 21.51
N LYS A 1 -1.84 -5.99 -20.83
CA LYS A 1 -0.45 -6.14 -20.35
C LYS A 1 0.15 -4.79 -19.96
N LYS A 2 -0.03 -3.80 -20.83
CA LYS A 2 0.48 -2.46 -20.58
C LYS A 2 -0.36 -1.75 -19.53
N LYS A 3 -1.64 -2.06 -19.50
CA LYS A 3 -2.57 -1.44 -18.54
C LYS A 3 -2.52 -2.17 -17.20
N LEU A 4 -2.59 -3.50 -17.25
CA LEU A 4 -2.56 -4.32 -16.04
C LEU A 4 -1.27 -4.10 -15.26
N GLY A 5 -0.18 -3.83 -15.97
CA GLY A 5 1.09 -3.61 -15.32
C GLY A 5 1.10 -2.38 -14.44
N PHE A 6 0.19 -1.44 -14.73
CA PHE A 6 0.10 -0.22 -13.94
C PHE A 6 -0.93 -0.37 -12.83
N PHE A 7 -2.08 -0.94 -13.15
CA PHE A 7 -3.14 -1.15 -12.17
C PHE A 7 -2.68 -2.06 -11.03
N LEU A 8 -1.69 -2.89 -11.33
CA LEU A 8 -1.14 -3.81 -10.32
C LEU A 8 -0.20 -3.07 -9.37
N VAL A 9 0.74 -2.31 -9.93
CA VAL A 9 1.69 -1.57 -9.13
C VAL A 9 0.97 -0.64 -8.17
N THR A 10 -0.13 -0.05 -8.61
CA THR A 10 -0.92 0.85 -7.78
C THR A 10 -1.58 0.09 -6.65
N PHE A 11 -1.89 -1.18 -6.89
CA PHE A 11 -2.52 -2.01 -5.87
C PHE A 11 -1.53 -2.36 -4.77
N LEU A 12 -0.25 -2.35 -5.12
CA LEU A 12 0.81 -2.64 -4.16
C LEU A 12 1.17 -1.38 -3.38
N PHE A 13 0.91 -0.23 -3.99
CA PHE A 13 1.19 1.05 -3.36
C PHE A 13 0.22 1.29 -2.21
N ILE A 14 -1.05 0.96 -2.44
CA ILE A 14 -2.07 1.13 -1.43
C ILE A 14 -1.82 0.21 -0.24
N TRP A 15 -1.45 -1.03 -0.54
CA TRP A 15 -1.16 -2.00 0.51
C TRP A 15 0.10 -1.62 1.26
N LEU A 16 1.03 -0.97 0.54
CA LEU A 16 2.28 -0.54 1.13
C LEU A 16 2.05 0.66 2.06
N MET A 17 1.06 1.48 1.72
CA MET A 17 0.73 2.65 2.52
C MET A 17 0.27 2.22 3.91
N MET A 18 -0.55 1.19 3.97
CA MET A 18 -1.05 0.68 5.24
C MET A 18 0.08 0.01 6.02
N LEU A 19 1.01 -0.59 5.29
CA LEU A 19 2.16 -1.25 5.92
C LEU A 19 3.07 -0.21 6.56
N LEU A 20 3.21 0.93 5.87
CA LEU A 20 4.05 2.01 6.36
C LEU A 20 3.48 2.57 7.67
N HIS A 21 2.17 2.81 7.68
CA HIS A 21 1.51 3.34 8.87
C HIS A 21 1.57 2.32 10.00
N PHE A 22 1.52 1.04 9.64
CA PHE A 22 1.57 -0.04 10.62
C PHE A 22 2.84 0.03 11.46
N THR A 23 3.96 0.32 10.80
CA THR A 23 5.24 0.43 11.49
C THR A 23 5.31 1.70 12.32
N ILE A 24 4.67 2.75 11.84
CA ILE A 24 4.66 4.03 12.53
C ILE A 24 3.85 3.93 13.83
N GLN A 25 2.76 3.16 13.77
CA GLN A 25 1.91 2.96 14.93
C GLN A 25 2.62 2.16 16.00
N GLN A 26 3.36 1.14 15.57
CA GLN A 26 4.09 0.29 16.50
C GLN A 26 5.15 1.10 17.25
N ARG A 27 5.70 2.10 16.57
CA ARG A 27 6.72 2.96 17.17
C ARG A 27 6.16 3.76 18.34
N LYS A 28 4.83 3.87 18.39
CA LYS A 28 4.17 4.61 19.45
C LYS A 28 4.01 3.75 20.71
N LYS A 29 3.38 2.59 20.54
CA LYS A 29 3.17 1.67 21.65
C LYS A 29 3.50 0.23 21.25
N LYS A 1 -3.69 -6.53 -20.35
CA LYS A 1 -2.30 -6.82 -19.91
C LYS A 1 -1.52 -5.53 -19.67
N LYS A 2 -1.63 -4.59 -20.60
CA LYS A 2 -0.94 -3.31 -20.48
C LYS A 2 -1.68 -2.38 -19.53
N LYS A 3 -2.99 -2.22 -19.75
CA LYS A 3 -3.81 -1.36 -18.91
C LYS A 3 -4.08 -2.02 -17.56
N LEU A 4 -4.24 -3.34 -17.58
CA LEU A 4 -4.51 -4.09 -16.36
C LEU A 4 -3.33 -4.00 -15.39
N GLY A 5 -2.12 -3.89 -15.95
CA GLY A 5 -0.93 -3.80 -15.13
C GLY A 5 -0.88 -2.52 -14.32
N PHE A 6 -1.62 -1.50 -14.76
CA PHE A 6 -1.66 -0.22 -14.07
C PHE A 6 -2.47 -0.34 -12.78
N PHE A 7 -3.55 -1.10 -12.84
CA PHE A 7 -4.41 -1.29 -11.68
C PHE A 7 -3.70 -2.09 -10.60
N LEU A 8 -2.74 -2.92 -11.01
CA LEU A 8 -1.97 -3.74 -10.07
C LEU A 8 -0.93 -2.89 -9.34
N VAL A 9 -0.23 -2.05 -10.09
CA VAL A 9 0.80 -1.19 -9.51
C VAL A 9 0.22 -0.32 -8.40
N THR A 10 -1.01 0.15 -8.60
CA THR A 10 -1.68 0.98 -7.61
C THR A 10 -2.09 0.17 -6.39
N PHE A 11 -2.27 -1.13 -6.59
CA PHE A 11 -2.66 -2.01 -5.51
C PHE A 11 -1.49 -2.26 -4.55
N LEU A 12 -0.30 -2.48 -5.12
CA LEU A 12 0.89 -2.70 -4.32
C LEU A 12 1.31 -1.43 -3.59
N PHE A 13 0.80 -0.30 -4.08
CA PHE A 13 1.10 0.99 -3.48
C PHE A 13 0.22 1.25 -2.27
N ILE A 14 -1.08 1.07 -2.44
CA ILE A 14 -2.04 1.28 -1.37
C ILE A 14 -1.80 0.30 -0.23
N TRP A 15 -1.50 -0.95 -0.58
CA TRP A 15 -1.22 -1.97 0.41
C TRP A 15 0.01 -1.62 1.22
N LEU A 16 0.98 -1.00 0.55
CA LEU A 16 2.23 -0.61 1.20
C LEU A 16 2.01 0.60 2.12
N MET A 17 1.06 1.46 1.73
CA MET A 17 0.75 2.65 2.53
C MET A 17 0.22 2.24 3.89
N MET A 18 -0.45 1.09 3.94
CA MET A 18 -0.99 0.59 5.19
C MET A 18 0.12 -0.05 6.01
N LEU A 19 1.11 -0.59 5.32
CA LEU A 19 2.25 -1.22 5.97
C LEU A 19 3.11 -0.16 6.65
N LEU A 20 3.19 1.00 6.01
CA LEU A 20 3.96 2.12 6.53
C LEU A 20 3.35 2.65 7.83
N HIS A 21 2.05 2.94 7.79
CA HIS A 21 1.35 3.44 8.96
C HIS A 21 1.37 2.42 10.09
N PHE A 22 1.14 1.16 9.74
CA PHE A 22 1.16 0.09 10.73
C PHE A 22 2.51 0.03 11.42
N THR A 23 3.56 0.39 10.69
CA THR A 23 4.91 0.39 11.25
C THR A 23 5.08 1.54 12.23
N ILE A 24 4.35 2.62 11.99
CA ILE A 24 4.41 3.79 12.86
C ILE A 24 3.82 3.48 14.23
N GLN A 25 2.72 2.72 14.22
CA GLN A 25 2.06 2.33 15.47
C GLN A 25 3.01 1.56 16.37
N GLN A 26 3.68 0.55 15.79
CA GLN A 26 4.62 -0.26 16.53
C GLN A 26 5.87 0.54 16.88
N ARG A 27 6.20 1.50 16.02
CA ARG A 27 7.38 2.34 16.23
C ARG A 27 7.25 3.12 17.54
N LYS A 28 6.02 3.28 18.01
CA LYS A 28 5.76 4.01 19.24
C LYS A 28 6.01 3.12 20.46
N LYS A 29 5.36 1.96 20.48
CA LYS A 29 5.51 1.02 21.58
C LYS A 29 5.72 -0.40 21.06
N LYS A 1 -6.79 1.37 -22.70
CA LYS A 1 -7.09 0.87 -21.34
C LYS A 1 -5.85 0.91 -20.46
N LYS A 2 -5.07 1.98 -20.61
CA LYS A 2 -3.85 2.15 -19.83
C LYS A 2 -4.17 2.31 -18.34
N LYS A 3 -5.42 2.67 -18.05
CA LYS A 3 -5.87 2.86 -16.68
C LYS A 3 -5.75 1.56 -15.89
N LEU A 4 -6.11 0.45 -16.50
CA LEU A 4 -6.05 -0.86 -15.85
C LEU A 4 -4.62 -1.22 -15.47
N GLY A 5 -3.67 -0.79 -16.29
CA GLY A 5 -2.27 -1.07 -16.01
C GLY A 5 -1.74 -0.23 -14.87
N PHE A 6 -2.45 0.85 -14.56
CA PHE A 6 -2.05 1.74 -13.48
C PHE A 6 -2.71 1.33 -12.17
N PHE A 7 -3.99 0.96 -12.25
CA PHE A 7 -4.73 0.54 -11.07
C PHE A 7 -4.13 -0.75 -10.48
N LEU A 8 -3.48 -1.53 -11.34
CA LEU A 8 -2.85 -2.77 -10.91
C LEU A 8 -1.65 -2.48 -10.02
N VAL A 9 -0.78 -1.60 -10.49
CA VAL A 9 0.40 -1.22 -9.73
C VAL A 9 0.02 -0.43 -8.49
N THR A 10 -1.01 0.39 -8.63
CA THR A 10 -1.50 1.21 -7.52
C THR A 10 -1.96 0.33 -6.36
N PHE A 11 -2.47 -0.84 -6.69
CA PHE A 11 -2.95 -1.78 -5.68
C PHE A 11 -1.79 -2.24 -4.79
N LEU A 12 -0.58 -2.18 -5.33
CA LEU A 12 0.61 -2.58 -4.59
C LEU A 12 1.10 -1.41 -3.74
N PHE A 13 0.69 -0.22 -4.11
CA PHE A 13 1.07 0.99 -3.39
C PHE A 13 0.20 1.16 -2.15
N ILE A 14 -1.10 0.90 -2.31
CA ILE A 14 -2.04 1.02 -1.20
C ILE A 14 -1.68 0.05 -0.09
N TRP A 15 -1.20 -1.13 -0.47
CA TRP A 15 -0.82 -2.16 0.50
C TRP A 15 0.43 -1.72 1.27
N LEU A 16 1.33 -1.04 0.58
CA LEU A 16 2.57 -0.55 1.20
C LEU A 16 2.28 0.63 2.12
N MET A 17 1.31 1.45 1.75
CA MET A 17 0.94 2.60 2.55
C MET A 17 0.40 2.17 3.90
N MET A 18 -0.59 1.28 3.87
CA MET A 18 -1.20 0.79 5.10
C MET A 18 -0.15 0.08 5.97
N LEU A 19 0.88 -0.44 5.32
CA LEU A 19 1.94 -1.13 6.03
C LEU A 19 2.88 -0.12 6.70
N LEU A 20 3.08 1.01 6.02
CA LEU A 20 3.93 2.07 6.55
C LEU A 20 3.26 2.77 7.72
N HIS A 21 1.98 3.11 7.56
CA HIS A 21 1.22 3.77 8.60
C HIS A 21 1.11 2.88 9.83
N PHE A 22 1.21 1.57 9.60
CA PHE A 22 1.14 0.59 10.69
C PHE A 22 2.15 0.91 11.79
N THR A 23 3.28 1.50 11.39
CA THR A 23 4.32 1.86 12.36
C THR A 23 4.06 3.24 12.94
N ILE A 24 3.66 4.18 12.08
CA ILE A 24 3.38 5.54 12.51
C ILE A 24 2.33 5.56 13.61
N GLN A 25 1.40 4.60 13.55
CA GLN A 25 0.33 4.49 14.53
C GLN A 25 0.91 4.26 15.92
N GLN A 26 1.83 3.31 16.03
CA GLN A 26 2.46 2.98 17.31
C GLN A 26 3.10 4.22 17.94
N ARG A 27 3.73 5.05 17.10
CA ARG A 27 4.38 6.27 17.57
C ARG A 27 3.39 7.19 18.24
N LYS A 28 2.19 7.30 17.68
CA LYS A 28 1.15 8.16 18.22
C LYS A 28 0.77 7.73 19.63
N LYS A 29 0.70 6.41 19.84
CA LYS A 29 0.34 5.85 21.14
C LYS A 29 0.52 4.34 21.16
N LYS A 1 -4.39 -11.30 -19.16
CA LYS A 1 -4.18 -10.57 -17.88
C LYS A 1 -3.26 -9.37 -18.09
N LYS A 2 -3.54 -8.59 -19.13
CA LYS A 2 -2.74 -7.41 -19.45
C LYS A 2 -3.18 -6.21 -18.62
N LYS A 3 -4.43 -5.79 -18.82
CA LYS A 3 -4.97 -4.64 -18.10
C LYS A 3 -5.09 -4.93 -16.61
N LEU A 4 -5.31 -6.21 -16.29
CA LEU A 4 -5.44 -6.63 -14.90
C LEU A 4 -4.10 -6.52 -14.16
N GLY A 5 -3.04 -6.97 -14.81
CA GLY A 5 -1.72 -6.92 -14.19
C GLY A 5 -1.31 -5.51 -13.82
N PHE A 6 -1.75 -4.54 -14.60
CA PHE A 6 -1.43 -3.14 -14.33
C PHE A 6 -2.11 -2.66 -13.06
N PHE A 7 -3.32 -3.17 -12.83
CA PHE A 7 -4.08 -2.81 -11.63
C PHE A 7 -3.46 -3.44 -10.40
N LEU A 8 -2.78 -4.56 -10.60
CA LEU A 8 -2.14 -5.28 -9.51
C LEU A 8 -1.00 -4.46 -8.93
N VAL A 9 -0.26 -3.78 -9.80
CA VAL A 9 0.86 -2.94 -9.38
C VAL A 9 0.37 -1.79 -8.49
N THR A 10 -0.76 -1.20 -8.86
CA THR A 10 -1.32 -0.08 -8.12
C THR A 10 -1.80 -0.54 -6.74
N PHE A 11 -2.12 -1.84 -6.63
CA PHE A 11 -2.58 -2.39 -5.37
C PHE A 11 -1.43 -2.52 -4.37
N LEU A 12 -0.23 -2.78 -4.89
CA LEU A 12 0.95 -2.90 -4.04
C LEU A 12 1.35 -1.54 -3.49
N PHE A 13 0.91 -0.48 -4.17
CA PHE A 13 1.21 0.87 -3.75
C PHE A 13 0.29 1.32 -2.63
N ILE A 14 -1.01 1.07 -2.80
CA ILE A 14 -1.99 1.43 -1.79
C ILE A 14 -1.83 0.60 -0.53
N TRP A 15 -1.54 -0.69 -0.71
CA TRP A 15 -1.35 -1.59 0.42
C TRP A 15 -0.11 -1.21 1.21
N LEU A 16 0.88 -0.68 0.50
CA LEU A 16 2.13 -0.27 1.13
C LEU A 16 1.88 0.86 2.13
N MET A 17 0.78 1.59 1.92
CA MET A 17 0.42 2.68 2.80
C MET A 17 0.03 2.16 4.18
N MET A 18 -0.52 0.95 4.20
CA MET A 18 -0.93 0.33 5.45
C MET A 18 0.27 -0.26 6.17
N LEU A 19 1.20 -0.81 5.41
CA LEU A 19 2.41 -1.40 5.97
C LEU A 19 3.29 -0.30 6.58
N LEU A 20 3.31 0.85 5.92
CA LEU A 20 4.08 1.99 6.39
C LEU A 20 3.40 2.63 7.59
N HIS A 21 2.07 2.68 7.55
CA HIS A 21 1.30 3.26 8.65
C HIS A 21 1.48 2.42 9.91
N PHE A 22 1.66 1.12 9.72
CA PHE A 22 1.86 0.20 10.83
C PHE A 22 3.15 0.53 11.57
N THR A 23 4.08 1.17 10.88
CA THR A 23 5.37 1.54 11.47
C THR A 23 5.18 2.41 12.70
N ILE A 24 4.18 3.29 12.67
CA ILE A 24 3.91 4.18 13.79
C ILE A 24 3.37 3.40 14.97
N GLN A 25 2.55 2.38 14.69
CA GLN A 25 1.96 1.55 15.73
C GLN A 25 3.04 0.83 16.53
N GLN A 26 3.99 0.23 15.81
CA GLN A 26 5.08 -0.51 16.44
C GLN A 26 6.01 0.44 17.20
N ARG A 27 6.15 1.66 16.69
CA ARG A 27 7.00 2.66 17.31
C ARG A 27 6.49 3.04 18.69
N LYS A 28 5.17 2.96 18.87
CA LYS A 28 4.56 3.29 20.15
C LYS A 28 4.97 2.31 21.24
N LYS A 29 5.62 1.23 20.84
CA LYS A 29 6.07 0.21 21.79
C LYS A 29 7.08 -0.73 21.13
N LYS A 1 -7.54 -6.95 -20.01
CA LYS A 1 -6.22 -7.44 -19.53
C LYS A 1 -5.27 -6.27 -19.30
N LYS A 2 -5.38 -5.25 -20.15
CA LYS A 2 -4.54 -4.07 -20.05
C LYS A 2 -4.94 -3.21 -18.87
N LYS A 3 -6.25 -3.11 -18.62
CA LYS A 3 -6.77 -2.32 -17.52
C LYS A 3 -6.46 -2.99 -16.18
N LEU A 4 -6.11 -4.27 -16.23
CA LEU A 4 -5.79 -5.03 -15.03
C LEU A 4 -4.37 -4.71 -14.55
N GLY A 5 -3.55 -4.22 -15.46
CA GLY A 5 -2.18 -3.88 -15.11
C GLY A 5 -2.09 -2.65 -14.22
N PHE A 6 -3.17 -1.86 -14.19
CA PHE A 6 -3.21 -0.66 -13.38
C PHE A 6 -3.75 -0.96 -11.99
N PHE A 7 -4.82 -1.75 -11.92
CA PHE A 7 -5.42 -2.11 -10.65
C PHE A 7 -4.47 -2.98 -9.83
N LEU A 8 -3.49 -3.59 -10.50
CA LEU A 8 -2.52 -4.44 -9.85
C LEU A 8 -1.46 -3.60 -9.13
N VAL A 9 -0.80 -2.73 -9.89
CA VAL A 9 0.24 -1.88 -9.34
C VAL A 9 -0.33 -0.94 -8.28
N THR A 10 -1.51 -0.41 -8.56
CA THR A 10 -2.19 0.50 -7.64
C THR A 10 -2.46 -0.19 -6.31
N PHE A 11 -2.89 -1.45 -6.38
CA PHE A 11 -3.19 -2.24 -5.19
C PHE A 11 -1.91 -2.45 -4.37
N LEU A 12 -0.78 -2.48 -5.06
CA LEU A 12 0.50 -2.67 -4.40
C LEU A 12 0.96 -1.39 -3.73
N PHE A 13 0.62 -0.26 -4.34
CA PHE A 13 0.98 1.04 -3.79
C PHE A 13 0.23 1.31 -2.49
N ILE A 14 -1.05 0.97 -2.48
CA ILE A 14 -1.89 1.17 -1.30
C ILE A 14 -1.49 0.19 -0.20
N TRP A 15 -1.14 -1.04 -0.59
CA TRP A 15 -0.74 -2.06 0.36
C TRP A 15 0.50 -1.63 1.14
N LEU A 16 1.39 -0.92 0.45
CA LEU A 16 2.63 -0.44 1.06
C LEU A 16 2.34 0.71 2.03
N MET A 17 1.28 1.46 1.76
CA MET A 17 0.91 2.58 2.62
C MET A 17 0.40 2.09 3.96
N MET A 18 -0.60 1.21 3.91
CA MET A 18 -1.18 0.66 5.13
C MET A 18 -0.10 -0.06 5.94
N LEU A 19 0.97 -0.46 5.27
CA LEU A 19 2.07 -1.15 5.92
C LEU A 19 2.83 -0.19 6.85
N LEU A 20 3.01 1.05 6.39
CA LEU A 20 3.71 2.05 7.18
C LEU A 20 2.81 2.60 8.28
N HIS A 21 1.59 2.98 7.91
CA HIS A 21 0.62 3.50 8.88
C HIS A 21 0.32 2.46 9.95
N PHE A 22 0.56 1.20 9.61
CA PHE A 22 0.31 0.10 10.55
C PHE A 22 1.05 0.32 11.86
N THR A 23 2.17 1.03 11.80
CA THR A 23 2.96 1.31 12.99
C THR A 23 2.46 2.57 13.69
N ILE A 24 1.94 3.51 12.91
CA ILE A 24 1.42 4.75 13.45
C ILE A 24 0.16 4.51 14.27
N GLN A 25 -0.75 3.71 13.72
CA GLN A 25 -2.00 3.39 14.39
C GLN A 25 -1.76 2.61 15.67
N GLN A 26 -0.92 1.58 15.58
CA GLN A 26 -0.61 0.74 16.73
C GLN A 26 0.16 1.53 17.79
N ARG A 27 0.87 2.56 17.34
CA ARG A 27 1.66 3.40 18.24
C ARG A 27 0.77 4.09 19.26
N LYS A 28 -0.51 4.23 18.92
CA LYS A 28 -1.47 4.89 19.80
C LYS A 28 -1.78 4.01 21.02
N LYS A 29 -2.02 2.73 20.76
CA LYS A 29 -2.32 1.78 21.83
C LYS A 29 -3.56 2.20 22.62
N LYS A 1 -13.70 -5.58 -18.03
CA LYS A 1 -12.86 -5.58 -16.80
C LYS A 1 -11.43 -5.14 -17.11
N LYS A 2 -11.31 -4.13 -17.96
CA LYS A 2 -10.00 -3.60 -18.35
C LYS A 2 -9.37 -2.79 -17.23
N LYS A 3 -10.22 -2.32 -16.31
CA LYS A 3 -9.74 -1.51 -15.18
C LYS A 3 -9.26 -2.42 -14.05
N LEU A 4 -9.55 -3.71 -14.17
CA LEU A 4 -9.13 -4.67 -13.15
C LEU A 4 -7.61 -4.75 -13.04
N GLY A 5 -6.93 -4.77 -14.18
CA GLY A 5 -5.48 -4.83 -14.18
C GLY A 5 -4.85 -3.63 -13.52
N PHE A 6 -5.32 -2.44 -13.87
CA PHE A 6 -4.79 -1.21 -13.29
C PHE A 6 -5.03 -1.18 -11.79
N PHE A 7 -6.14 -1.77 -11.37
CA PHE A 7 -6.49 -1.84 -9.95
C PHE A 7 -5.50 -2.70 -9.19
N LEU A 8 -4.92 -3.68 -9.87
CA LEU A 8 -3.95 -4.57 -9.26
C LEU A 8 -2.65 -3.84 -8.96
N VAL A 9 -2.18 -3.04 -9.92
CA VAL A 9 -0.95 -2.28 -9.75
C VAL A 9 -1.10 -1.25 -8.64
N THR A 10 -2.29 -0.67 -8.55
CA THR A 10 -2.57 0.34 -7.52
C THR A 10 -2.71 -0.30 -6.15
N PHE A 11 -3.19 -1.54 -6.11
CA PHE A 11 -3.35 -2.25 -4.85
C PHE A 11 -2.01 -2.38 -4.15
N LEU A 12 -0.96 -2.66 -4.92
CA LEU A 12 0.38 -2.78 -4.37
C LEU A 12 0.85 -1.44 -3.81
N PHE A 13 0.45 -0.37 -4.48
CA PHE A 13 0.83 0.98 -4.06
C PHE A 13 0.18 1.32 -2.73
N ILE A 14 -1.09 0.93 -2.58
CA ILE A 14 -1.82 1.19 -1.35
C ILE A 14 -1.39 0.25 -0.23
N TRP A 15 -0.93 -0.94 -0.60
CA TRP A 15 -0.49 -1.92 0.39
C TRP A 15 0.70 -1.41 1.19
N LEU A 16 1.66 -0.81 0.50
CA LEU A 16 2.85 -0.26 1.16
C LEU A 16 2.46 0.88 2.10
N MET A 17 1.34 1.54 1.80
CA MET A 17 0.86 2.64 2.62
C MET A 17 0.31 2.12 3.95
N MET A 18 -0.61 1.16 3.86
CA MET A 18 -1.19 0.57 5.05
C MET A 18 -0.13 -0.15 5.87
N LEU A 19 0.97 -0.52 5.21
CA LEU A 19 2.07 -1.21 5.87
C LEU A 19 2.71 -0.30 6.91
N LEU A 20 2.92 0.95 6.54
CA LEU A 20 3.52 1.93 7.44
C LEU A 20 2.69 2.09 8.69
N HIS A 21 1.37 2.08 8.53
CA HIS A 21 0.45 2.21 9.66
C HIS A 21 0.37 0.90 10.44
N PHE A 22 0.55 -0.22 9.74
CA PHE A 22 0.51 -1.54 10.35
C PHE A 22 1.55 -1.66 11.46
N THR A 23 2.69 -1.02 11.26
CA THR A 23 3.78 -1.05 12.23
C THR A 23 3.48 -0.11 13.39
N ILE A 24 2.84 1.01 13.08
CA ILE A 24 2.49 2.00 14.10
C ILE A 24 1.47 1.42 15.07
N GLN A 25 0.58 0.57 14.56
CA GLN A 25 -0.43 -0.06 15.38
C GLN A 25 0.19 -1.02 16.39
N GLN A 26 1.20 -1.76 15.94
CA GLN A 26 1.89 -2.72 16.79
C GLN A 26 2.51 -2.02 17.99
N ARG A 27 2.93 -0.77 17.80
CA ARG A 27 3.55 0.00 18.87
C ARG A 27 2.50 0.58 19.82
N LYS A 28 1.42 1.10 19.25
CA LYS A 28 0.35 1.69 20.05
C LYS A 28 -0.45 0.60 20.77
N LYS A 29 -0.31 -0.63 20.29
CA LYS A 29 -1.01 -1.77 20.88
C LYS A 29 -0.11 -2.99 20.94
N LYS A 1 -0.46 -4.92 -21.18
CA LYS A 1 -0.37 -4.20 -19.88
C LYS A 1 0.70 -3.11 -19.94
N LYS A 2 0.89 -2.55 -21.13
CA LYS A 2 1.87 -1.48 -21.33
C LYS A 2 1.56 -0.30 -20.42
N LYS A 3 0.35 0.23 -20.55
CA LYS A 3 -0.09 1.37 -19.75
C LYS A 3 -0.62 0.91 -18.40
N LEU A 4 -1.26 -0.26 -18.38
CA LEU A 4 -1.82 -0.81 -17.15
C LEU A 4 -0.72 -1.17 -16.15
N GLY A 5 0.51 -1.27 -16.65
CA GLY A 5 1.63 -1.62 -15.79
C GLY A 5 1.88 -0.57 -14.71
N PHE A 6 1.39 0.64 -14.95
CA PHE A 6 1.57 1.73 -13.99
C PHE A 6 0.51 1.64 -12.88
N PHE A 7 -0.72 1.30 -13.25
CA PHE A 7 -1.80 1.18 -12.30
C PHE A 7 -1.58 -0.02 -11.38
N LEU A 8 -0.86 -1.02 -11.88
CA LEU A 8 -0.58 -2.21 -11.12
C LEU A 8 0.35 -1.89 -9.95
N VAL A 9 1.31 -1.01 -10.18
CA VAL A 9 2.25 -0.60 -9.16
C VAL A 9 1.56 0.22 -8.08
N THR A 10 0.66 1.10 -8.50
CA THR A 10 -0.08 1.94 -7.57
C THR A 10 -0.99 1.09 -6.69
N PHE A 11 -1.49 0.00 -7.27
CA PHE A 11 -2.36 -0.91 -6.55
C PHE A 11 -1.61 -1.55 -5.38
N LEU A 12 -0.36 -1.91 -5.63
CA LEU A 12 0.48 -2.51 -4.60
C LEU A 12 0.86 -1.47 -3.56
N PHE A 13 0.96 -0.21 -4.01
CA PHE A 13 1.30 0.88 -3.11
C PHE A 13 0.21 1.06 -2.07
N ILE A 14 -1.00 0.66 -2.43
CA ILE A 14 -2.14 0.76 -1.53
C ILE A 14 -1.91 -0.08 -0.28
N TRP A 15 -1.36 -1.27 -0.46
CA TRP A 15 -1.07 -2.17 0.64
C TRP A 15 0.16 -1.72 1.42
N LEU A 16 1.14 -1.19 0.69
CA LEU A 16 2.37 -0.72 1.31
C LEU A 16 2.11 0.54 2.13
N MET A 17 1.12 1.33 1.70
CA MET A 17 0.78 2.56 2.40
C MET A 17 0.26 2.26 3.80
N MET A 18 -0.50 1.18 3.93
CA MET A 18 -1.04 0.79 5.23
C MET A 18 0.03 0.16 6.10
N LEU A 19 1.05 -0.41 5.45
CA LEU A 19 2.15 -1.04 6.17
C LEU A 19 3.07 0.02 6.77
N LEU A 20 3.26 1.12 6.04
CA LEU A 20 4.10 2.20 6.50
C LEU A 20 3.42 2.98 7.62
N HIS A 21 2.16 3.33 7.41
CA HIS A 21 1.39 4.06 8.41
C HIS A 21 1.27 3.25 9.70
N PHE A 22 1.38 1.94 9.56
CA PHE A 22 1.30 1.04 10.71
C PHE A 22 2.41 1.33 11.71
N THR A 23 3.62 1.53 11.20
CA THR A 23 4.77 1.81 12.05
C THR A 23 4.72 3.24 12.59
N ILE A 24 4.15 4.15 11.81
CA ILE A 24 4.04 5.54 12.21
C ILE A 24 2.99 5.72 13.30
N GLN A 25 1.91 4.96 13.20
CA GLN A 25 0.82 5.03 14.17
C GLN A 25 1.22 4.43 15.51
N GLN A 26 1.77 3.21 15.48
CA GLN A 26 2.19 2.53 16.70
C GLN A 26 3.40 3.22 17.30
N ARG A 27 4.07 4.05 16.50
CA ARG A 27 5.26 4.78 16.95
C ARG A 27 4.98 5.55 18.23
N LYS A 28 4.05 6.51 18.14
CA LYS A 28 3.69 7.34 19.28
C LYS A 28 2.83 6.56 20.28
N LYS A 29 2.58 5.29 19.99
CA LYS A 29 1.77 4.44 20.84
C LYS A 29 2.61 3.37 21.52
N LYS A 1 -10.45 -7.45 -18.68
CA LYS A 1 -9.37 -8.26 -18.04
C LYS A 1 -8.08 -7.45 -17.93
N LYS A 2 -7.79 -6.66 -18.96
CA LYS A 2 -6.58 -5.84 -18.98
C LYS A 2 -6.66 -4.74 -17.93
N LYS A 3 -7.85 -4.57 -17.35
CA LYS A 3 -8.06 -3.54 -16.33
C LYS A 3 -7.41 -3.97 -15.01
N LEU A 4 -7.40 -5.28 -14.76
CA LEU A 4 -6.82 -5.82 -13.53
C LEU A 4 -5.30 -5.86 -13.61
N GLY A 5 -4.76 -5.75 -14.82
CA GLY A 5 -3.32 -5.78 -15.00
C GLY A 5 -2.60 -4.66 -14.28
N PHE A 6 -2.90 -3.42 -14.64
CA PHE A 6 -2.27 -2.27 -14.00
C PHE A 6 -2.85 -2.01 -12.62
N PHE A 7 -4.15 -2.27 -12.48
CA PHE A 7 -4.84 -2.07 -11.21
C PHE A 7 -4.18 -2.89 -10.11
N LEU A 8 -3.56 -4.00 -10.51
CA LEU A 8 -2.88 -4.87 -9.56
C LEU A 8 -1.69 -4.16 -8.92
N VAL A 9 -0.91 -3.48 -9.76
CA VAL A 9 0.25 -2.74 -9.29
C VAL A 9 -0.17 -1.63 -8.34
N THR A 10 -1.25 -0.93 -8.70
CA THR A 10 -1.77 0.15 -7.87
C THR A 10 -2.14 -0.37 -6.49
N PHE A 11 -2.63 -1.61 -6.44
CA PHE A 11 -3.01 -2.23 -5.18
C PHE A 11 -1.78 -2.45 -4.30
N LEU A 12 -0.64 -2.65 -4.96
CA LEU A 12 0.62 -2.88 -4.25
C LEU A 12 1.11 -1.58 -3.62
N PHE A 13 0.86 -0.46 -4.32
CA PHE A 13 1.27 0.85 -3.84
C PHE A 13 0.43 1.25 -2.62
N ILE A 14 -0.88 1.09 -2.73
CA ILE A 14 -1.79 1.42 -1.64
C ILE A 14 -1.59 0.49 -0.46
N TRP A 15 -1.29 -0.78 -0.76
CA TRP A 15 -1.05 -1.77 0.28
C TRP A 15 0.12 -1.34 1.16
N LEU A 16 1.12 -0.73 0.53
CA LEU A 16 2.30 -0.26 1.24
C LEU A 16 1.94 0.83 2.24
N MET A 17 0.89 1.59 1.93
CA MET A 17 0.45 2.67 2.81
C MET A 17 0.03 2.12 4.16
N MET A 18 -0.58 0.94 4.15
CA MET A 18 -1.02 0.31 5.39
C MET A 18 0.17 -0.29 6.13
N LEU A 19 1.17 -0.72 5.38
CA LEU A 19 2.38 -1.29 5.97
C LEU A 19 3.20 -0.20 6.64
N LEU A 20 3.14 1.00 6.08
CA LEU A 20 3.87 2.14 6.62
C LEU A 20 3.24 2.60 7.94
N HIS A 21 1.92 2.75 7.94
CA HIS A 21 1.20 3.16 9.13
C HIS A 21 1.39 2.15 10.25
N PHE A 22 1.71 0.93 9.88
CA PHE A 22 1.93 -0.14 10.85
C PHE A 22 3.01 0.25 11.86
N THR A 23 4.03 0.96 11.37
CA THR A 23 5.13 1.40 12.22
C THR A 23 4.76 2.64 13.01
N ILE A 24 3.99 3.53 12.38
CA ILE A 24 3.56 4.76 13.03
C ILE A 24 2.64 4.46 14.20
N GLN A 25 1.80 3.44 14.05
CA GLN A 25 0.87 3.04 15.09
C GLN A 25 1.62 2.57 16.34
N GLN A 26 2.66 1.77 16.12
CA GLN A 26 3.47 1.26 17.23
C GLN A 26 4.17 2.38 17.96
N ARG A 27 4.51 3.44 17.23
CA ARG A 27 5.20 4.59 17.81
C ARG A 27 4.25 5.40 18.71
N LYS A 28 3.00 4.98 18.77
CA LYS A 28 2.00 5.66 19.59
C LYS A 28 1.81 4.95 20.92
N LYS A 29 2.11 3.65 20.94
CA LYS A 29 1.98 2.85 22.15
C LYS A 29 3.20 1.96 22.35
#